data_8E23
#
_entry.id   8E23
#
_cell.length_a   246.850
_cell.length_b   69.320
_cell.length_c   147.430
_cell.angle_alpha   90.000
_cell.angle_beta   122.550
_cell.angle_gamma   90.000
#
_symmetry.space_group_name_H-M   'C 1 2 1'
#
loop_
_entity.id
_entity.type
_entity.pdbx_description
1 polymer 'DNA polymerase theta'
2 polymer "DNA (5'-D(*CP*GP*TP*CP*CP*AP*AP*TP*GP*AP*CP*AP*GP*CP*CP*GP*C)-3')"
3 polymer "DNA (5'-D(*GP*C*GP*GP*CP*TP*GP*TP*CP*AP*TP*TP*G)-3')"
4 non-polymer 'MAGNESIUM ION'
5 non-polymer "2'-3'-DIDEOXYGUANOSINE-5'-TRIPHOSPHATE"
6 non-polymer N-methyl-N-phenyl[(3aM)-3-(trifluoromethyl)cyclopenta[c]pyrazol-2(1H)-yl]ethanethioamide
7 water water
#
loop_
_entity_poly.entity_id
_entity_poly.type
_entity_poly.pdbx_seq_one_letter_code
_entity_poly.pdbx_strand_id
1 'polypeptide(L)'
;GASSSSESLSIIDVASDQNLFQTFIKEWRCKKRFSISLACEKIRSLTSSKTGFPIKGCDDTLVVGLAVCWGGRDAYYFSL
QKESLDPSLTLKDRMWYLQSCLRKESDKECSVVIYDFIQSYKILLLSCGISLEQSYEDPKVACWLLDPDSQEPTLHSIVT
SFLPHELPLLEGMETSQGIQSLGLNAGSEHSGRYRASVESILIFNSMNQLNSLLQKENLQDVFRKVEMPSQYCLALLELN
GIGFSTAECESQKHIMQAKLDAIETQAYQLAGHSFSFTSSDDIAEVLFLELKLPPNRELGRQFSTSKDVLNKLKALHPLP
GLILEWRRITNAITKVVFPLQREKCLNPFLGMERIYPVSQSHTATGRITFTEPNIQNVPRDFEIKMPTLADRGMPFSISM
RHAFVPFPGGSILAADYSQLELRILAHLSHDRRLIQVLNTGADVFRSIAAEWKMIEPESVGDDLRQQAKQICYGIIYGMG
AKSLGEQMGIKENDAACYIDSFKSRYTGINQFMTETVKNCKRDGFVQTILGRRRYLPGIKDNNPYRKAHAERQAINTIVQ
GSAADIVKIATVNIQKQLETFHSTFKSHGHREGMLQSDQTGGMFCPIRGGFFILQLHDELLYEVAEEDVVQVAQIVKNEM
ESAVKLSVKLKVKVKIGASWGELKDFDV
;
A,D
2 'polydeoxyribonucleotide' (DC)(DG)(DT)(DC)(DC)(DA)(DA)(DT)(DG)(DA)(DC)(DA)(DG)(DC)(DC)(DG)(DC) B,E
3 'polydeoxyribonucleotide' (DG)(DC)(DG)(DG)(DC)(DT)(DG)(DT)(DC)(DA)(DT)(DT)(DG) C,F
#
loop_
_chem_comp.id
_chem_comp.type
_chem_comp.name
_chem_comp.formula
DA DNA linking 2'-DEOXYADENOSINE-5'-MONOPHOSPHATE 'C10 H14 N5 O6 P'
DC DNA linking 2'-DEOXYCYTIDINE-5'-MONOPHOSPHATE 'C9 H14 N3 O7 P'
DG DNA linking 2'-DEOXYGUANOSINE-5'-MONOPHOSPHATE 'C10 H14 N5 O7 P'
DG3 non-polymer 2'-3'-DIDEOXYGUANOSINE-5'-TRIPHOSPHATE 'C10 H16 N5 O12 P3'
DT DNA linking THYMIDINE-5'-MONOPHOSPHATE 'C10 H15 N2 O8 P'
MG non-polymer 'MAGNESIUM ION' 'Mg 2'
UAF non-polymer N-methyl-N-phenyl[(3aM)-3-(trifluoromethyl)cyclopenta[c]pyrazol-2(1H)-yl]ethanethioamide 'C16 H14 F3 N3 S'
#
# COMPACT_ATOMS: atom_id res chain seq x y z
N SER A 8 5.27 -15.22 -45.84
CA SER A 8 3.95 -14.70 -45.51
C SER A 8 3.86 -14.30 -44.04
N LEU A 9 2.93 -14.92 -43.32
CA LEU A 9 2.72 -14.64 -41.91
C LEU A 9 3.47 -15.65 -41.06
N SER A 10 3.86 -15.21 -39.86
CA SER A 10 4.59 -16.07 -38.93
C SER A 10 4.17 -15.72 -37.51
N ILE A 11 3.58 -16.68 -36.81
CA ILE A 11 3.17 -16.51 -35.42
C ILE A 11 4.06 -17.40 -34.56
N ILE A 12 4.83 -16.79 -33.67
CA ILE A 12 5.77 -17.48 -32.81
C ILE A 12 5.22 -17.44 -31.39
N ASP A 13 4.81 -18.60 -30.88
CA ASP A 13 4.36 -18.73 -29.49
C ASP A 13 5.58 -18.77 -28.59
N VAL A 14 5.90 -17.65 -27.96
CA VAL A 14 7.13 -17.53 -27.19
C VAL A 14 7.06 -18.26 -25.85
N ALA A 15 5.87 -18.52 -25.33
CA ALA A 15 5.71 -19.20 -24.05
C ALA A 15 5.73 -20.73 -24.19
N SER A 16 6.04 -21.24 -25.38
CA SER A 16 6.04 -22.68 -25.62
C SER A 16 7.36 -23.34 -25.29
N ASP A 17 8.46 -22.58 -25.27
CA ASP A 17 9.79 -23.14 -25.02
C ASP A 17 10.61 -22.15 -24.21
N GLN A 18 11.46 -22.67 -23.34
CA GLN A 18 12.29 -21.82 -22.50
C GLN A 18 13.31 -21.06 -23.34
N ASN A 19 14.05 -21.76 -24.20
CA ASN A 19 15.03 -21.10 -25.04
C ASN A 19 14.37 -20.14 -26.02
N LEU A 20 13.17 -20.46 -26.49
CA LEU A 20 12.44 -19.53 -27.36
C LEU A 20 11.94 -18.32 -26.58
N PHE A 21 11.67 -18.49 -25.29
CA PHE A 21 11.19 -17.39 -24.46
C PHE A 21 12.34 -16.46 -24.07
N GLN A 22 13.48 -17.02 -23.66
CA GLN A 22 14.61 -16.20 -23.27
C GLN A 22 15.16 -15.43 -24.47
N THR A 23 15.13 -16.03 -25.66
CA THR A 23 15.53 -15.30 -26.86
C THR A 23 14.55 -14.16 -27.15
N PHE A 24 13.26 -14.39 -26.87
CA PHE A 24 12.27 -13.35 -27.09
C PHE A 24 12.45 -12.20 -26.10
N ILE A 25 12.72 -12.52 -24.83
CA ILE A 25 12.92 -11.47 -23.83
C ILE A 25 14.22 -10.72 -24.11
N LYS A 26 15.27 -11.42 -24.52
CA LYS A 26 16.54 -10.78 -24.81
C LYS A 26 16.40 -9.80 -25.98
N GLU A 27 15.60 -10.15 -26.99
CA GLU A 27 15.40 -9.25 -28.12
C GLU A 27 14.44 -8.12 -27.78
N TRP A 28 13.41 -8.41 -26.98
CA TRP A 28 12.43 -7.39 -26.64
C TRP A 28 13.05 -6.25 -25.83
N ARG A 29 13.96 -6.59 -24.92
CA ARG A 29 14.59 -5.58 -24.07
C ARG A 29 15.55 -4.69 -24.85
N CYS A 30 15.86 -5.01 -26.10
CA CYS A 30 16.74 -4.19 -26.93
C CYS A 30 15.98 -3.30 -27.91
N LYS A 31 14.67 -3.52 -28.08
CA LYS A 31 13.89 -2.78 -29.06
C LYS A 31 13.38 -1.49 -28.44
N LYS A 32 13.68 -0.37 -29.10
CA LYS A 32 13.18 0.93 -28.65
C LYS A 32 11.79 1.23 -29.20
N ARG A 33 11.25 0.38 -30.06
CA ARG A 33 9.95 0.60 -30.67
C ARG A 33 9.33 -0.75 -31.02
N PHE A 34 8.09 -0.96 -30.59
CA PHE A 34 7.36 -2.18 -30.89
C PHE A 34 5.87 -1.91 -30.74
N SER A 35 5.07 -2.90 -31.12
CA SER A 35 3.62 -2.82 -31.00
C SER A 35 3.11 -4.01 -30.20
N ILE A 36 1.99 -3.80 -29.50
CA ILE A 36 1.33 -4.86 -28.74
C ILE A 36 -0.16 -4.81 -29.04
N SER A 37 -0.82 -5.96 -28.90
CA SER A 37 -2.26 -6.07 -29.12
C SER A 37 -2.79 -7.17 -28.22
N LEU A 38 -3.69 -6.81 -27.31
CA LEU A 38 -4.20 -7.77 -26.34
C LEU A 38 -5.12 -8.78 -27.01
N ALA A 39 -4.96 -10.05 -26.64
CA ALA A 39 -5.78 -11.14 -27.18
C ALA A 39 -6.92 -11.40 -26.19
N CYS A 40 -8.13 -11.01 -26.59
CA CYS A 40 -9.31 -11.16 -25.75
C CYS A 40 -10.27 -12.16 -26.39
N GLU A 41 -10.78 -13.08 -25.58
CA GLU A 41 -11.75 -14.08 -26.03
C GLU A 41 -12.90 -14.14 -25.03
N LYS A 42 -14.06 -14.55 -25.52
CA LYS A 42 -15.26 -14.67 -24.70
C LYS A 42 -15.43 -16.11 -24.24
N ILE A 43 -15.88 -16.29 -23.00
CA ILE A 43 -16.17 -17.61 -22.46
C ILE A 43 -17.48 -18.11 -23.06
N ARG A 44 -17.39 -18.78 -24.21
CA ARG A 44 -18.60 -19.27 -24.87
C ARG A 44 -19.19 -20.47 -24.12
N SER A 45 -18.33 -21.31 -23.55
CA SER A 45 -18.77 -22.48 -22.82
C SER A 45 -17.78 -22.80 -21.72
N LEU A 46 -18.27 -23.45 -20.66
CA LEU A 46 -17.39 -23.86 -19.57
C LEU A 46 -16.48 -25.00 -19.99
N THR A 47 -16.91 -25.80 -20.97
CA THR A 47 -16.12 -26.91 -21.48
C THR A 47 -14.95 -26.47 -22.36
N SER A 48 -14.93 -25.19 -22.76
CA SER A 48 -13.84 -24.70 -23.60
C SER A 48 -12.48 -24.82 -22.92
N SER A 49 -12.47 -24.80 -21.58
CA SER A 49 -11.25 -24.99 -20.79
C SER A 49 -10.20 -23.95 -21.15
N LYS A 50 -10.63 -22.69 -21.21
CA LYS A 50 -9.75 -21.58 -21.54
C LYS A 50 -9.45 -20.78 -20.27
N THR A 51 -8.16 -20.58 -19.99
CA THR A 51 -7.71 -19.83 -18.84
C THR A 51 -7.22 -18.45 -19.27
N GLY A 52 -7.27 -17.51 -18.34
CA GLY A 52 -6.84 -16.16 -18.64
C GLY A 52 -7.23 -15.21 -17.52
N PHE A 53 -7.15 -13.91 -17.82
CA PHE A 53 -7.49 -12.88 -16.84
C PHE A 53 -8.85 -12.28 -17.17
N PRO A 54 -9.77 -12.24 -16.22
CA PRO A 54 -11.09 -11.66 -16.49
C PRO A 54 -11.01 -10.14 -16.63
N ILE A 55 -11.94 -9.59 -17.39
CA ILE A 55 -12.00 -8.15 -17.67
C ILE A 55 -13.16 -7.57 -16.86
N LYS A 56 -12.92 -6.40 -16.26
CA LYS A 56 -13.96 -5.71 -15.52
C LYS A 56 -15.11 -5.31 -16.45
N GLY A 57 -16.33 -5.54 -16.01
CA GLY A 57 -17.50 -5.24 -16.81
C GLY A 57 -17.90 -6.40 -17.70
N CYS A 58 -17.00 -6.78 -18.61
CA CYS A 58 -17.23 -7.95 -19.47
C CYS A 58 -16.65 -9.18 -18.79
N ASP A 59 -17.39 -9.67 -17.79
CA ASP A 59 -16.93 -10.82 -17.02
C ASP A 59 -16.87 -12.08 -17.88
N ASP A 60 -17.66 -12.14 -18.95
CA ASP A 60 -17.64 -13.26 -19.88
C ASP A 60 -16.44 -13.25 -20.80
N THR A 61 -15.56 -12.25 -20.70
CA THR A 61 -14.41 -12.11 -21.57
C THR A 61 -13.12 -12.28 -20.76
N LEU A 62 -12.16 -12.99 -21.33
CA LEU A 62 -10.87 -13.23 -20.71
C LEU A 62 -9.75 -12.68 -21.58
N VAL A 63 -8.67 -12.25 -20.93
CA VAL A 63 -7.43 -11.90 -21.62
C VAL A 63 -6.56 -13.14 -21.64
N VAL A 64 -6.40 -13.74 -22.81
CA VAL A 64 -5.75 -15.04 -22.93
C VAL A 64 -4.28 -14.87 -23.31
N GLY A 65 -3.95 -13.78 -23.97
CA GLY A 65 -2.57 -13.60 -24.40
C GLY A 65 -2.30 -12.19 -24.90
N LEU A 66 -1.17 -12.05 -25.56
CA LEU A 66 -0.70 -10.77 -26.06
C LEU A 66 0.23 -11.02 -27.24
N ALA A 67 0.12 -10.19 -28.27
CA ALA A 67 0.97 -10.29 -29.44
C ALA A 67 1.91 -9.09 -29.50
N VAL A 68 3.19 -9.37 -29.79
CA VAL A 68 4.22 -8.35 -29.90
C VAL A 68 4.83 -8.43 -31.29
N CYS A 69 5.01 -7.27 -31.93
CA CYS A 69 5.61 -7.19 -33.25
C CYS A 69 6.55 -6.00 -33.29
N TRP A 70 7.75 -6.21 -33.82
CA TRP A 70 8.73 -5.14 -33.94
C TRP A 70 9.38 -5.12 -35.33
N GLY A 71 8.65 -5.53 -36.35
CA GLY A 71 9.13 -5.48 -37.71
C GLY A 71 8.65 -6.64 -38.54
N GLY A 72 8.44 -6.37 -39.83
CA GLY A 72 8.06 -7.41 -40.78
C GLY A 72 6.68 -7.98 -40.50
N ARG A 73 6.50 -9.23 -40.92
CA ARG A 73 5.25 -9.96 -40.71
C ARG A 73 5.42 -11.05 -39.64
N ASP A 74 6.20 -10.74 -38.60
CA ASP A 74 6.47 -11.67 -37.52
C ASP A 74 5.76 -11.18 -36.26
N ALA A 75 4.91 -12.03 -35.69
CA ALA A 75 4.18 -11.72 -34.47
C ALA A 75 4.61 -12.70 -33.38
N TYR A 76 5.00 -12.17 -32.23
CA TYR A 76 5.44 -12.97 -31.09
C TYR A 76 4.29 -13.01 -30.08
N TYR A 77 3.52 -14.09 -30.10
CA TYR A 77 2.35 -14.21 -29.23
C TYR A 77 2.81 -14.58 -27.83
N PHE A 78 2.42 -13.76 -26.85
CA PHE A 78 2.78 -13.95 -25.45
C PHE A 78 1.56 -14.52 -24.74
N SER A 79 1.58 -15.83 -24.49
CA SER A 79 0.43 -16.48 -23.88
C SER A 79 0.32 -16.11 -22.41
N LEU A 80 -0.85 -15.60 -22.01
CA LEU A 80 -1.12 -15.25 -20.62
C LEU A 80 -1.98 -16.30 -19.92
N GLN A 81 -2.03 -17.51 -20.45
CA GLN A 81 -2.81 -18.59 -19.86
C GLN A 81 -1.97 -19.36 -18.85
N LYS A 82 -2.64 -19.94 -17.86
CA LYS A 82 -1.95 -20.74 -16.85
C LYS A 82 -1.19 -21.89 -17.50
N GLU A 83 -1.85 -22.63 -18.37
CA GLU A 83 -1.22 -23.75 -19.05
C GLU A 83 -0.26 -23.25 -20.12
N SER A 84 0.91 -23.90 -20.17
CA SER A 84 1.91 -23.58 -21.19
C SER A 84 2.63 -24.86 -21.58
N LEU A 85 3.14 -24.90 -22.81
CA LEU A 85 3.83 -26.08 -23.28
C LEU A 85 5.09 -26.35 -22.47
N ASP A 86 5.67 -25.31 -21.88
CA ASP A 86 6.82 -25.45 -20.99
C ASP A 86 6.37 -25.09 -19.57
N PRO A 87 5.96 -26.08 -18.76
CA PRO A 87 5.44 -25.76 -17.42
C PRO A 87 6.47 -25.09 -16.52
N SER A 88 7.76 -25.13 -16.85
CA SER A 88 8.74 -24.40 -16.07
C SER A 88 8.52 -22.90 -16.16
N LEU A 89 7.94 -22.43 -17.27
CA LEU A 89 7.55 -21.03 -17.42
C LEU A 89 6.17 -20.86 -16.79
N THR A 90 6.15 -20.64 -15.48
CA THR A 90 4.88 -20.43 -14.79
C THR A 90 4.28 -19.10 -15.22
N LEU A 91 2.99 -18.92 -14.92
CA LEU A 91 2.32 -17.67 -15.24
C LEU A 91 2.95 -16.50 -14.51
N LYS A 92 3.32 -16.71 -13.24
CA LYS A 92 3.96 -15.64 -12.46
C LYS A 92 5.28 -15.23 -13.06
N ASP A 93 6.05 -16.19 -13.58
CA ASP A 93 7.30 -15.85 -14.27
C ASP A 93 7.03 -15.02 -15.51
N ARG A 94 6.02 -15.40 -16.30
CA ARG A 94 5.68 -14.63 -17.49
C ARG A 94 5.16 -13.25 -17.14
N MET A 95 4.48 -13.10 -16.00
CA MET A 95 4.03 -11.78 -15.59
C MET A 95 5.21 -10.91 -15.17
N TRP A 96 6.21 -11.49 -14.52
CA TRP A 96 7.41 -10.73 -14.16
C TRP A 96 8.13 -10.22 -15.39
N TYR A 97 8.25 -11.06 -16.42
CA TYR A 97 8.96 -10.64 -17.63
C TYR A 97 8.13 -9.68 -18.45
N LEU A 98 6.81 -9.88 -18.49
CA LEU A 98 5.94 -8.94 -19.21
C LEU A 98 5.95 -7.57 -18.56
N GLN A 99 5.93 -7.53 -17.21
CA GLN A 99 6.02 -6.26 -16.51
C GLN A 99 7.38 -5.61 -16.71
N SER A 100 8.43 -6.42 -16.81
CA SER A 100 9.77 -5.87 -16.94
C SER A 100 9.96 -5.15 -18.27
N CYS A 101 9.39 -5.71 -19.35
CA CYS A 101 9.60 -5.17 -20.69
C CYS A 101 8.65 -4.03 -21.03
N LEU A 102 7.55 -3.87 -20.30
CA LEU A 102 6.59 -2.82 -20.56
C LEU A 102 6.78 -1.60 -19.67
N ARG A 103 7.89 -1.53 -18.93
CA ARG A 103 8.18 -0.42 -18.05
C ARG A 103 9.63 0.01 -18.25
N LYS A 104 9.85 1.29 -18.49
CA LYS A 104 11.18 1.81 -18.76
C LYS A 104 12.02 1.83 -17.50
N GLU A 105 13.31 2.13 -17.68
CA GLU A 105 14.25 2.19 -16.57
C GLU A 105 14.93 3.56 -16.51
N LYS A 108 16.00 5.98 -20.78
CA LYS A 108 15.57 4.81 -21.54
C LYS A 108 14.27 5.08 -22.30
N GLU A 109 14.42 5.60 -23.52
CA GLU A 109 13.27 5.91 -24.35
C GLU A 109 12.76 4.66 -25.05
N CYS A 110 11.43 4.51 -25.08
CA CYS A 110 10.81 3.35 -25.71
C CYS A 110 9.38 3.72 -26.09
N SER A 111 8.98 3.34 -27.29
CA SER A 111 7.66 3.69 -27.84
C SER A 111 6.88 2.42 -28.13
N VAL A 112 5.65 2.36 -27.62
CA VAL A 112 4.76 1.22 -27.79
C VAL A 112 3.58 1.66 -28.63
N VAL A 113 3.35 0.97 -29.74
CA VAL A 113 2.23 1.27 -30.63
C VAL A 113 1.06 0.37 -30.26
N ILE A 114 -0.05 0.98 -29.85
CA ILE A 114 -1.24 0.25 -29.43
C ILE A 114 -2.46 0.87 -30.08
N TYR A 115 -3.26 0.06 -30.77
CA TYR A 115 -4.54 0.50 -31.28
C TYR A 115 -5.57 0.45 -30.15
N ASP A 116 -6.32 1.55 -29.98
CA ASP A 116 -7.17 1.77 -28.80
C ASP A 116 -6.32 1.69 -27.52
N PHE A 117 -5.41 2.66 -27.41
CA PHE A 117 -4.45 2.67 -26.31
C PHE A 117 -5.15 2.79 -24.96
N ILE A 118 -6.21 3.60 -24.88
CA ILE A 118 -6.86 3.84 -23.60
C ILE A 118 -7.44 2.55 -23.05
N GLN A 119 -8.21 1.82 -23.86
CA GLN A 119 -8.80 0.57 -23.38
C GLN A 119 -7.73 -0.47 -23.06
N SER A 120 -6.67 -0.55 -23.88
CA SER A 120 -5.61 -1.51 -23.62
C SER A 120 -4.85 -1.17 -22.35
N TYR A 121 -4.63 0.13 -22.09
CA TYR A 121 -3.99 0.54 -20.85
C TYR A 121 -4.82 0.15 -19.64
N LYS A 122 -6.13 0.38 -19.71
CA LYS A 122 -7.00 0.06 -18.58
C LYS A 122 -7.13 -1.44 -18.38
N ILE A 123 -7.20 -2.21 -19.47
CA ILE A 123 -7.31 -3.65 -19.35
C ILE A 123 -6.02 -4.24 -18.79
N LEU A 124 -4.87 -3.77 -19.27
CA LEU A 124 -3.59 -4.26 -18.76
C LEU A 124 -3.46 -4.00 -17.27
N LEU A 125 -3.95 -2.85 -16.80
CA LEU A 125 -3.87 -2.53 -15.38
C LEU A 125 -4.91 -3.28 -14.57
N LEU A 126 -6.18 -3.21 -14.98
CA LEU A 126 -7.25 -3.77 -14.18
C LEU A 126 -7.25 -5.29 -14.23
N SER A 127 -7.00 -5.88 -15.40
CA SER A 127 -7.10 -7.33 -15.54
C SER A 127 -5.79 -8.05 -15.27
N CYS A 128 -4.67 -7.51 -15.76
CA CYS A 128 -3.38 -8.17 -15.64
C CYS A 128 -2.48 -7.56 -14.58
N GLY A 129 -2.91 -6.48 -13.93
CA GLY A 129 -2.09 -5.87 -12.89
C GLY A 129 -0.80 -5.28 -13.39
N ILE A 130 -0.76 -4.80 -14.63
CA ILE A 130 0.45 -4.25 -15.24
C ILE A 130 0.16 -2.82 -15.65
N SER A 131 0.95 -1.88 -15.14
CA SER A 131 0.84 -0.48 -15.49
C SER A 131 1.90 -0.15 -16.54
N LEU A 132 1.45 0.30 -17.71
CA LEU A 132 2.37 0.66 -18.78
C LEU A 132 3.19 1.88 -18.40
N GLU A 133 4.49 1.82 -18.64
CA GLU A 133 5.42 2.91 -18.34
C GLU A 133 6.37 3.13 -19.51
N GLN A 134 5.80 3.53 -20.64
CA GLN A 134 6.56 3.81 -21.86
C GLN A 134 5.96 5.04 -22.53
N SER A 135 6.43 5.31 -23.75
CA SER A 135 5.79 6.29 -24.61
C SER A 135 4.80 5.57 -25.52
N TYR A 136 3.64 6.18 -25.74
CA TYR A 136 2.52 5.51 -26.38
C TYR A 136 2.17 6.19 -27.70
N GLU A 137 1.81 5.37 -28.69
CA GLU A 137 1.40 5.85 -30.00
C GLU A 137 0.18 5.06 -30.44
N ASP A 138 -0.95 5.75 -30.62
CA ASP A 138 -2.18 5.14 -31.08
C ASP A 138 -2.42 5.55 -32.52
N PRO A 139 -2.50 4.60 -33.46
CA PRO A 139 -2.69 4.98 -34.87
C PRO A 139 -3.99 5.72 -35.14
N LYS A 140 -5.05 5.42 -34.41
CA LYS A 140 -6.32 6.13 -34.63
C LYS A 140 -6.21 7.60 -34.25
N VAL A 141 -5.28 7.94 -33.35
CA VAL A 141 -5.06 9.34 -33.01
C VAL A 141 -4.26 10.04 -34.11
N ALA A 142 -3.29 9.34 -34.69
CA ALA A 142 -2.53 9.91 -35.80
C ALA A 142 -3.42 10.13 -37.02
N CYS A 143 -4.36 9.22 -37.26
CA CYS A 143 -5.32 9.42 -38.34
C CYS A 143 -6.18 10.64 -38.10
N TRP A 144 -6.51 10.93 -36.84
CA TRP A 144 -7.33 12.09 -36.53
C TRP A 144 -6.56 13.39 -36.76
N LEU A 145 -5.26 13.39 -36.46
CA LEU A 145 -4.44 14.58 -36.68
C LEU A 145 -4.36 14.94 -38.15
N LEU A 146 -4.28 13.92 -39.02
CA LEU A 146 -4.20 14.18 -40.46
C LEU A 146 -5.51 14.71 -41.02
N ASP A 147 -6.64 14.42 -40.37
CA ASP A 147 -7.94 14.88 -40.82
C ASP A 147 -8.94 14.76 -39.67
N PRO A 148 -9.20 15.85 -38.93
CA PRO A 148 -10.11 15.76 -37.78
C PRO A 148 -11.57 15.55 -38.15
N ASP A 149 -11.95 15.73 -39.41
CA ASP A 149 -13.31 15.53 -39.86
C ASP A 149 -13.55 14.17 -40.49
N SER A 150 -12.52 13.33 -40.56
CA SER A 150 -12.68 12.00 -41.14
C SER A 150 -13.51 11.11 -40.22
N GLN A 151 -13.99 10.00 -40.78
CA GLN A 151 -14.68 9.00 -39.98
C GLN A 151 -13.74 8.38 -38.97
N GLU A 152 -14.30 7.94 -37.84
CA GLU A 152 -13.49 7.29 -36.82
C GLU A 152 -12.80 6.07 -37.41
N PRO A 153 -11.50 5.92 -37.21
CA PRO A 153 -10.76 4.88 -37.94
C PRO A 153 -11.13 3.48 -37.49
N THR A 154 -11.08 2.55 -38.43
CA THR A 154 -11.16 1.12 -38.16
C THR A 154 -9.86 0.47 -38.65
N LEU A 155 -9.59 -0.73 -38.14
CA LEU A 155 -8.39 -1.44 -38.57
C LEU A 155 -8.41 -1.68 -40.07
N HIS A 156 -9.59 -1.90 -40.64
CA HIS A 156 -9.70 -2.07 -42.09
C HIS A 156 -9.46 -0.74 -42.81
N SER A 157 -9.93 0.36 -42.24
CA SER A 157 -9.74 1.65 -42.88
C SER A 157 -8.28 2.11 -42.82
N ILE A 158 -7.59 1.78 -41.73
CA ILE A 158 -6.18 2.14 -41.62
C ILE A 158 -5.36 1.36 -42.64
N VAL A 159 -5.64 0.07 -42.80
CA VAL A 159 -4.90 -0.75 -43.75
C VAL A 159 -5.24 -0.35 -45.18
N THR A 160 -6.51 -0.01 -45.43
CA THR A 160 -6.92 0.37 -46.78
C THR A 160 -6.19 1.62 -47.26
N SER A 161 -5.86 2.54 -46.35
CA SER A 161 -5.26 3.82 -46.71
C SER A 161 -3.75 3.85 -46.54
N PHE A 162 -3.22 3.28 -45.46
CA PHE A 162 -1.80 3.45 -45.11
C PHE A 162 -0.99 2.18 -45.24
N LEU A 163 -1.61 1.05 -45.59
CA LEU A 163 -0.88 -0.20 -45.77
C LEU A 163 -1.64 -1.12 -46.70
N PRO A 164 -1.88 -0.71 -47.95
CA PRO A 164 -2.82 -1.48 -48.80
C PRO A 164 -2.30 -2.83 -49.23
N HIS A 165 -1.00 -3.08 -49.14
CA HIS A 165 -0.48 -4.37 -49.57
C HIS A 165 -0.89 -5.50 -48.63
N GLU A 166 -1.09 -5.20 -47.34
CA GLU A 166 -1.45 -6.20 -46.35
C GLU A 166 -2.96 -6.33 -46.17
N LEU A 167 -3.75 -5.89 -47.16
CA LEU A 167 -5.20 -6.03 -47.07
C LEU A 167 -5.68 -7.47 -46.99
N PRO A 168 -5.14 -8.44 -47.75
CA PRO A 168 -5.65 -9.82 -47.63
C PRO A 168 -5.52 -10.43 -46.25
N LEU A 169 -4.74 -9.84 -45.34
CA LEU A 169 -4.60 -10.39 -44.00
C LEU A 169 -5.86 -10.18 -43.15
N LEU A 170 -6.82 -9.40 -43.62
CA LEU A 170 -8.05 -9.14 -42.89
C LEU A 170 -9.25 -9.86 -43.47
N GLU A 171 -9.03 -10.78 -44.42
CA GLU A 171 -10.14 -11.51 -45.02
C GLU A 171 -10.68 -12.55 -44.04
N GLY A 172 -12.01 -12.63 -43.95
CA GLY A 172 -12.65 -13.56 -43.05
C GLY A 172 -13.05 -12.93 -41.73
N MET A 173 -12.19 -12.08 -41.19
CA MET A 173 -12.45 -11.39 -39.92
C MET A 173 -13.18 -10.10 -40.22
N GLU A 174 -14.52 -10.15 -40.15
CA GLU A 174 -15.34 -8.98 -40.45
C GLU A 174 -15.20 -7.90 -39.39
N THR A 175 -14.67 -8.23 -38.21
CA THR A 175 -14.54 -7.26 -37.13
C THR A 175 -13.51 -6.18 -37.42
N SER A 176 -12.77 -6.28 -38.52
CA SER A 176 -11.75 -5.28 -38.83
C SER A 176 -12.35 -3.92 -39.08
N GLN A 177 -13.62 -3.86 -39.51
CA GLN A 177 -14.31 -2.59 -39.77
C GLN A 177 -15.29 -2.25 -38.65
N GLY A 178 -14.89 -2.46 -37.40
CA GLY A 178 -15.76 -2.20 -36.28
C GLY A 178 -15.18 -1.27 -35.23
N ILE A 179 -14.28 -0.37 -35.65
CA ILE A 179 -13.69 0.65 -34.81
C ILE A 179 -12.84 0.05 -33.69
N GLN A 180 -13.44 -0.84 -32.90
CA GLN A 180 -12.72 -1.47 -31.80
C GLN A 180 -11.56 -2.31 -32.33
N SER A 181 -10.57 -2.53 -31.46
CA SER A 181 -9.41 -3.32 -31.83
C SER A 181 -9.83 -4.74 -32.21
N LEU A 182 -9.09 -5.32 -33.16
CA LEU A 182 -9.38 -6.68 -33.58
C LEU A 182 -9.14 -7.68 -32.46
N GLY A 183 -8.07 -7.48 -31.69
CA GLY A 183 -7.80 -8.36 -30.57
C GLY A 183 -8.70 -8.12 -29.37
N LEU A 184 -9.20 -6.90 -29.21
CA LEU A 184 -10.07 -6.58 -28.09
C LEU A 184 -11.52 -6.96 -28.33
N ASN A 185 -11.95 -7.07 -29.59
CA ASN A 185 -13.33 -7.41 -29.91
C ASN A 185 -13.51 -8.91 -29.70
N ALA A 186 -13.97 -9.26 -28.49
CA ALA A 186 -14.20 -10.66 -28.15
C ALA A 186 -15.44 -11.23 -28.81
N GLY A 187 -16.29 -10.40 -29.40
CA GLY A 187 -17.47 -10.90 -30.09
C GLY A 187 -17.17 -11.68 -31.35
N SER A 188 -15.92 -11.69 -31.80
CA SER A 188 -15.55 -12.45 -32.97
C SER A 188 -15.49 -13.95 -32.66
N GLU A 189 -15.80 -14.76 -33.68
CA GLU A 189 -15.73 -16.20 -33.55
C GLU A 189 -14.32 -16.75 -33.69
N HIS A 190 -13.37 -15.93 -34.13
CA HIS A 190 -12.00 -16.35 -34.31
C HIS A 190 -11.22 -16.24 -33.01
N SER A 191 -10.12 -16.98 -32.93
CA SER A 191 -9.31 -17.01 -31.72
C SER A 191 -8.63 -15.67 -31.50
N GLY A 192 -8.47 -15.31 -30.22
CA GLY A 192 -7.73 -14.11 -29.87
C GLY A 192 -6.26 -14.18 -30.23
N ARG A 193 -5.70 -15.39 -30.30
CA ARG A 193 -4.30 -15.55 -30.69
C ARG A 193 -4.08 -15.09 -32.13
N TYR A 194 -4.98 -15.47 -33.04
CA TYR A 194 -4.83 -15.08 -34.43
C TYR A 194 -5.21 -13.62 -34.65
N ARG A 195 -6.23 -13.13 -33.94
CA ARG A 195 -6.65 -11.74 -34.12
C ARG A 195 -5.61 -10.77 -33.59
N ALA A 196 -5.00 -11.08 -32.44
CA ALA A 196 -3.99 -10.18 -31.88
C ALA A 196 -2.71 -10.22 -32.71
N SER A 197 -2.31 -11.41 -33.17
CA SER A 197 -1.08 -11.52 -33.96
C SER A 197 -1.19 -10.74 -35.25
N VAL A 198 -2.36 -10.77 -35.90
CA VAL A 198 -2.54 -10.01 -37.14
C VAL A 198 -2.54 -8.52 -36.86
N GLU A 199 -3.21 -8.10 -35.78
CA GLU A 199 -3.34 -6.67 -35.51
C GLU A 199 -2.00 -6.05 -35.16
N SER A 200 -1.16 -6.76 -34.39
CA SER A 200 0.13 -6.21 -34.01
C SER A 200 1.02 -5.96 -35.22
N ILE A 201 0.94 -6.84 -36.22
CA ILE A 201 1.73 -6.66 -37.43
C ILE A 201 1.19 -5.51 -38.27
N LEU A 202 -0.13 -5.33 -38.28
CA LEU A 202 -0.73 -4.29 -39.11
C LEU A 202 -0.52 -2.91 -38.49
N ILE A 203 -0.76 -2.77 -37.18
CA ILE A 203 -0.62 -1.46 -36.56
C ILE A 203 0.82 -1.02 -36.44
N PHE A 204 1.78 -1.97 -36.43
CA PHE A 204 3.18 -1.58 -36.36
C PHE A 204 3.65 -0.99 -37.68
N ASN A 205 3.36 -1.67 -38.79
CA ASN A 205 3.80 -1.18 -40.09
C ASN A 205 2.98 0.00 -40.57
N SER A 206 1.71 0.09 -40.17
CA SER A 206 0.89 1.25 -40.54
C SER A 206 1.34 2.50 -39.79
N MET A 207 1.76 2.33 -38.53
CA MET A 207 2.21 3.49 -37.75
C MET A 207 3.49 4.09 -38.33
N ASN A 208 4.30 3.28 -39.01
CA ASN A 208 5.50 3.83 -39.66
C ASN A 208 5.12 4.77 -40.80
N GLN A 209 4.11 4.40 -41.59
CA GLN A 209 3.64 5.31 -42.63
C GLN A 209 2.90 6.50 -42.04
N LEU A 210 2.16 6.29 -40.95
CA LEU A 210 1.47 7.40 -40.29
C LEU A 210 2.48 8.38 -39.70
N ASN A 211 3.51 7.87 -39.04
CA ASN A 211 4.56 8.74 -38.51
C ASN A 211 5.27 9.50 -39.61
N SER A 212 5.42 8.89 -40.80
CA SER A 212 6.01 9.59 -41.93
C SER A 212 5.12 10.74 -42.40
N LEU A 213 3.81 10.51 -42.41
CA LEU A 213 2.89 11.58 -42.82
C LEU A 213 2.81 12.67 -41.77
N LEU A 214 2.93 12.32 -40.48
CA LEU A 214 2.93 13.33 -39.44
C LEU A 214 4.17 14.22 -39.53
N GLN A 215 5.32 13.64 -39.86
CA GLN A 215 6.54 14.42 -39.97
C GLN A 215 6.48 15.37 -41.16
N LYS A 216 5.86 14.94 -42.26
CA LYS A 216 5.72 15.81 -43.42
C LYS A 216 4.77 16.97 -43.14
N GLU A 217 3.78 16.76 -42.28
CA GLU A 217 2.81 17.80 -41.93
C GLU A 217 3.21 18.56 -40.67
N ASN A 218 4.43 18.38 -40.17
CA ASN A 218 4.93 19.08 -38.99
C ASN A 218 4.02 18.84 -37.78
N LEU A 219 3.50 17.63 -37.66
CA LEU A 219 2.61 17.25 -36.56
C LEU A 219 3.19 16.15 -35.68
N GLN A 220 4.47 15.80 -35.86
CA GLN A 220 5.05 14.72 -35.08
C GLN A 220 5.23 15.12 -33.63
N ASP A 221 5.43 16.41 -33.36
CA ASP A 221 5.60 16.86 -31.98
C ASP A 221 4.27 17.09 -31.28
N VAL A 222 3.25 17.52 -32.02
CA VAL A 222 1.91 17.59 -31.45
C VAL A 222 1.41 16.19 -31.10
N PHE A 223 1.84 15.18 -31.86
CA PHE A 223 1.41 13.81 -31.60
C PHE A 223 2.05 13.26 -30.32
N ARG A 224 3.36 13.52 -30.14
CA ARG A 224 4.09 12.95 -29.02
C ARG A 224 3.94 13.77 -27.74
N LYS A 225 3.81 15.09 -27.84
CA LYS A 225 3.82 15.94 -26.67
C LYS A 225 2.43 16.31 -26.17
N VAL A 226 1.42 16.29 -27.04
CA VAL A 226 0.11 16.81 -26.67
C VAL A 226 -0.95 15.71 -26.76
N GLU A 227 -1.13 15.15 -27.95
CA GLU A 227 -2.30 14.31 -28.19
C GLU A 227 -2.20 12.96 -27.47
N MET A 228 -1.08 12.26 -27.64
CA MET A 228 -0.91 10.97 -26.98
C MET A 228 -0.81 11.12 -25.46
N PRO A 229 -0.09 12.12 -24.92
CA PRO A 229 -0.16 12.34 -23.46
C PRO A 229 -1.55 12.72 -22.99
N SER A 230 -2.36 13.36 -23.84
CA SER A 230 -3.74 13.63 -23.46
C SER A 230 -4.53 12.35 -23.31
N GLN A 231 -4.30 11.37 -24.19
CA GLN A 231 -4.95 10.08 -24.07
C GLN A 231 -4.59 9.41 -22.75
N TYR A 232 -3.33 9.55 -22.32
CA TYR A 232 -2.93 8.99 -21.04
C TYR A 232 -3.65 9.67 -19.88
N CYS A 233 -3.81 10.99 -19.95
CA CYS A 233 -4.56 11.70 -18.92
C CYS A 233 -6.03 11.28 -18.92
N LEU A 234 -6.60 11.08 -20.11
CA LEU A 234 -7.98 10.62 -20.19
C LEU A 234 -8.12 9.17 -19.74
N ALA A 235 -7.07 8.36 -19.95
CA ALA A 235 -7.11 6.99 -19.47
C ALA A 235 -7.21 6.93 -17.95
N LEU A 236 -6.43 7.77 -17.26
CA LEU A 236 -6.54 7.86 -15.81
C LEU A 236 -7.91 8.38 -15.40
N LEU A 237 -8.47 9.31 -16.19
CA LEU A 237 -9.81 9.83 -15.89
C LEU A 237 -10.85 8.72 -15.93
N GLU A 238 -10.84 7.90 -17.00
CA GLU A 238 -11.80 6.82 -17.11
C GLU A 238 -11.60 5.78 -16.01
N LEU A 239 -10.37 5.63 -15.52
CA LEU A 239 -10.13 4.75 -14.38
C LEU A 239 -10.66 5.36 -13.09
N ASN A 240 -10.52 6.68 -12.94
CA ASN A 240 -11.00 7.35 -11.74
C ASN A 240 -12.52 7.33 -11.66
N GLY A 241 -13.18 7.61 -12.77
CA GLY A 241 -14.60 7.88 -12.72
C GLY A 241 -14.85 9.18 -11.98
N ILE A 242 -16.13 9.44 -11.73
CA ILE A 242 -16.54 10.62 -10.98
C ILE A 242 -17.58 10.18 -9.95
N GLY A 243 -17.43 10.65 -8.71
CA GLY A 243 -18.33 10.23 -7.66
C GLY A 243 -19.76 10.62 -7.95
N PHE A 244 -20.69 9.84 -7.40
CA PHE A 244 -22.11 10.02 -7.64
C PHE A 244 -22.89 9.70 -6.38
N SER A 245 -23.71 10.65 -5.94
CA SER A 245 -24.54 10.50 -4.75
C SER A 245 -25.94 10.12 -5.17
N THR A 246 -26.31 8.85 -4.97
CA THR A 246 -27.65 8.40 -5.31
C THR A 246 -28.70 9.14 -4.48
N ALA A 247 -28.40 9.43 -3.22
CA ALA A 247 -29.35 10.13 -2.36
C ALA A 247 -29.66 11.53 -2.90
N GLU A 248 -28.62 12.28 -3.27
CA GLU A 248 -28.83 13.63 -3.78
C GLU A 248 -29.54 13.61 -5.13
N CYS A 249 -29.23 12.62 -5.97
CA CYS A 249 -29.90 12.53 -7.27
C CYS A 249 -31.35 12.10 -7.09
N GLU A 250 -31.62 11.19 -6.16
CA GLU A 250 -33.00 10.79 -5.88
C GLU A 250 -33.79 11.91 -5.21
N SER A 251 -33.11 12.74 -4.42
CA SER A 251 -33.80 13.84 -3.74
C SER A 251 -34.26 14.90 -4.74
N GLN A 252 -33.38 15.31 -5.64
CA GLN A 252 -33.75 16.32 -6.63
C GLN A 252 -34.72 15.78 -7.68
N LYS A 253 -34.72 14.47 -7.90
CA LYS A 253 -35.74 13.87 -8.77
C LYS A 253 -37.13 14.07 -8.18
N HIS A 254 -37.26 13.93 -6.86
CA HIS A 254 -38.56 14.11 -6.21
C HIS A 254 -39.02 15.56 -6.29
N ILE A 255 -38.09 16.50 -6.10
CA ILE A 255 -38.45 17.92 -6.19
C ILE A 255 -38.89 18.27 -7.60
N MET A 256 -38.24 17.66 -8.61
CA MET A 256 -38.62 17.91 -9.99
C MET A 256 -39.94 17.23 -10.35
N GLN A 257 -40.14 16.00 -9.88
CA GLN A 257 -41.40 15.31 -10.16
C GLN A 257 -42.57 15.95 -9.42
N ALA A 258 -42.30 16.60 -8.29
CA ALA A 258 -43.36 17.34 -7.60
C ALA A 258 -43.74 18.61 -8.34
N LYS A 259 -42.74 19.28 -8.93
CA LYS A 259 -43.03 20.47 -9.73
C LYS A 259 -43.77 20.10 -11.01
N LEU A 260 -43.45 18.95 -11.60
CA LEU A 260 -44.17 18.51 -12.79
C LEU A 260 -45.66 18.29 -12.50
N ASP A 261 -45.97 17.65 -11.37
CA ASP A 261 -47.37 17.43 -11.01
C ASP A 261 -48.10 18.75 -10.83
N ALA A 262 -47.45 19.74 -10.23
CA ALA A 262 -48.06 21.05 -10.07
C ALA A 262 -48.26 21.73 -11.42
N ILE A 263 -47.28 21.63 -12.31
CA ILE A 263 -47.41 22.22 -13.64
C ILE A 263 -48.53 21.55 -14.42
N GLU A 264 -48.54 20.21 -14.42
CA GLU A 264 -49.58 19.47 -15.13
C GLU A 264 -50.97 19.80 -14.59
N THR A 265 -51.08 19.93 -13.26
CA THR A 265 -52.38 20.28 -12.67
C THR A 265 -52.78 21.70 -13.06
N GLN A 266 -51.86 22.65 -12.97
CA GLN A 266 -52.17 24.03 -13.34
C GLN A 266 -52.39 24.19 -14.83
N ALA A 267 -51.69 23.40 -15.65
CA ALA A 267 -51.86 23.50 -17.09
C ALA A 267 -53.22 22.97 -17.54
N TYR A 268 -53.66 21.85 -16.95
CA TYR A 268 -54.95 21.29 -17.31
C TYR A 268 -56.10 22.23 -16.94
N GLN A 269 -55.95 22.96 -15.83
CA GLN A 269 -56.99 23.90 -15.42
C GLN A 269 -57.06 25.09 -16.38
N LEU A 270 -55.90 25.57 -16.85
CA LEU A 270 -55.90 26.65 -17.83
C LEU A 270 -56.48 26.19 -19.16
N ALA A 271 -56.28 24.92 -19.53
CA ALA A 271 -56.80 24.37 -20.76
C ALA A 271 -58.25 23.89 -20.64
N GLY A 272 -58.72 23.65 -19.41
CA GLY A 272 -60.05 23.12 -19.20
C GLY A 272 -60.15 21.62 -19.29
N HIS A 273 -59.11 20.94 -19.76
CA HIS A 273 -59.10 19.48 -19.86
C HIS A 273 -57.67 19.00 -19.72
N SER A 274 -57.51 17.68 -19.62
CA SER A 274 -56.19 17.07 -19.52
C SER A 274 -55.68 16.72 -20.91
N PHE A 275 -54.40 17.00 -21.14
CA PHE A 275 -53.77 16.76 -22.42
C PHE A 275 -52.38 16.18 -22.20
N SER A 276 -51.85 15.55 -23.25
CA SER A 276 -50.52 14.93 -23.20
C SER A 276 -49.47 15.97 -23.52
N PHE A 277 -48.54 16.19 -22.57
CA PHE A 277 -47.44 17.12 -22.80
C PHE A 277 -46.47 16.62 -23.86
N THR A 278 -46.45 15.32 -24.14
CA THR A 278 -45.58 14.76 -25.16
C THR A 278 -46.20 14.81 -26.55
N SER A 279 -47.49 15.10 -26.66
CA SER A 279 -48.19 15.16 -27.94
C SER A 279 -48.25 16.61 -28.41
N SER A 280 -47.56 16.92 -29.50
CA SER A 280 -47.64 18.28 -30.05
C SER A 280 -49.01 18.58 -30.61
N ASP A 281 -49.73 17.56 -31.11
CA ASP A 281 -51.07 17.78 -31.62
C ASP A 281 -52.03 18.17 -30.50
N ASP A 282 -51.90 17.54 -29.34
CA ASP A 282 -52.71 17.95 -28.19
C ASP A 282 -52.35 19.35 -27.73
N ILE A 283 -51.07 19.70 -27.79
CA ILE A 283 -50.63 21.04 -27.40
C ILE A 283 -51.08 22.07 -28.42
N ALA A 284 -50.99 21.73 -29.71
CA ALA A 284 -51.39 22.68 -30.75
C ALA A 284 -52.90 22.90 -30.74
N GLU A 285 -53.67 21.86 -30.43
CA GLU A 285 -55.12 22.01 -30.40
C GLU A 285 -55.56 22.92 -29.25
N VAL A 286 -54.87 22.86 -28.12
CA VAL A 286 -55.24 23.68 -26.97
C VAL A 286 -54.89 25.15 -27.22
N LEU A 287 -53.67 25.40 -27.70
CA LEU A 287 -53.21 26.78 -27.86
C LEU A 287 -53.90 27.46 -29.04
N PHE A 288 -53.97 26.77 -30.18
CA PHE A 288 -54.41 27.42 -31.41
C PHE A 288 -55.89 27.23 -31.69
N LEU A 289 -56.40 26.02 -31.49
CA LEU A 289 -57.80 25.73 -31.80
C LEU A 289 -58.75 26.01 -30.65
N GLU A 290 -58.24 26.06 -29.41
CA GLU A 290 -59.08 26.31 -28.24
C GLU A 290 -58.82 27.69 -27.64
N LEU A 291 -57.58 27.97 -27.24
CA LEU A 291 -57.24 29.28 -26.71
C LEU A 291 -57.17 30.36 -27.78
N LYS A 292 -57.20 29.97 -29.06
CA LYS A 292 -57.18 30.91 -30.19
C LYS A 292 -55.93 31.79 -30.17
N LEU A 293 -54.81 31.21 -29.77
CA LEU A 293 -53.55 31.92 -29.85
C LEU A 293 -53.12 32.06 -31.31
N PRO A 294 -52.39 33.13 -31.64
CA PRO A 294 -52.02 33.37 -33.04
C PRO A 294 -50.99 32.36 -33.50
N PRO A 295 -51.29 31.62 -34.58
CA PRO A 295 -50.28 30.72 -35.15
C PRO A 295 -49.11 31.50 -35.73
N ASN A 296 -47.98 30.81 -35.84
CA ASN A 296 -46.77 31.43 -36.35
C ASN A 296 -46.93 31.80 -37.82
N ARG A 297 -46.10 32.74 -38.27
CA ARG A 297 -46.15 33.20 -39.65
C ARG A 297 -45.81 32.08 -40.62
N GLU A 298 -44.61 31.53 -40.51
CA GLU A 298 -44.18 30.45 -41.39
C GLU A 298 -43.14 29.57 -40.70
N GLN A 302 -49.29 26.98 -39.85
CA GLN A 302 -48.18 26.41 -39.11
C GLN A 302 -48.55 26.24 -37.64
N PHE A 303 -49.00 25.03 -37.27
CA PHE A 303 -49.35 24.72 -35.89
C PHE A 303 -48.16 24.08 -35.17
N SER A 304 -47.06 24.83 -35.16
CA SER A 304 -45.82 24.37 -34.53
C SER A 304 -45.81 24.75 -33.05
N THR A 305 -45.30 23.83 -32.23
CA THR A 305 -45.20 24.02 -30.79
C THR A 305 -43.75 23.97 -30.34
N SER A 306 -42.85 24.54 -31.15
CA SER A 306 -41.43 24.52 -30.84
C SER A 306 -41.10 25.57 -29.77
N LYS A 307 -39.83 25.61 -29.37
CA LYS A 307 -39.40 26.56 -28.36
C LYS A 307 -39.49 28.00 -28.87
N ASP A 308 -39.24 28.21 -30.17
CA ASP A 308 -39.31 29.56 -30.73
C ASP A 308 -40.74 30.07 -30.73
N VAL A 309 -41.71 29.19 -31.00
CA VAL A 309 -43.11 29.62 -31.06
C VAL A 309 -43.64 29.90 -29.65
N LEU A 310 -43.31 29.03 -28.69
CA LEU A 310 -43.85 29.18 -27.35
C LEU A 310 -43.32 30.42 -26.64
N ASN A 311 -42.09 30.85 -26.96
CA ASN A 311 -41.53 32.03 -26.32
C ASN A 311 -42.23 33.30 -26.77
N LYS A 312 -42.75 33.34 -28.00
CA LYS A 312 -43.51 34.48 -28.47
C LYS A 312 -44.94 34.48 -27.93
N LEU A 313 -45.43 33.33 -27.48
CA LEU A 313 -46.78 33.21 -26.93
C LEU A 313 -46.81 33.27 -25.41
N LYS A 314 -45.64 33.29 -24.75
CA LYS A 314 -45.60 33.35 -23.30
C LYS A 314 -46.28 34.62 -22.78
N ALA A 315 -46.15 35.73 -23.50
CA ALA A 315 -46.70 37.00 -23.05
C ALA A 315 -48.19 37.14 -23.33
N LEU A 316 -48.80 36.21 -24.05
CA LEU A 316 -50.22 36.23 -24.32
C LEU A 316 -51.02 35.33 -23.39
N HIS A 317 -50.44 34.22 -22.95
CA HIS A 317 -51.11 33.27 -22.08
C HIS A 317 -50.05 32.60 -21.22
N PRO A 318 -50.36 32.25 -19.97
CA PRO A 318 -49.36 31.59 -19.11
C PRO A 318 -49.11 30.13 -19.46
N LEU A 319 -49.92 29.53 -20.33
CA LEU A 319 -49.77 28.12 -20.65
C LEU A 319 -48.51 27.81 -21.45
N PRO A 320 -48.16 28.61 -22.48
CA PRO A 320 -46.88 28.35 -23.17
C PRO A 320 -45.68 28.34 -22.24
N GLY A 321 -45.64 29.24 -21.25
CA GLY A 321 -44.55 29.22 -20.29
C GLY A 321 -44.55 27.98 -19.43
N LEU A 322 -45.73 27.41 -19.15
CA LEU A 322 -45.79 26.19 -18.36
C LEU A 322 -45.34 24.97 -19.18
N ILE A 323 -45.64 24.97 -20.48
CA ILE A 323 -45.21 23.87 -21.35
C ILE A 323 -43.70 23.89 -21.50
N LEU A 324 -43.10 25.09 -21.63
CA LEU A 324 -41.65 25.19 -21.77
C LEU A 324 -40.94 24.71 -20.52
N GLU A 325 -41.50 24.98 -19.34
CA GLU A 325 -40.88 24.52 -18.10
C GLU A 325 -41.08 23.02 -17.90
N TRP A 326 -42.21 22.48 -18.35
CA TRP A 326 -42.42 21.04 -18.26
C TRP A 326 -41.40 20.29 -19.10
N ARG A 327 -41.10 20.80 -20.30
CA ARG A 327 -40.11 20.14 -21.15
C ARG A 327 -38.71 20.23 -20.57
N ARG A 328 -38.40 21.36 -19.92
CA ARG A 328 -37.09 21.52 -19.31
C ARG A 328 -36.88 20.54 -18.16
N ILE A 329 -37.89 20.38 -17.31
CA ILE A 329 -37.75 19.50 -16.15
C ILE A 329 -37.80 18.04 -16.58
N THR A 330 -38.71 17.69 -17.50
CA THR A 330 -38.80 16.32 -17.98
C THR A 330 -37.49 15.88 -18.64
N ASN A 331 -36.83 16.78 -19.35
CA ASN A 331 -35.54 16.45 -19.96
C ASN A 331 -34.49 16.16 -18.91
N ALA A 332 -34.52 16.87 -17.78
CA ALA A 332 -33.56 16.63 -16.72
C ALA A 332 -33.78 15.29 -16.03
N ILE A 333 -34.97 14.72 -16.12
CA ILE A 333 -35.27 13.44 -15.47
C ILE A 333 -35.08 12.27 -16.43
N THR A 334 -35.70 12.34 -17.60
CA THR A 334 -35.68 11.23 -18.55
C THR A 334 -34.34 11.07 -19.26
N LYS A 335 -33.55 12.13 -19.36
CA LYS A 335 -32.30 12.08 -20.10
C LYS A 335 -31.06 12.34 -19.25
N VAL A 336 -31.22 12.61 -17.96
CA VAL A 336 -30.07 12.84 -17.08
C VAL A 336 -30.18 11.95 -15.85
N VAL A 337 -31.28 12.07 -15.11
CA VAL A 337 -31.44 11.31 -13.87
C VAL A 337 -31.44 9.81 -14.17
N PHE A 338 -32.23 9.39 -15.18
CA PHE A 338 -32.32 7.97 -15.48
C PHE A 338 -31.00 7.40 -16.00
N PRO A 339 -30.29 8.04 -16.94
CA PRO A 339 -28.99 7.47 -17.36
C PRO A 339 -27.95 7.42 -16.25
N LEU A 340 -27.87 8.45 -15.41
CA LEU A 340 -26.86 8.48 -14.36
C LEU A 340 -27.08 7.36 -13.35
N GLN A 341 -28.32 7.16 -12.92
CA GLN A 341 -28.63 6.07 -12.01
C GLN A 341 -28.58 4.70 -12.68
N ARG A 342 -28.56 4.66 -14.03
CA ARG A 342 -28.40 3.42 -14.76
C ARG A 342 -26.93 3.06 -14.97
N GLU A 343 -26.08 4.07 -15.16
CA GLU A 343 -24.66 3.85 -15.41
C GLU A 343 -23.82 3.85 -14.13
N LYS A 344 -24.42 4.16 -12.97
CA LYS A 344 -23.66 4.21 -11.74
C LYS A 344 -23.12 2.83 -11.38
N CYS A 345 -21.99 2.82 -10.67
CA CYS A 345 -21.32 1.59 -10.31
C CYS A 345 -20.70 1.75 -8.93
N LEU A 346 -20.71 0.67 -8.15
CA LEU A 346 -20.16 0.69 -6.81
C LEU A 346 -18.65 0.45 -6.83
N ASN A 347 -17.91 1.26 -6.08
CA ASN A 347 -16.47 1.10 -5.94
C ASN A 347 -16.16 0.68 -4.50
N PRO A 348 -15.94 -0.60 -4.23
CA PRO A 348 -15.68 -1.02 -2.84
C PRO A 348 -14.40 -0.46 -2.26
N PHE A 349 -13.42 -0.09 -3.10
CA PHE A 349 -12.15 0.40 -2.57
C PHE A 349 -12.27 1.82 -2.05
N LEU A 350 -13.19 2.62 -2.60
CA LEU A 350 -13.44 3.97 -2.12
C LEU A 350 -14.65 4.07 -1.21
N GLY A 351 -15.49 3.03 -1.17
CA GLY A 351 -16.68 3.07 -0.35
C GLY A 351 -17.74 4.04 -0.84
N MET A 352 -17.99 4.08 -2.14
CA MET A 352 -18.95 5.01 -2.72
C MET A 352 -19.30 4.54 -4.12
N GLU A 353 -20.34 5.16 -4.67
CA GLU A 353 -20.74 4.91 -6.05
C GLU A 353 -20.12 5.93 -6.97
N ARG A 354 -19.74 5.50 -8.17
CA ARG A 354 -19.12 6.37 -9.15
C ARG A 354 -19.69 6.05 -10.54
N ILE A 355 -19.48 6.97 -11.47
CA ILE A 355 -19.87 6.81 -12.87
C ILE A 355 -18.61 6.92 -13.72
N TYR A 356 -18.50 6.04 -14.71
CA TYR A 356 -17.30 5.93 -15.56
C TYR A 356 -17.66 6.25 -17.00
N PRO A 357 -17.64 7.52 -17.38
CA PRO A 357 -17.86 7.87 -18.79
C PRO A 357 -16.64 7.56 -19.64
N VAL A 358 -16.88 7.37 -20.93
CA VAL A 358 -15.84 7.08 -21.91
C VAL A 358 -15.51 8.37 -22.65
N SER A 359 -14.22 8.68 -22.75
CA SER A 359 -13.80 9.90 -23.42
C SER A 359 -13.90 9.76 -24.93
N GLN A 360 -13.96 10.89 -25.61
CA GLN A 360 -14.05 10.95 -27.07
C GLN A 360 -13.22 12.12 -27.54
N SER A 361 -12.12 11.83 -28.25
CA SER A 361 -11.21 12.86 -28.73
C SER A 361 -11.22 13.00 -30.26
N HIS A 362 -12.08 12.25 -30.95
CA HIS A 362 -12.20 12.37 -32.41
C HIS A 362 -13.26 13.41 -32.72
N THR A 363 -12.87 14.68 -32.57
CA THR A 363 -13.75 15.81 -32.77
C THR A 363 -13.23 16.70 -33.89
N ALA A 364 -14.10 17.60 -34.36
CA ALA A 364 -13.76 18.43 -35.50
C ALA A 364 -12.74 19.50 -35.13
N THR A 365 -12.86 20.09 -33.94
CA THR A 365 -11.99 21.17 -33.51
C THR A 365 -10.92 20.74 -32.53
N GLY A 366 -10.94 19.49 -32.07
CA GLY A 366 -9.99 19.02 -31.09
C GLY A 366 -10.48 19.05 -29.66
N ARG A 367 -11.74 19.39 -29.43
CA ARG A 367 -12.31 19.31 -28.10
C ARG A 367 -12.41 17.86 -27.64
N ILE A 368 -12.63 17.69 -26.34
CA ILE A 368 -12.83 16.38 -25.74
C ILE A 368 -14.24 16.34 -25.18
N THR A 369 -15.00 15.30 -25.52
CA THR A 369 -16.33 15.06 -24.99
C THR A 369 -16.39 13.65 -24.43
N PHE A 370 -17.53 13.30 -23.84
CA PHE A 370 -17.68 12.03 -23.14
C PHE A 370 -18.99 11.35 -23.54
N THR A 371 -18.99 10.03 -23.45
CA THR A 371 -20.14 9.21 -23.84
C THR A 371 -20.42 8.18 -22.76
N GLU A 372 -21.69 7.77 -22.69
CA GLU A 372 -22.18 6.69 -21.84
C GLU A 372 -21.82 6.89 -20.37
N PRO A 373 -22.35 7.92 -19.69
CA PRO A 373 -23.19 9.02 -20.20
C PRO A 373 -22.34 10.23 -20.55
N ASN A 374 -22.94 11.34 -20.97
CA ASN A 374 -22.20 12.55 -21.31
C ASN A 374 -22.32 13.50 -20.12
N ILE A 375 -21.31 13.47 -19.25
CA ILE A 375 -21.33 14.26 -18.03
C ILE A 375 -21.28 15.75 -18.35
N GLN A 376 -20.72 16.11 -19.50
CA GLN A 376 -20.65 17.52 -19.89
C GLN A 376 -22.04 18.14 -20.04
N ASN A 377 -23.04 17.33 -20.38
CA ASN A 377 -24.40 17.82 -20.63
C ASN A 377 -25.26 17.85 -19.39
N VAL A 378 -24.67 17.68 -18.21
CA VAL A 378 -25.46 17.75 -16.97
C VAL A 378 -25.99 19.17 -16.81
N PRO A 379 -27.29 19.36 -16.61
CA PRO A 379 -27.86 20.71 -16.60
C PRO A 379 -27.32 21.56 -15.46
N ARG A 380 -27.25 22.86 -15.69
CA ARG A 380 -26.82 23.79 -14.66
C ARG A 380 -27.93 23.96 -13.61
N ASP A 381 -27.68 24.86 -12.66
CA ASP A 381 -28.67 25.17 -11.65
C ASP A 381 -29.72 26.10 -12.24
N PHE A 382 -30.97 25.63 -12.28
CA PHE A 382 -32.08 26.43 -12.77
C PHE A 382 -33.12 26.61 -11.67
N GLU A 383 -33.73 27.79 -11.63
CA GLU A 383 -34.65 28.13 -10.57
C GLU A 383 -35.99 27.43 -10.74
N ILE A 384 -36.59 27.04 -9.62
CA ILE A 384 -37.90 26.40 -9.60
C ILE A 384 -38.70 27.01 -8.46
N LYS A 385 -39.79 27.71 -8.80
CA LYS A 385 -40.64 28.33 -7.79
C LYS A 385 -41.45 27.27 -7.06
N MET A 386 -41.17 27.09 -5.77
CA MET A 386 -41.87 26.10 -4.96
C MET A 386 -42.56 26.74 -3.76
N PHE A 396 -36.09 28.50 -5.04
CA PHE A 396 -35.26 27.29 -4.98
C PHE A 396 -34.55 27.07 -6.31
N SER A 397 -33.54 26.19 -6.29
CA SER A 397 -32.76 25.89 -7.48
C SER A 397 -32.50 24.40 -7.54
N ILE A 398 -32.69 23.80 -8.71
CA ILE A 398 -32.39 22.40 -8.94
C ILE A 398 -30.97 22.30 -9.46
N SER A 399 -30.07 21.74 -8.65
CA SER A 399 -28.66 21.66 -8.97
C SER A 399 -28.30 20.18 -9.18
N MET A 400 -28.45 19.73 -10.42
CA MET A 400 -28.12 18.35 -10.76
C MET A 400 -26.66 18.02 -10.48
N ARG A 401 -25.78 19.03 -10.45
CA ARG A 401 -24.37 18.81 -10.18
C ARG A 401 -24.07 18.56 -8.70
N HIS A 402 -25.06 18.73 -7.82
CA HIS A 402 -24.88 18.33 -6.43
C HIS A 402 -24.70 16.83 -6.28
N ALA A 403 -25.19 16.04 -7.25
CA ALA A 403 -25.09 14.59 -7.16
C ALA A 403 -23.66 14.08 -7.34
N PHE A 404 -22.78 14.90 -7.93
CA PHE A 404 -21.40 14.49 -8.17
C PHE A 404 -20.54 14.98 -7.01
N VAL A 405 -20.05 14.04 -6.21
CA VAL A 405 -19.37 14.36 -4.95
C VAL A 405 -18.01 13.65 -4.95
N PRO A 406 -17.07 14.13 -4.15
CA PRO A 406 -15.78 13.44 -4.00
C PRO A 406 -15.90 12.27 -3.03
N PHE A 407 -14.78 11.59 -2.82
CA PHE A 407 -14.73 10.52 -1.84
C PHE A 407 -14.78 11.11 -0.43
N PRO A 408 -15.22 10.32 0.55
CA PRO A 408 -15.25 10.81 1.94
C PRO A 408 -13.86 11.27 2.38
N GLY A 409 -13.77 12.56 2.71
CA GLY A 409 -12.51 13.16 3.08
C GLY A 409 -11.81 13.91 1.96
N GLY A 410 -12.54 14.36 0.95
CA GLY A 410 -11.94 15.08 -0.17
C GLY A 410 -12.84 16.20 -0.65
N SER A 411 -12.33 16.96 -1.61
CA SER A 411 -13.06 18.08 -2.19
C SER A 411 -12.90 18.05 -3.70
N ILE A 412 -13.92 18.53 -4.40
CA ILE A 412 -13.88 18.66 -5.85
C ILE A 412 -13.28 20.02 -6.18
N LEU A 413 -12.20 20.00 -6.96
CA LEU A 413 -11.48 21.21 -7.35
C LEU A 413 -11.79 21.54 -8.80
N ALA A 414 -12.15 22.79 -9.05
CA ALA A 414 -12.49 23.27 -10.39
C ALA A 414 -11.59 24.44 -10.74
N ALA A 415 -10.93 24.37 -11.89
CA ALA A 415 -10.09 25.44 -12.38
C ALA A 415 -10.39 25.65 -13.86
N ASP A 416 -10.87 26.84 -14.21
CA ASP A 416 -11.29 27.15 -15.56
C ASP A 416 -10.62 28.43 -16.04
N TYR A 417 -10.29 28.46 -17.32
CA TYR A 417 -9.88 29.70 -17.95
C TYR A 417 -11.07 30.65 -18.02
N SER A 418 -10.84 31.93 -17.70
CA SER A 418 -11.92 32.90 -17.60
C SER A 418 -12.66 33.04 -18.93
N GLN A 419 -11.96 33.53 -19.96
CA GLN A 419 -12.52 33.65 -21.32
C GLN A 419 -11.41 33.25 -22.29
N LEU A 420 -11.16 31.94 -22.39
CA LEU A 420 -10.02 31.44 -23.16
C LEU A 420 -10.16 31.79 -24.64
N GLU A 421 -11.35 31.59 -25.21
CA GLU A 421 -11.52 31.86 -26.63
C GLU A 421 -11.50 33.34 -26.94
N LEU A 422 -11.94 34.18 -26.01
CA LEU A 422 -11.81 35.63 -26.19
C LEU A 422 -10.35 36.06 -26.14
N ARG A 423 -9.58 35.50 -25.21
CA ARG A 423 -8.18 35.90 -25.08
C ARG A 423 -7.33 35.36 -26.22
N ILE A 424 -7.66 34.18 -26.75
CA ILE A 424 -6.99 33.71 -27.95
C ILE A 424 -7.34 34.58 -29.15
N LEU A 425 -8.61 34.98 -29.26
CA LEU A 425 -9.03 35.87 -30.34
C LEU A 425 -8.29 37.20 -30.26
N ALA A 426 -8.13 37.73 -29.04
CA ALA A 426 -7.41 38.99 -28.87
C ALA A 426 -5.93 38.82 -29.22
N HIS A 427 -5.33 37.68 -28.85
CA HIS A 427 -3.93 37.46 -29.17
C HIS A 427 -3.72 37.27 -30.66
N LEU A 428 -4.68 36.64 -31.34
CA LEU A 428 -4.53 36.41 -32.78
C LEU A 428 -4.91 37.63 -33.61
N SER A 429 -5.92 38.37 -33.16
CA SER A 429 -6.35 39.56 -33.90
C SER A 429 -5.56 40.81 -33.56
N HIS A 430 -4.77 40.78 -32.48
CA HIS A 430 -3.97 41.93 -32.04
C HIS A 430 -4.83 43.17 -31.82
N ASP A 431 -6.06 42.97 -31.36
CA ASP A 431 -7.00 44.06 -31.13
C ASP A 431 -6.65 44.72 -29.81
N ARG A 432 -6.16 45.97 -29.87
CA ARG A 432 -5.72 46.65 -28.66
C ARG A 432 -6.88 46.92 -27.70
N ARG A 433 -8.09 47.13 -28.24
CA ARG A 433 -9.22 47.43 -27.36
C ARG A 433 -9.68 46.18 -26.60
N LEU A 434 -9.78 45.05 -27.28
CA LEU A 434 -10.18 43.82 -26.60
C LEU A 434 -9.12 43.38 -25.59
N ILE A 435 -7.84 43.52 -25.94
CA ILE A 435 -6.78 43.21 -24.99
C ILE A 435 -6.88 44.12 -23.77
N GLN A 436 -7.22 45.39 -23.98
CA GLN A 436 -7.36 46.31 -22.86
C GLN A 436 -8.54 45.93 -21.98
N VAL A 437 -9.65 45.52 -22.58
CA VAL A 437 -10.83 45.13 -21.80
C VAL A 437 -10.55 43.84 -21.03
N LEU A 438 -9.87 42.88 -21.66
CA LEU A 438 -9.60 41.61 -21.00
C LEU A 438 -8.57 41.76 -19.88
N ASN A 439 -7.59 42.64 -20.05
CA ASN A 439 -6.63 42.89 -18.98
C ASN A 439 -7.30 43.57 -17.78
N THR A 440 -8.40 44.27 -18.01
CA THR A 440 -9.19 44.83 -16.92
C THR A 440 -10.16 43.78 -16.38
N GLY A 441 -10.32 43.76 -15.07
CA GLY A 441 -11.15 42.76 -14.42
C GLY A 441 -12.65 42.98 -14.54
N ALA A 442 -13.08 43.71 -15.58
CA ALA A 442 -14.50 43.93 -15.82
C ALA A 442 -15.03 42.83 -16.74
N ASP A 443 -16.08 42.15 -16.29
CA ASP A 443 -16.64 41.05 -17.06
C ASP A 443 -17.22 41.56 -18.37
N VAL A 444 -16.76 40.97 -19.48
CA VAL A 444 -17.23 41.39 -20.80
C VAL A 444 -18.71 41.11 -20.97
N PHE A 445 -19.16 39.94 -20.54
CA PHE A 445 -20.56 39.56 -20.73
C PHE A 445 -21.49 40.46 -19.93
N ARG A 446 -21.11 40.78 -18.69
CA ARG A 446 -21.93 41.69 -17.89
C ARG A 446 -21.86 43.11 -18.42
N SER A 447 -20.77 43.48 -19.09
CA SER A 447 -20.70 44.79 -19.73
C SER A 447 -21.54 44.84 -21.00
N ILE A 448 -21.62 43.73 -21.73
CA ILE A 448 -22.50 43.67 -22.89
C ILE A 448 -23.95 43.74 -22.47
N ALA A 449 -24.32 43.01 -21.41
CA ALA A 449 -25.69 43.07 -20.91
C ALA A 449 -26.00 44.42 -20.29
N ALA A 450 -25.00 45.09 -19.71
CA ALA A 450 -25.22 46.42 -19.16
C ALA A 450 -25.56 47.42 -20.25
N GLU A 451 -24.87 47.33 -21.39
CA GLU A 451 -25.20 48.17 -22.53
C GLU A 451 -26.48 47.71 -23.21
N TRP A 452 -26.77 46.41 -23.16
CA TRP A 452 -27.97 45.87 -23.81
C TRP A 452 -29.23 46.32 -23.09
N LYS A 453 -29.37 45.94 -21.82
CA LYS A 453 -30.58 46.19 -21.05
C LYS A 453 -30.56 47.54 -20.34
N MET A 454 -29.50 48.33 -20.50
CA MET A 454 -29.37 49.65 -19.87
C MET A 454 -29.47 49.54 -18.35
N ILE A 455 -28.71 48.60 -17.79
CA ILE A 455 -28.68 48.38 -16.34
C ILE A 455 -27.23 48.45 -15.87
N GLU A 456 -27.05 48.49 -14.56
CA GLU A 456 -25.71 48.47 -13.99
C GLU A 456 -25.12 47.08 -14.12
N PRO A 457 -23.80 46.97 -14.34
CA PRO A 457 -23.19 45.64 -14.51
C PRO A 457 -23.34 44.74 -13.29
N GLU A 458 -23.38 45.32 -12.09
CA GLU A 458 -23.50 44.50 -10.88
C GLU A 458 -24.89 43.88 -10.74
N SER A 459 -25.89 44.43 -11.43
CA SER A 459 -27.26 43.92 -11.34
C SER A 459 -27.57 42.85 -12.39
N VAL A 460 -26.59 42.46 -13.19
CA VAL A 460 -26.81 41.46 -14.24
C VAL A 460 -26.82 40.08 -13.61
N GLY A 461 -27.91 39.34 -13.80
CA GLY A 461 -28.01 37.99 -13.29
C GLY A 461 -27.34 36.97 -14.20
N ASP A 462 -27.29 35.74 -13.71
CA ASP A 462 -26.64 34.67 -14.48
C ASP A 462 -27.44 34.34 -15.74
N ASP A 463 -28.76 34.41 -15.67
CA ASP A 463 -29.58 34.15 -16.85
C ASP A 463 -29.35 35.21 -17.93
N LEU A 464 -29.19 36.47 -17.53
CA LEU A 464 -28.91 37.53 -18.50
C LEU A 464 -27.46 37.48 -18.96
N ARG A 465 -26.53 37.17 -18.05
CA ARG A 465 -25.13 37.06 -18.44
C ARG A 465 -24.92 35.90 -19.40
N GLN A 466 -25.62 34.79 -19.18
CA GLN A 466 -25.53 33.68 -20.11
C GLN A 466 -26.14 34.03 -21.47
N GLN A 467 -27.19 34.85 -21.48
CA GLN A 467 -27.78 35.29 -22.73
C GLN A 467 -26.86 36.27 -23.45
N ALA A 468 -26.17 37.14 -22.71
CA ALA A 468 -25.19 38.03 -23.32
C ALA A 468 -23.96 37.26 -23.77
N LYS A 469 -23.64 36.15 -23.11
CA LYS A 469 -22.53 35.30 -23.54
C LYS A 469 -22.81 34.71 -24.92
N GLN A 470 -24.04 34.23 -25.13
CA GLN A 470 -24.39 33.64 -26.42
C GLN A 470 -24.38 34.69 -27.52
N ILE A 471 -24.77 35.93 -27.20
CA ILE A 471 -24.73 37.01 -28.17
C ILE A 471 -23.29 37.35 -28.54
N CYS A 472 -22.41 37.40 -27.53
CA CYS A 472 -21.02 37.77 -27.78
C CYS A 472 -20.34 36.78 -28.73
N TYR A 473 -20.35 35.50 -28.37
CA TYR A 473 -19.76 34.49 -29.24
C TYR A 473 -20.53 34.33 -30.54
N GLY A 474 -21.84 34.56 -30.52
CA GLY A 474 -22.62 34.49 -31.75
C GLY A 474 -22.16 35.52 -32.77
N ILE A 475 -22.03 36.77 -32.34
CA ILE A 475 -21.62 37.84 -33.25
C ILE A 475 -20.19 37.62 -33.74
N ILE A 476 -19.31 37.15 -32.85
CA ILE A 476 -17.91 36.94 -33.21
C ILE A 476 -17.79 35.90 -34.32
N TYR A 477 -18.62 34.86 -34.27
CA TYR A 477 -18.53 33.76 -35.23
C TYR A 477 -19.57 33.88 -36.35
N GLY A 478 -20.05 35.09 -36.63
CA GLY A 478 -20.77 35.36 -37.85
C GLY A 478 -22.27 35.22 -37.81
N MET A 479 -22.90 35.41 -36.65
CA MET A 479 -24.36 35.35 -36.57
C MET A 479 -24.96 36.53 -37.33
N GLY A 480 -25.95 36.25 -38.17
CA GLY A 480 -26.56 37.28 -38.97
C GLY A 480 -27.47 38.20 -38.17
N ALA A 481 -27.96 39.24 -38.87
CA ALA A 481 -28.82 40.23 -38.20
C ALA A 481 -30.17 39.66 -37.85
N LYS A 482 -30.71 38.76 -38.67
CA LYS A 482 -32.01 38.16 -38.38
C LYS A 482 -31.94 37.30 -37.12
N SER A 483 -30.94 36.41 -37.04
CA SER A 483 -30.78 35.59 -35.85
C SER A 483 -30.43 36.43 -34.63
N LEU A 484 -29.67 37.50 -34.82
CA LEU A 484 -29.34 38.39 -33.71
C LEU A 484 -30.59 39.11 -33.21
N GLY A 485 -31.46 39.54 -34.11
CA GLY A 485 -32.70 40.16 -33.69
C GLY A 485 -33.60 39.19 -32.93
N GLU A 486 -33.66 37.94 -33.39
CA GLU A 486 -34.42 36.93 -32.67
C GLU A 486 -33.80 36.63 -31.31
N GLN A 487 -32.47 36.74 -31.19
CA GLN A 487 -31.81 36.56 -29.90
C GLN A 487 -32.01 37.77 -29.00
N MET A 488 -31.78 38.97 -29.53
CA MET A 488 -31.88 40.19 -28.75
C MET A 488 -33.30 40.70 -28.60
N GLY A 489 -34.28 40.05 -29.22
CA GLY A 489 -35.67 40.48 -29.11
C GLY A 489 -35.95 41.83 -29.74
N ILE A 490 -35.19 42.21 -30.77
CA ILE A 490 -35.39 43.47 -31.48
C ILE A 490 -35.60 43.16 -32.95
N LYS A 491 -35.93 44.20 -33.72
CA LYS A 491 -36.13 44.04 -35.15
C LYS A 491 -34.80 43.76 -35.84
N GLU A 492 -34.89 43.11 -37.00
CA GLU A 492 -33.69 42.75 -37.75
C GLU A 492 -32.92 43.98 -38.20
N ASN A 493 -33.62 45.07 -38.51
CA ASN A 493 -32.94 46.30 -38.91
C ASN A 493 -32.14 46.89 -37.76
N ASP A 494 -32.66 46.78 -36.53
CA ASP A 494 -31.93 47.29 -35.38
C ASP A 494 -30.77 46.40 -34.98
N ALA A 495 -30.89 45.08 -35.22
CA ALA A 495 -29.80 44.17 -34.87
C ALA A 495 -28.57 44.39 -35.74
N ALA A 496 -28.76 44.81 -36.99
CA ALA A 496 -27.64 45.06 -37.89
C ALA A 496 -26.79 46.24 -37.43
N CYS A 497 -27.36 47.14 -36.62
CA CYS A 497 -26.57 48.25 -36.10
C CYS A 497 -25.61 47.79 -35.01
N TYR A 498 -26.00 46.80 -34.22
CA TYR A 498 -25.09 46.26 -33.21
C TYR A 498 -23.89 45.57 -33.86
N ILE A 499 -24.13 44.86 -34.96
CA ILE A 499 -23.04 44.24 -35.71
C ILE A 499 -22.12 45.32 -36.30
N ASP A 500 -22.71 46.39 -36.84
CA ASP A 500 -21.91 47.48 -37.37
C ASP A 500 -21.08 48.14 -36.28
N SER A 501 -21.67 48.33 -35.10
CA SER A 501 -20.91 48.88 -33.97
C SER A 501 -19.78 47.93 -33.56
N PHE A 502 -20.03 46.63 -33.59
CA PHE A 502 -19.00 45.66 -33.24
C PHE A 502 -17.85 45.69 -34.24
N LYS A 503 -18.15 45.77 -35.53
CA LYS A 503 -17.11 45.81 -36.54
C LYS A 503 -16.35 47.12 -36.54
N SER A 504 -16.92 48.18 -35.95
CA SER A 504 -16.23 49.46 -35.82
C SER A 504 -15.52 49.59 -34.48
N ARG A 505 -16.11 49.03 -33.42
CA ARG A 505 -15.49 49.13 -32.10
C ARG A 505 -14.26 48.24 -31.98
N TYR A 506 -14.23 47.12 -32.72
CA TYR A 506 -13.13 46.17 -32.69
C TYR A 506 -12.68 45.92 -34.13
N THR A 507 -11.91 46.87 -34.67
CA THR A 507 -11.42 46.74 -36.04
C THR A 507 -10.37 45.64 -36.17
N GLY A 508 -9.68 45.29 -35.08
CA GLY A 508 -8.70 44.21 -35.15
C GLY A 508 -9.35 42.86 -35.32
N ILE A 509 -10.47 42.62 -34.65
CA ILE A 509 -11.18 41.35 -34.79
C ILE A 509 -11.71 41.20 -36.21
N ASN A 510 -12.27 42.28 -36.77
CA ASN A 510 -12.81 42.20 -38.12
C ASN A 510 -11.72 41.99 -39.17
N GLN A 511 -10.54 42.57 -38.96
CA GLN A 511 -9.42 42.29 -39.86
C GLN A 511 -8.95 40.86 -39.74
N PHE A 512 -9.03 40.28 -38.53
CA PHE A 512 -8.68 38.87 -38.37
C PHE A 512 -9.69 37.96 -39.05
N MET A 513 -10.98 38.32 -38.98
CA MET A 513 -12.00 37.50 -39.62
C MET A 513 -11.89 37.54 -41.14
N THR A 514 -11.56 38.71 -41.70
CA THR A 514 -11.46 38.81 -43.15
C THR A 514 -10.23 38.07 -43.68
N GLU A 515 -9.09 38.19 -42.97
CA GLU A 515 -7.88 37.55 -43.44
C GLU A 515 -7.93 36.04 -43.28
N THR A 516 -8.65 35.55 -42.28
CA THR A 516 -8.77 34.10 -42.09
C THR A 516 -9.53 33.46 -43.24
N VAL A 517 -10.65 34.08 -43.66
CA VAL A 517 -11.40 33.56 -44.80
C VAL A 517 -10.57 33.64 -46.07
N LYS A 518 -9.78 34.71 -46.21
CA LYS A 518 -8.90 34.85 -47.37
C LYS A 518 -7.86 33.73 -47.40
N ASN A 519 -7.22 33.48 -46.26
CA ASN A 519 -6.19 32.45 -46.20
C ASN A 519 -6.78 31.05 -46.33
N CYS A 520 -8.01 30.85 -45.85
CA CYS A 520 -8.66 29.54 -45.99
C CYS A 520 -9.11 29.28 -47.43
N LYS A 521 -9.51 30.33 -48.16
CA LYS A 521 -9.82 30.15 -49.57
C LYS A 521 -8.56 29.81 -50.37
N ARG A 522 -7.41 30.32 -49.96
CA ARG A 522 -6.16 30.06 -50.67
C ARG A 522 -5.60 28.68 -50.32
N ASP A 523 -5.50 28.38 -49.02
CA ASP A 523 -4.88 27.14 -48.60
C ASP A 523 -5.85 25.96 -48.63
N GLY A 524 -7.14 26.20 -48.40
CA GLY A 524 -8.11 25.13 -48.29
C GLY A 524 -8.25 24.55 -46.91
N PHE A 525 -7.64 25.16 -45.90
CA PHE A 525 -7.69 24.66 -44.54
C PHE A 525 -7.39 25.80 -43.58
N VAL A 526 -7.52 25.52 -42.28
CA VAL A 526 -7.16 26.44 -41.23
C VAL A 526 -6.31 25.70 -40.22
N GLN A 527 -5.44 26.45 -39.54
CA GLN A 527 -4.50 25.89 -38.58
C GLN A 527 -4.76 26.45 -37.18
N THR A 528 -4.72 25.56 -36.19
CA THR A 528 -4.80 25.98 -34.80
C THR A 528 -3.43 26.53 -34.36
N ILE A 529 -3.33 26.90 -33.08
CA ILE A 529 -2.11 27.52 -32.58
C ILE A 529 -0.94 26.54 -32.56
N LEU A 530 -1.21 25.23 -32.62
CA LEU A 530 -0.15 24.23 -32.61
C LEU A 530 0.16 23.70 -34.01
N GLY A 531 -0.64 24.03 -35.01
CA GLY A 531 -0.40 23.58 -36.37
C GLY A 531 -1.39 22.55 -36.90
N ARG A 532 -2.38 22.15 -36.10
CA ARG A 532 -3.37 21.20 -36.55
C ARG A 532 -4.22 21.80 -37.66
N ARG A 533 -4.37 21.06 -38.76
CA ARG A 533 -5.09 21.54 -39.93
C ARG A 533 -6.46 20.89 -40.00
N ARG A 534 -7.50 21.71 -40.18
CA ARG A 534 -8.84 21.23 -40.50
C ARG A 534 -9.20 21.70 -41.90
N TYR A 535 -9.35 20.75 -42.81
CA TYR A 535 -9.62 21.08 -44.20
C TYR A 535 -11.09 21.42 -44.39
N LEU A 536 -11.35 22.55 -45.04
CA LEU A 536 -12.71 23.06 -45.27
C LEU A 536 -12.90 23.31 -46.75
N PRO A 537 -13.17 22.26 -47.53
CA PRO A 537 -13.32 22.44 -48.98
C PRO A 537 -14.52 23.28 -49.37
N GLY A 538 -15.53 23.39 -48.52
CA GLY A 538 -16.69 24.22 -48.81
C GLY A 538 -16.43 25.71 -48.80
N ILE A 539 -15.18 26.13 -48.53
CA ILE A 539 -14.85 27.56 -48.52
C ILE A 539 -14.99 28.18 -49.89
N LYS A 540 -14.90 27.38 -50.96
CA LYS A 540 -15.07 27.88 -52.33
C LYS A 540 -16.30 27.27 -53.00
N ASP A 541 -17.30 26.87 -52.22
CA ASP A 541 -18.50 26.27 -52.79
C ASP A 541 -19.36 27.32 -53.47
N ASN A 542 -20.18 26.88 -54.42
CA ASN A 542 -21.07 27.79 -55.14
C ASN A 542 -22.30 28.15 -54.32
N ASN A 543 -22.72 27.27 -53.41
CA ASN A 543 -23.90 27.54 -52.61
C ASN A 543 -23.61 28.67 -51.62
N PRO A 544 -24.42 29.73 -51.60
CA PRO A 544 -24.14 30.83 -50.65
C PRO A 544 -24.27 30.43 -49.19
N TYR A 545 -25.09 29.42 -48.88
CA TYR A 545 -25.21 28.98 -47.50
C TYR A 545 -24.06 28.05 -47.11
N ARG A 546 -23.68 27.13 -48.01
CA ARG A 546 -22.57 26.24 -47.70
C ARG A 546 -21.24 26.98 -47.67
N LYS A 547 -21.09 28.01 -48.49
CA LYS A 547 -19.84 28.77 -48.51
C LYS A 547 -19.68 29.59 -47.23
N ALA A 548 -20.76 30.26 -46.79
CA ALA A 548 -20.71 31.04 -45.57
C ALA A 548 -20.56 30.15 -44.33
N HIS A 549 -21.09 28.93 -44.39
CA HIS A 549 -20.90 27.99 -43.29
C HIS A 549 -19.44 27.63 -43.11
N ALA A 550 -18.72 27.40 -44.20
CA ALA A 550 -17.30 27.10 -44.12
C ALA A 550 -16.50 28.30 -43.67
N GLU A 551 -16.96 29.51 -44.00
CA GLU A 551 -16.28 30.72 -43.53
C GLU A 551 -16.39 30.83 -42.01
N ARG A 552 -17.59 30.64 -41.48
CA ARG A 552 -17.77 30.65 -40.03
C ARG A 552 -16.99 29.53 -39.35
N GLN A 553 -16.87 28.38 -40.03
CA GLN A 553 -16.08 27.28 -39.47
C GLN A 553 -14.60 27.63 -39.45
N ALA A 554 -14.13 28.38 -40.44
CA ALA A 554 -12.71 28.76 -40.48
C ALA A 554 -12.35 29.65 -39.30
N ILE A 555 -13.23 30.57 -38.94
CA ILE A 555 -12.97 31.45 -37.81
C ILE A 555 -13.04 30.66 -36.50
N ASN A 556 -14.03 29.79 -36.36
CA ASN A 556 -14.26 29.12 -35.09
C ASN A 556 -13.22 28.02 -34.84
N THR A 557 -12.83 27.29 -35.89
CA THR A 557 -11.88 26.19 -35.70
C THR A 557 -10.54 26.70 -35.19
N ILE A 558 -10.11 27.88 -35.65
CA ILE A 558 -8.83 28.42 -35.19
C ILE A 558 -8.90 28.81 -33.72
N VAL A 559 -9.98 29.48 -33.32
CA VAL A 559 -10.10 29.95 -31.94
C VAL A 559 -10.46 28.80 -31.01
N GLN A 560 -11.55 28.09 -31.31
CA GLN A 560 -11.97 26.97 -30.46
C GLN A 560 -10.96 25.83 -30.49
N GLY A 561 -10.29 25.62 -31.62
CA GLY A 561 -9.28 24.57 -31.68
C GLY A 561 -8.03 24.91 -30.90
N SER A 562 -7.61 26.18 -30.94
CA SER A 562 -6.45 26.59 -30.16
C SER A 562 -6.75 26.54 -28.67
N ALA A 563 -8.01 26.77 -28.28
CA ALA A 563 -8.39 26.61 -26.88
C ALA A 563 -8.28 25.16 -26.44
N ALA A 564 -8.74 24.23 -27.28
CA ALA A 564 -8.60 22.81 -26.97
C ALA A 564 -7.13 22.42 -26.85
N ASP A 565 -6.27 23.00 -27.69
CA ASP A 565 -4.86 22.68 -27.63
C ASP A 565 -4.24 23.16 -26.33
N ILE A 566 -4.62 24.36 -25.87
CA ILE A 566 -4.05 24.91 -24.65
C ILE A 566 -4.51 24.11 -23.44
N VAL A 567 -5.77 23.67 -23.42
CA VAL A 567 -6.27 22.88 -22.30
C VAL A 567 -5.59 21.52 -22.25
N LYS A 568 -5.36 20.91 -23.41
CA LYS A 568 -4.66 19.63 -23.44
C LYS A 568 -3.23 19.79 -22.94
N ILE A 569 -2.57 20.90 -23.29
CA ILE A 569 -1.22 21.17 -22.79
C ILE A 569 -1.25 21.30 -21.27
N ALA A 570 -2.22 22.07 -20.75
CA ALA A 570 -2.31 22.27 -19.31
C ALA A 570 -2.61 20.96 -18.59
N THR A 571 -3.48 20.13 -19.17
CA THR A 571 -3.82 18.86 -18.53
C THR A 571 -2.61 17.94 -18.46
N VAL A 572 -1.79 17.92 -19.50
CA VAL A 572 -0.60 17.06 -19.50
C VAL A 572 0.43 17.57 -18.50
N ASN A 573 0.61 18.88 -18.42
CA ASN A 573 1.60 19.45 -17.50
C ASN A 573 1.18 19.26 -16.05
N ILE A 574 -0.12 19.41 -15.76
CA ILE A 574 -0.61 19.18 -14.41
C ILE A 574 -0.35 17.74 -13.99
N GLN A 575 -0.68 16.78 -14.86
CA GLN A 575 -0.49 15.38 -14.55
C GLN A 575 0.99 15.06 -14.35
N LYS A 576 1.87 15.67 -15.15
CA LYS A 576 3.30 15.50 -14.95
C LYS A 576 3.73 16.04 -13.60
N GLN A 577 3.17 17.18 -13.19
CA GLN A 577 3.55 17.77 -11.90
C GLN A 577 2.99 16.97 -10.73
N LEU A 578 1.78 16.43 -10.88
CA LEU A 578 1.18 15.64 -9.80
C LEU A 578 1.95 14.35 -9.56
N GLU A 579 2.47 13.73 -10.63
CA GLU A 579 3.23 12.50 -10.51
C GLU A 579 4.65 12.73 -10.00
N THR A 580 5.08 13.99 -9.84
CA THR A 580 6.36 14.32 -9.24
C THR A 580 6.22 14.86 -7.83
N PHE A 581 5.19 15.68 -7.58
CA PHE A 581 4.94 16.16 -6.22
C PHE A 581 4.49 15.04 -5.30
N HIS A 582 3.75 14.06 -5.82
CA HIS A 582 3.16 13.01 -5.02
C HIS A 582 3.59 11.65 -5.57
N SER A 583 4.04 10.76 -4.67
CA SER A 583 4.38 9.39 -5.02
C SER A 583 3.23 8.43 -4.79
N THR A 584 2.01 8.94 -4.68
CA THR A 584 0.82 8.11 -4.44
C THR A 584 0.40 7.43 -5.74
N PHE A 585 -0.78 6.82 -5.73
CA PHE A 585 -1.27 6.13 -6.92
C PHE A 585 -1.66 7.13 -8.00
N LYS A 586 -1.45 6.71 -9.26
CA LYS A 586 -1.78 7.59 -10.38
C LYS A 586 -3.28 7.79 -10.50
N SER A 587 -4.06 6.71 -10.36
CA SER A 587 -5.50 6.79 -10.50
C SER A 587 -6.14 5.86 -9.47
N HIS A 588 -7.46 5.96 -9.33
CA HIS A 588 -8.19 5.06 -8.45
C HIS A 588 -8.10 3.62 -8.96
N GLY A 589 -7.93 3.43 -10.26
CA GLY A 589 -7.73 2.10 -10.80
C GLY A 589 -6.42 1.48 -10.38
N HIS A 590 -5.38 2.31 -10.15
CA HIS A 590 -4.11 1.78 -9.68
C HIS A 590 -4.21 1.30 -8.23
N ARG A 591 -5.05 1.94 -7.42
CA ARG A 591 -5.27 1.45 -6.06
C ARG A 591 -6.01 0.12 -6.06
N GLU A 592 -6.91 -0.07 -7.03
CA GLU A 592 -7.63 -1.35 -7.13
C GLU A 592 -6.74 -2.47 -7.63
N GLY A 593 -5.88 -2.17 -8.61
CA GLY A 593 -5.00 -3.18 -9.17
C GLY A 593 -3.97 -3.75 -8.22
N MET A 594 -3.84 -3.16 -7.03
CA MET A 594 -2.87 -3.64 -6.05
C MET A 594 -3.60 -4.21 -4.83
N CYS A 605 -3.90 2.44 3.36
CA CYS A 605 -3.41 3.76 2.97
C CYS A 605 -4.56 4.67 2.54
N PRO A 606 -4.67 5.84 3.17
CA PRO A 606 -5.71 6.78 2.78
C PRO A 606 -5.42 7.41 1.42
N ILE A 607 -6.48 7.89 0.78
CA ILE A 607 -6.35 8.47 -0.55
C ILE A 607 -5.61 9.79 -0.47
N ARG A 608 -4.68 10.00 -1.41
CA ARG A 608 -3.84 11.19 -1.43
C ARG A 608 -3.71 11.69 -2.86
N GLY A 609 -3.60 13.01 -3.00
CA GLY A 609 -3.38 13.64 -4.29
C GLY A 609 -4.66 14.10 -4.95
N GLY A 610 -4.50 14.53 -6.20
CA GLY A 610 -5.61 14.99 -7.02
C GLY A 610 -5.80 14.07 -8.21
N PHE A 611 -7.06 13.75 -8.50
CA PHE A 611 -7.41 12.78 -9.53
C PHE A 611 -8.28 13.44 -10.59
N PHE A 612 -7.84 13.38 -11.84
CA PHE A 612 -8.60 13.91 -12.95
C PHE A 612 -9.91 13.15 -13.11
N ILE A 613 -11.03 13.87 -13.12
CA ILE A 613 -12.34 13.23 -13.14
C ILE A 613 -13.19 13.72 -14.30
N LEU A 614 -13.01 14.97 -14.71
CA LEU A 614 -13.84 15.53 -15.78
C LEU A 614 -13.14 16.71 -16.43
N GLN A 615 -13.26 16.80 -17.75
CA GLN A 615 -12.79 17.94 -18.52
C GLN A 615 -13.99 18.64 -19.14
N LEU A 616 -14.04 19.96 -19.00
CA LEU A 616 -15.20 20.73 -19.45
C LEU A 616 -14.79 21.81 -20.45
N HIS A 617 -14.04 21.42 -21.48
CA HIS A 617 -13.67 22.27 -22.60
C HIS A 617 -12.72 23.39 -22.20
N ASP A 618 -13.15 24.26 -21.28
CA ASP A 618 -12.28 25.30 -20.74
C ASP A 618 -12.10 25.16 -19.22
N GLU A 619 -12.56 24.05 -18.64
CA GLU A 619 -12.53 23.85 -17.20
C GLU A 619 -12.03 22.46 -16.90
N LEU A 620 -11.21 22.34 -15.86
CA LEU A 620 -10.70 21.06 -15.39
C LEU A 620 -11.24 20.78 -13.99
N LEU A 621 -11.72 19.56 -13.78
CA LEU A 621 -12.24 19.14 -12.48
C LEU A 621 -11.37 18.03 -11.93
N TYR A 622 -10.91 18.19 -10.69
CA TYR A 622 -10.06 17.22 -10.02
C TYR A 622 -10.66 16.83 -8.68
N GLU A 623 -10.57 15.54 -8.36
CA GLU A 623 -10.97 15.03 -7.06
C GLU A 623 -9.72 14.99 -6.17
N VAL A 624 -9.66 15.89 -5.18
CA VAL A 624 -8.47 16.09 -4.37
C VAL A 624 -8.80 15.79 -2.93
N ALA A 625 -7.86 15.13 -2.24
CA ALA A 625 -8.00 14.92 -0.81
C ALA A 625 -7.85 16.24 -0.07
N GLU A 626 -8.52 16.34 1.09
CA GLU A 626 -8.55 17.59 1.83
C GLU A 626 -7.16 18.05 2.25
N GLU A 627 -6.22 17.12 2.41
CA GLU A 627 -4.88 17.52 2.84
C GLU A 627 -4.09 18.16 1.70
N ASP A 628 -4.41 17.82 0.45
CA ASP A 628 -3.67 18.28 -0.71
C ASP A 628 -4.43 19.33 -1.53
N VAL A 629 -5.52 19.86 -0.99
CA VAL A 629 -6.34 20.81 -1.77
C VAL A 629 -5.53 22.07 -2.08
N VAL A 630 -4.77 22.58 -1.11
CA VAL A 630 -4.05 23.83 -1.30
C VAL A 630 -2.93 23.66 -2.31
N GLN A 631 -2.18 22.55 -2.22
CA GLN A 631 -1.04 22.36 -3.12
C GLN A 631 -1.49 22.06 -4.54
N VAL A 632 -2.51 21.22 -4.70
CA VAL A 632 -3.00 20.89 -6.03
C VAL A 632 -3.59 22.12 -6.70
N ALA A 633 -4.29 22.96 -5.93
CA ALA A 633 -4.84 24.20 -6.48
C ALA A 633 -3.74 25.11 -7.01
N GLN A 634 -2.60 25.15 -6.31
CA GLN A 634 -1.48 25.95 -6.78
C GLN A 634 -0.81 25.30 -7.99
N ILE A 635 -0.70 23.97 -7.99
CA ILE A 635 -0.13 23.25 -9.13
C ILE A 635 -1.00 23.43 -10.36
N VAL A 636 -2.32 23.28 -10.21
CA VAL A 636 -3.21 23.37 -11.36
C VAL A 636 -3.25 24.79 -11.90
N LYS A 637 -3.36 25.78 -11.02
CA LYS A 637 -3.46 27.16 -11.47
C LYS A 637 -2.19 27.63 -12.15
N ASN A 638 -1.02 27.22 -11.64
CA ASN A 638 0.24 27.66 -12.23
C ASN A 638 0.46 27.04 -13.60
N GLU A 639 0.13 25.77 -13.76
CA GLU A 639 0.34 25.11 -15.05
C GLU A 639 -0.62 25.61 -16.11
N MET A 640 -1.84 25.99 -15.73
CA MET A 640 -2.79 26.51 -16.71
C MET A 640 -2.41 27.91 -17.16
N GLU A 641 -1.87 28.72 -16.24
CA GLU A 641 -1.48 30.08 -16.60
C GLU A 641 -0.19 30.10 -17.42
N SER A 642 0.67 29.10 -17.26
CA SER A 642 1.95 29.04 -17.95
C SER A 642 1.98 27.98 -19.04
N ALA A 643 0.82 27.50 -19.48
CA ALA A 643 0.78 26.49 -20.53
C ALA A 643 1.34 27.03 -21.83
N VAL A 644 0.81 28.17 -22.28
CA VAL A 644 1.28 28.84 -23.49
C VAL A 644 1.44 30.32 -23.17
N LYS A 645 2.44 30.95 -23.77
CA LYS A 645 2.72 32.37 -23.59
C LYS A 645 2.07 33.14 -24.74
N LEU A 646 1.05 33.93 -24.42
CA LEU A 646 0.34 34.76 -25.38
C LEU A 646 0.57 36.23 -25.06
N SER A 647 0.05 37.10 -25.93
CA SER A 647 0.10 38.54 -25.70
C SER A 647 -0.92 39.00 -24.68
N VAL A 648 -1.79 38.10 -24.20
CA VAL A 648 -2.80 38.40 -23.19
C VAL A 648 -2.64 37.40 -22.06
N LYS A 649 -2.84 37.88 -20.83
CA LYS A 649 -2.72 37.00 -19.67
C LYS A 649 -3.83 35.96 -19.67
N LEU A 650 -3.47 34.72 -19.35
CA LEU A 650 -4.43 33.62 -19.25
C LEU A 650 -4.95 33.60 -17.81
N LYS A 651 -6.04 34.34 -17.57
CA LYS A 651 -6.62 34.39 -16.23
C LYS A 651 -7.29 33.06 -15.90
N VAL A 652 -7.00 32.54 -14.71
CA VAL A 652 -7.50 31.25 -14.27
C VAL A 652 -8.12 31.43 -12.88
N LYS A 653 -9.35 30.95 -12.71
CA LYS A 653 -10.03 30.94 -11.43
C LYS A 653 -10.10 29.51 -10.90
N VAL A 654 -9.90 29.35 -9.59
CA VAL A 654 -9.92 28.06 -8.93
C VAL A 654 -11.06 28.07 -7.92
N LYS A 655 -11.85 26.99 -7.91
CA LYS A 655 -12.99 26.86 -7.01
C LYS A 655 -13.00 25.48 -6.39
N ILE A 656 -13.25 25.43 -5.08
CA ILE A 656 -13.27 24.19 -4.31
C ILE A 656 -14.62 24.09 -3.60
N GLY A 657 -15.22 22.90 -3.64
CA GLY A 657 -16.49 22.68 -2.97
C GLY A 657 -16.67 21.22 -2.60
N ALA A 658 -17.75 20.96 -1.88
CA ALA A 658 -18.11 19.60 -1.49
C ALA A 658 -18.80 18.83 -2.60
N SER A 659 -19.04 19.45 -3.74
CA SER A 659 -19.64 18.79 -4.90
C SER A 659 -19.47 19.70 -6.11
N TRP A 660 -19.87 19.18 -7.28
CA TRP A 660 -19.80 19.97 -8.50
C TRP A 660 -20.70 21.19 -8.43
N GLY A 661 -21.82 21.10 -7.71
CA GLY A 661 -22.73 22.21 -7.58
C GLY A 661 -22.50 23.14 -6.42
N GLU A 662 -21.60 22.79 -5.50
CA GLU A 662 -21.30 23.59 -4.32
C GLU A 662 -19.90 24.21 -4.38
N LEU A 663 -19.42 24.49 -5.59
CA LEU A 663 -18.09 25.05 -5.75
C LEU A 663 -18.06 26.51 -5.28
N LYS A 664 -17.00 26.85 -4.54
CA LYS A 664 -16.82 28.20 -4.02
C LYS A 664 -15.43 28.69 -4.34
N ASP A 665 -15.29 29.99 -4.50
CA ASP A 665 -14.02 30.59 -4.90
C ASP A 665 -12.91 30.25 -3.91
N PHE A 666 -11.73 29.94 -4.43
CA PHE A 666 -10.58 29.57 -3.63
C PHE A 666 -9.37 30.32 -4.17
N ASP A 667 -8.90 31.31 -3.41
CA ASP A 667 -7.85 32.22 -3.85
C ASP A 667 -6.52 31.79 -3.24
N VAL A 668 -5.63 31.27 -4.08
CA VAL A 668 -4.28 30.91 -3.66
C VAL A 668 -3.28 31.31 -4.73
N SER D 5 44.36 -35.49 -4.56
CA SER D 5 44.65 -36.23 -3.33
C SER D 5 43.51 -36.06 -2.33
N SER D 6 42.41 -35.47 -2.78
CA SER D 6 41.25 -35.26 -1.93
C SER D 6 40.00 -35.26 -2.79
N GLU D 7 38.87 -35.59 -2.16
CA GLU D 7 37.58 -35.58 -2.85
C GLU D 7 37.08 -34.14 -2.97
N SER D 8 36.83 -33.71 -4.20
CA SER D 8 36.38 -32.34 -4.45
C SER D 8 34.91 -32.20 -4.10
N LEU D 9 34.57 -31.14 -3.38
CA LEU D 9 33.19 -30.89 -3.01
C LEU D 9 32.38 -30.47 -4.23
N SER D 10 31.17 -31.02 -4.36
CA SER D 10 30.31 -30.76 -5.51
C SER D 10 29.60 -29.43 -5.31
N ILE D 11 30.12 -28.38 -5.95
CA ILE D 11 29.52 -27.05 -5.93
C ILE D 11 29.22 -26.64 -7.35
N ILE D 12 27.97 -26.28 -7.61
CA ILE D 12 27.51 -25.89 -8.95
C ILE D 12 27.04 -24.46 -8.90
N ASP D 13 27.68 -23.59 -9.68
CA ASP D 13 27.29 -22.19 -9.77
C ASP D 13 26.11 -22.09 -10.73
N VAL D 14 24.90 -22.04 -10.18
CA VAL D 14 23.69 -22.09 -11.00
C VAL D 14 23.46 -20.78 -11.75
N ALA D 15 24.00 -19.67 -11.26
CA ALA D 15 23.79 -18.36 -11.88
C ALA D 15 24.81 -18.07 -12.98
N SER D 16 25.56 -19.06 -13.43
CA SER D 16 26.57 -18.86 -14.48
C SER D 16 25.99 -18.93 -15.87
N ASP D 17 24.90 -19.69 -16.07
CA ASP D 17 24.29 -19.85 -17.39
C ASP D 17 22.78 -19.89 -17.24
N GLN D 18 22.08 -19.33 -18.23
CA GLN D 18 20.62 -19.28 -18.17
C GLN D 18 20.01 -20.68 -18.25
N ASN D 19 20.52 -21.52 -19.16
CA ASN D 19 20.01 -22.89 -19.27
C ASN D 19 20.28 -23.68 -18.00
N LEU D 20 21.45 -23.48 -17.39
CA LEU D 20 21.74 -24.12 -16.11
C LEU D 20 20.89 -23.54 -15.00
N PHE D 21 20.65 -22.22 -15.03
CA PHE D 21 19.85 -21.59 -13.99
C PHE D 21 18.40 -22.07 -14.04
N GLN D 22 17.82 -22.17 -15.23
CA GLN D 22 16.43 -22.62 -15.35
C GLN D 22 16.29 -24.07 -14.92
N THR D 23 17.30 -24.90 -15.20
CA THR D 23 17.27 -26.28 -14.72
C THR D 23 17.30 -26.32 -13.19
N PHE D 24 18.04 -25.39 -12.58
CA PHE D 24 18.11 -25.34 -11.13
C PHE D 24 16.80 -24.88 -10.51
N ILE D 25 16.13 -23.90 -11.15
CA ILE D 25 14.87 -23.40 -10.62
C ILE D 25 13.78 -24.46 -10.73
N LYS D 26 13.76 -25.20 -11.84
CA LYS D 26 12.75 -26.24 -12.01
C LYS D 26 12.89 -27.34 -10.97
N GLU D 27 14.13 -27.72 -10.64
CA GLU D 27 14.35 -28.73 -9.61
C GLU D 27 14.08 -28.18 -8.22
N TRP D 28 14.46 -26.92 -7.97
CA TRP D 28 14.29 -26.35 -6.65
C TRP D 28 12.82 -26.23 -6.27
N ARG D 29 11.97 -25.90 -7.24
CA ARG D 29 10.54 -25.75 -6.98
C ARG D 29 9.84 -27.08 -6.71
N CYS D 30 10.48 -28.21 -7.02
CA CYS D 30 9.91 -29.52 -6.74
C CYS D 30 10.34 -30.07 -5.39
N LYS D 31 11.37 -29.50 -4.76
CA LYS D 31 11.87 -30.00 -3.49
C LYS D 31 10.98 -29.53 -2.35
N LYS D 32 10.44 -30.47 -1.58
CA LYS D 32 9.67 -30.15 -0.39
C LYS D 32 10.55 -29.90 0.83
N ARG D 33 11.87 -29.99 0.68
CA ARG D 33 12.79 -29.82 1.79
C ARG D 33 14.16 -29.49 1.24
N PHE D 34 14.78 -28.44 1.77
CA PHE D 34 16.14 -28.07 1.37
C PHE D 34 16.74 -27.19 2.47
N SER D 35 18.03 -26.94 2.34
CA SER D 35 18.76 -26.07 3.26
C SER D 35 19.40 -24.93 2.49
N ILE D 36 19.55 -23.79 3.16
CA ILE D 36 20.20 -22.62 2.58
C ILE D 36 21.25 -22.12 3.58
N SER D 37 22.23 -21.38 3.04
CA SER D 37 23.28 -20.79 3.87
C SER D 37 23.75 -19.51 3.19
N LEU D 38 23.62 -18.39 3.90
CA LEU D 38 24.03 -17.11 3.34
C LEU D 38 25.55 -17.03 3.27
N ALA D 39 26.04 -16.52 2.13
CA ALA D 39 27.48 -16.36 1.91
C ALA D 39 27.85 -14.91 2.18
N CYS D 40 28.62 -14.68 3.23
CA CYS D 40 29.05 -13.35 3.63
C CYS D 40 30.56 -13.23 3.49
N GLU D 41 31.01 -12.14 2.87
CA GLU D 41 32.43 -11.87 2.70
C GLU D 41 32.69 -10.40 2.97
N LYS D 42 33.89 -10.11 3.45
CA LYS D 42 34.30 -8.73 3.71
C LYS D 42 34.72 -8.06 2.41
N ILE D 43 34.57 -6.72 2.38
CA ILE D 43 34.90 -5.96 1.19
C ILE D 43 36.40 -6.01 0.97
N ARG D 44 36.81 -6.56 -0.16
CA ARG D 44 38.23 -6.67 -0.50
C ARG D 44 38.42 -6.84 -2.01
N LYS D 50 34.45 -6.68 -6.26
CA LYS D 50 33.51 -7.55 -5.57
C LYS D 50 32.18 -6.85 -5.34
N THR D 51 31.11 -7.41 -5.90
CA THR D 51 29.78 -6.86 -5.79
C THR D 51 28.93 -7.73 -4.86
N GLY D 52 28.00 -7.09 -4.17
CA GLY D 52 27.12 -7.79 -3.26
C GLY D 52 26.29 -6.86 -2.39
N PHE D 53 25.21 -7.38 -1.82
CA PHE D 53 24.34 -6.57 -0.99
C PHE D 53 24.99 -6.33 0.38
N PRO D 54 25.04 -5.09 0.86
CA PRO D 54 25.66 -4.83 2.16
C PRO D 54 24.74 -5.22 3.30
N ILE D 55 25.37 -5.51 4.45
CA ILE D 55 24.66 -5.92 5.66
C ILE D 55 24.44 -4.69 6.52
N LYS D 56 23.27 -4.61 7.16
CA LYS D 56 22.95 -3.48 8.01
C LYS D 56 23.92 -3.36 9.17
N GLY D 57 24.40 -2.15 9.42
CA GLY D 57 25.41 -1.93 10.46
C GLY D 57 26.81 -2.30 10.07
N CYS D 58 27.01 -3.55 9.63
CA CYS D 58 28.32 -4.02 9.19
C CYS D 58 28.50 -3.60 7.73
N ASP D 59 28.93 -2.35 7.55
CA ASP D 59 29.17 -1.83 6.21
C ASP D 59 30.37 -2.48 5.54
N ASP D 60 31.21 -3.18 6.30
CA ASP D 60 32.39 -3.83 5.75
C ASP D 60 32.10 -5.21 5.18
N THR D 61 30.89 -5.74 5.36
CA THR D 61 30.55 -7.08 4.93
C THR D 61 29.42 -7.02 3.89
N LEU D 62 29.56 -7.82 2.85
CA LEU D 62 28.56 -7.92 1.79
C LEU D 62 28.06 -9.36 1.69
N VAL D 63 26.76 -9.51 1.46
CA VAL D 63 26.17 -10.82 1.19
C VAL D 63 26.46 -11.14 -0.28
N VAL D 64 27.45 -12.00 -0.51
CA VAL D 64 27.90 -12.27 -1.88
C VAL D 64 27.08 -13.34 -2.59
N GLY D 65 26.40 -14.22 -1.86
CA GLY D 65 25.62 -15.24 -2.51
C GLY D 65 24.87 -16.11 -1.52
N LEU D 66 24.40 -17.25 -2.01
CA LEU D 66 23.60 -18.19 -1.23
C LEU D 66 23.86 -19.58 -1.77
N ALA D 67 23.93 -20.55 -0.86
CA ALA D 67 24.12 -21.95 -1.20
C ALA D 67 22.87 -22.74 -0.84
N VAL D 68 22.45 -23.63 -1.74
CA VAL D 68 21.24 -24.43 -1.59
C VAL D 68 21.62 -25.90 -1.71
N CYS D 69 21.10 -26.72 -0.80
CA CYS D 69 21.34 -28.16 -0.82
C CYS D 69 20.04 -28.88 -0.49
N TRP D 70 19.70 -29.89 -1.29
CA TRP D 70 18.49 -30.68 -1.05
C TRP D 70 18.79 -32.17 -1.02
N GLY D 71 20.02 -32.56 -0.73
CA GLY D 71 20.37 -33.97 -0.62
C GLY D 71 21.82 -34.22 -1.00
N GLY D 72 22.39 -35.26 -0.40
CA GLY D 72 23.73 -35.71 -0.69
C GLY D 72 24.78 -34.68 -0.38
N ARG D 73 25.88 -34.72 -1.14
CA ARG D 73 27.00 -33.79 -1.00
C ARG D 73 27.05 -32.81 -2.17
N ASP D 74 25.89 -32.43 -2.69
CA ASP D 74 25.78 -31.49 -3.81
C ASP D 74 25.25 -30.17 -3.29
N ALA D 75 26.00 -29.10 -3.49
CA ALA D 75 25.60 -27.75 -3.09
C ALA D 75 25.50 -26.87 -4.33
N TYR D 76 24.39 -26.14 -4.45
CA TYR D 76 24.14 -25.26 -5.58
C TYR D 76 24.29 -23.83 -5.11
N TYR D 77 25.33 -23.15 -5.58
CA TYR D 77 25.65 -21.80 -5.14
C TYR D 77 24.88 -20.78 -5.99
N PHE D 78 23.99 -20.04 -5.35
CA PHE D 78 23.23 -18.98 -5.99
C PHE D 78 24.03 -17.69 -5.85
N SER D 79 24.72 -17.30 -6.92
CA SER D 79 25.56 -16.12 -6.88
C SER D 79 24.69 -14.86 -6.88
N LEU D 80 25.01 -13.93 -5.98
CA LEU D 80 24.30 -12.65 -5.90
C LEU D 80 25.16 -11.49 -6.40
N GLN D 81 26.18 -11.78 -7.20
CA GLN D 81 27.01 -10.73 -7.78
C GLN D 81 26.20 -9.89 -8.77
N LYS D 82 26.73 -8.71 -9.08
CA LYS D 82 26.00 -7.78 -9.93
C LYS D 82 26.01 -8.23 -11.39
N GLU D 83 27.04 -8.98 -11.81
CA GLU D 83 27.21 -9.35 -13.20
C GLU D 83 27.01 -10.85 -13.37
N SER D 84 26.11 -11.23 -14.28
CA SER D 84 25.91 -12.62 -14.66
C SER D 84 26.14 -12.88 -16.14
N LEU D 85 26.30 -11.83 -16.95
CA LEU D 85 26.73 -11.89 -18.35
C LEU D 85 25.65 -12.39 -19.30
N ASP D 86 24.40 -12.52 -18.84
CA ASP D 86 23.31 -12.93 -19.71
C ASP D 86 22.26 -11.82 -19.77
N PRO D 87 21.92 -11.31 -20.95
CA PRO D 87 20.93 -10.23 -21.02
C PRO D 87 19.52 -10.64 -20.60
N SER D 88 19.23 -11.94 -20.53
CA SER D 88 17.93 -12.40 -20.10
C SER D 88 17.87 -12.68 -18.60
N LEU D 89 19.02 -12.76 -17.93
CA LEU D 89 19.09 -13.04 -16.50
C LEU D 89 19.86 -11.91 -15.83
N THR D 90 19.15 -10.84 -15.47
CA THR D 90 19.76 -9.71 -14.78
C THR D 90 19.70 -9.94 -13.27
N LEU D 91 20.17 -8.96 -12.51
CA LEU D 91 20.14 -9.07 -11.06
C LEU D 91 18.71 -9.09 -10.53
N LYS D 92 17.84 -8.25 -11.11
CA LYS D 92 16.44 -8.26 -10.71
C LYS D 92 15.75 -9.57 -11.05
N ASP D 93 16.15 -10.20 -12.15
CA ASP D 93 15.54 -11.47 -12.53
C ASP D 93 15.93 -12.59 -11.56
N ARG D 94 17.19 -12.62 -11.15
CA ARG D 94 17.61 -13.62 -10.17
C ARG D 94 16.90 -13.44 -8.85
N MET D 95 16.73 -12.19 -8.40
CA MET D 95 16.05 -11.93 -7.14
C MET D 95 14.57 -12.28 -7.24
N TRP D 96 13.99 -12.24 -8.44
CA TRP D 96 12.60 -12.65 -8.60
C TRP D 96 12.44 -14.14 -8.38
N TYR D 97 13.31 -14.95 -9.00
CA TYR D 97 13.23 -16.40 -8.83
C TYR D 97 13.59 -16.80 -7.40
N LEU D 98 14.57 -16.12 -6.80
CA LEU D 98 14.99 -16.45 -5.45
C LEU D 98 13.86 -16.24 -4.45
N GLN D 99 13.19 -15.09 -4.53
CA GLN D 99 12.03 -14.86 -3.69
C GLN D 99 10.90 -15.83 -4.00
N SER D 100 10.78 -16.24 -5.27
CA SER D 100 9.73 -17.18 -5.64
C SER D 100 9.94 -18.55 -5.00
N CYS D 101 11.19 -18.99 -4.87
CA CYS D 101 11.46 -20.31 -4.31
C CYS D 101 11.52 -20.28 -2.79
N LEU D 102 11.89 -19.15 -2.20
CA LEU D 102 11.96 -19.01 -0.76
C LEU D 102 10.62 -18.62 -0.14
N ARG D 103 9.57 -18.51 -0.94
CA ARG D 103 8.23 -18.20 -0.47
C ARG D 103 7.23 -19.18 -1.08
N LYS D 104 6.19 -19.50 -0.32
CA LYS D 104 5.18 -20.45 -0.75
C LYS D 104 3.88 -19.73 -1.05
N GLU D 105 3.12 -20.28 -1.99
CA GLU D 105 1.83 -19.71 -2.39
C GLU D 105 0.76 -20.79 -2.47
N LYS D 108 1.15 -25.56 -0.85
CA LYS D 108 2.05 -26.68 -0.58
C LYS D 108 2.98 -26.37 0.59
N GLU D 109 3.51 -27.42 1.22
CA GLU D 109 4.41 -27.27 2.35
C GLU D 109 5.86 -27.42 1.88
N CYS D 110 6.75 -26.63 2.48
CA CYS D 110 8.16 -26.65 2.13
C CYS D 110 8.96 -26.21 3.35
N SER D 111 9.92 -27.05 3.75
CA SER D 111 10.72 -26.81 4.94
C SER D 111 12.13 -26.39 4.54
N VAL D 112 12.60 -25.29 5.12
CA VAL D 112 13.94 -24.76 4.86
C VAL D 112 14.78 -24.96 6.11
N VAL D 113 15.94 -25.59 5.96
CA VAL D 113 16.85 -25.87 7.06
C VAL D 113 17.92 -24.78 7.07
N ILE D 114 18.00 -24.05 8.18
CA ILE D 114 18.96 -22.96 8.32
C ILE D 114 19.61 -23.05 9.69
N TYR D 115 20.95 -23.11 9.72
CA TYR D 115 21.67 -22.95 10.97
C TYR D 115 21.60 -21.49 11.40
N ASP D 116 21.19 -21.27 12.65
CA ASP D 116 20.94 -19.92 13.18
C ASP D 116 19.94 -19.18 12.27
N PHE D 117 18.71 -19.68 12.31
CA PHE D 117 17.68 -19.22 11.38
C PHE D 117 17.34 -17.75 11.60
N ILE D 118 17.31 -17.30 12.86
CA ILE D 118 16.88 -15.94 13.16
C ILE D 118 17.82 -14.93 12.50
N GLN D 119 19.12 -15.15 12.63
CA GLN D 119 20.08 -14.20 12.05
C GLN D 119 20.02 -14.20 10.53
N SER D 120 19.79 -15.37 9.92
CA SER D 120 19.70 -15.42 8.47
C SER D 120 18.38 -14.84 7.97
N TYR D 121 17.30 -15.02 8.74
CA TYR D 121 16.01 -14.45 8.36
C TYR D 121 16.06 -12.93 8.39
N LYS D 122 16.89 -12.35 9.25
CA LYS D 122 17.00 -10.90 9.32
C LYS D 122 17.93 -10.37 8.24
N ILE D 123 19.06 -11.03 8.00
CA ILE D 123 20.02 -10.58 7.00
C ILE D 123 19.39 -10.65 5.61
N LEU D 124 18.68 -11.74 5.31
CA LEU D 124 18.03 -11.87 4.01
C LEU D 124 16.94 -10.83 3.80
N LEU D 125 16.38 -10.28 4.87
CA LEU D 125 15.36 -9.25 4.71
C LEU D 125 15.98 -7.86 4.60
N LEU D 126 16.92 -7.54 5.48
CA LEU D 126 17.50 -6.21 5.50
C LEU D 126 18.47 -6.00 4.34
N SER D 127 19.30 -7.00 4.04
CA SER D 127 20.33 -6.84 3.02
C SER D 127 19.79 -7.11 1.61
N CYS D 128 18.86 -8.05 1.48
CA CYS D 128 18.38 -8.46 0.16
C CYS D 128 16.93 -8.07 -0.11
N GLY D 129 16.09 -7.99 0.91
CA GLY D 129 14.70 -7.64 0.73
C GLY D 129 13.74 -8.81 0.60
N ILE D 130 14.18 -10.03 0.90
CA ILE D 130 13.36 -11.22 0.77
C ILE D 130 12.86 -11.63 2.15
N SER D 131 11.58 -11.97 2.25
CA SER D 131 10.97 -12.42 3.49
C SER D 131 10.62 -13.90 3.34
N LEU D 132 11.29 -14.75 4.12
CA LEU D 132 11.00 -16.17 4.09
C LEU D 132 9.60 -16.43 4.63
N GLU D 133 8.81 -17.22 3.89
CA GLU D 133 7.44 -17.54 4.28
C GLU D 133 7.17 -19.02 4.00
N GLN D 134 7.94 -19.88 4.64
CA GLN D 134 7.75 -21.33 4.56
C GLN D 134 8.01 -21.91 5.96
N SER D 135 8.17 -23.23 6.03
CA SER D 135 8.52 -23.87 7.28
C SER D 135 10.03 -23.81 7.50
N TYR D 136 10.43 -23.63 8.76
CA TYR D 136 11.83 -23.46 9.11
C TYR D 136 12.26 -24.54 10.08
N GLU D 137 13.50 -25.00 9.93
CA GLU D 137 14.08 -26.00 10.81
C GLU D 137 15.52 -25.61 11.12
N ASP D 138 15.79 -25.32 12.38
CA ASP D 138 17.13 -24.93 12.83
C ASP D 138 17.75 -26.09 13.60
N PRO D 139 18.90 -26.61 13.16
CA PRO D 139 19.53 -27.71 13.91
C PRO D 139 19.94 -27.32 15.32
N LYS D 140 20.13 -26.03 15.61
CA LYS D 140 20.46 -25.62 16.97
C LYS D 140 19.27 -25.81 17.90
N VAL D 141 18.05 -25.58 17.41
CA VAL D 141 16.87 -25.81 18.23
C VAL D 141 16.61 -27.29 18.40
N ALA D 142 16.90 -28.10 17.38
CA ALA D 142 16.72 -29.54 17.51
C ALA D 142 17.70 -30.14 18.52
N CYS D 143 18.94 -29.61 18.56
CA CYS D 143 19.89 -30.08 19.55
C CYS D 143 19.45 -29.73 20.96
N TRP D 144 18.85 -28.55 21.13
CA TRP D 144 18.36 -28.16 22.45
C TRP D 144 17.17 -29.01 22.89
N LEU D 145 16.29 -29.38 21.94
CA LEU D 145 15.11 -30.15 22.29
C LEU D 145 15.48 -31.56 22.73
N LEU D 146 16.62 -32.09 22.26
CA LEU D 146 17.06 -33.41 22.69
C LEU D 146 17.75 -33.36 24.05
N ASP D 147 18.36 -32.22 24.39
CA ASP D 147 19.04 -32.06 25.67
C ASP D 147 19.13 -30.58 25.98
N PRO D 148 18.19 -30.03 26.75
CA PRO D 148 18.23 -28.60 27.07
C PRO D 148 19.39 -28.20 27.97
N ASP D 149 20.01 -29.15 28.66
CA ASP D 149 21.16 -28.85 29.51
C ASP D 149 22.49 -28.91 28.77
N SER D 150 22.49 -29.32 27.50
CA SER D 150 23.72 -29.34 26.72
C SER D 150 24.20 -27.91 26.45
N GLN D 151 25.49 -27.79 26.13
CA GLN D 151 26.03 -26.49 25.77
C GLN D 151 25.46 -26.02 24.44
N GLU D 152 25.59 -24.72 24.20
CA GLU D 152 25.09 -24.12 22.97
C GLU D 152 25.78 -24.75 21.77
N PRO D 153 25.06 -25.32 20.82
CA PRO D 153 25.70 -26.08 19.75
C PRO D 153 26.41 -25.18 18.76
N THR D 154 27.47 -25.74 18.17
CA THR D 154 28.18 -25.13 17.06
C THR D 154 28.11 -26.05 15.85
N LEU D 155 28.55 -25.55 14.70
CA LEU D 155 28.57 -26.39 13.51
C LEU D 155 29.48 -27.58 13.70
N HIS D 156 30.64 -27.37 14.33
CA HIS D 156 31.53 -28.49 14.64
C HIS D 156 30.93 -29.40 15.69
N SER D 157 30.12 -28.85 16.60
CA SER D 157 29.46 -29.68 17.61
C SER D 157 28.38 -30.56 16.98
N ILE D 158 27.61 -30.00 16.05
CA ILE D 158 26.55 -30.77 15.41
C ILE D 158 27.14 -31.85 14.51
N VAL D 159 28.19 -31.51 13.76
CA VAL D 159 28.81 -32.48 12.86
C VAL D 159 29.46 -33.61 13.66
N THR D 160 30.20 -33.25 14.71
CA THR D 160 30.85 -34.28 15.52
C THR D 160 29.85 -35.21 16.18
N SER D 161 28.65 -34.72 16.47
CA SER D 161 27.66 -35.50 17.21
C SER D 161 26.69 -36.24 16.30
N PHE D 162 26.46 -35.75 15.07
CA PHE D 162 25.43 -36.33 14.21
C PHE D 162 25.91 -36.61 12.78
N LEU D 163 27.13 -36.22 12.42
CA LEU D 163 27.67 -36.52 11.10
C LEU D 163 29.19 -36.70 11.19
N PRO D 164 29.68 -37.71 11.90
CA PRO D 164 31.14 -37.83 12.07
C PRO D 164 31.88 -38.15 10.78
N HIS D 165 31.21 -38.73 9.79
CA HIS D 165 31.88 -39.04 8.52
C HIS D 165 32.21 -37.78 7.73
N GLU D 166 31.41 -36.73 7.89
CA GLU D 166 31.65 -35.46 7.22
C GLU D 166 32.51 -34.51 8.05
N LEU D 167 33.11 -34.99 9.14
CA LEU D 167 33.98 -34.14 9.94
C LEU D 167 35.23 -33.66 9.21
N PRO D 168 35.91 -34.46 8.38
CA PRO D 168 37.08 -33.92 7.66
C PRO D 168 36.75 -32.78 6.71
N LEU D 169 35.48 -32.55 6.37
CA LEU D 169 35.13 -31.39 5.57
C LEU D 169 35.38 -30.10 6.33
N LEU D 170 35.24 -30.13 7.66
CA LEU D 170 35.44 -28.94 8.49
C LEU D 170 36.92 -28.66 8.78
N GLU D 171 37.83 -29.48 8.28
CA GLU D 171 39.25 -29.23 8.49
C GLU D 171 39.69 -27.97 7.76
N GLY D 172 40.37 -27.08 8.48
CA GLY D 172 40.79 -25.82 7.94
C GLY D 172 39.82 -24.67 8.12
N MET D 173 38.72 -24.89 8.84
CA MET D 173 37.71 -23.87 9.09
C MET D 173 37.33 -23.88 10.56
N GLU D 174 36.58 -22.86 10.97
CA GLU D 174 36.15 -22.74 12.35
C GLU D 174 34.75 -22.12 12.43
N ILE D 179 29.59 -20.24 17.48
CA ILE D 179 28.17 -20.57 17.53
C ILE D 179 27.44 -19.94 16.36
N GLN D 180 28.17 -19.21 15.53
CA GLN D 180 27.58 -18.53 14.38
C GLN D 180 27.71 -19.41 13.14
N SER D 181 26.87 -19.10 12.14
CA SER D 181 26.88 -19.84 10.89
C SER D 181 28.24 -19.72 10.20
N LEU D 182 28.66 -20.80 9.54
CA LEU D 182 29.94 -20.80 8.84
C LEU D 182 29.92 -19.84 7.66
N GLY D 183 28.74 -19.61 7.06
CA GLY D 183 28.65 -18.65 5.98
C GLY D 183 28.53 -17.21 6.41
N LEU D 184 28.10 -16.98 7.65
CA LEU D 184 27.95 -15.63 8.18
C LEU D 184 29.24 -15.09 8.79
N ASN D 185 30.32 -15.87 8.79
CA ASN D 185 31.61 -15.43 9.31
C ASN D 185 32.48 -15.02 8.13
N ALA D 186 32.52 -13.72 7.85
CA ALA D 186 33.31 -13.19 6.76
C ALA D 186 34.80 -13.11 7.09
N GLY D 187 35.18 -13.26 8.36
CA GLY D 187 36.56 -13.17 8.75
C GLY D 187 37.41 -14.38 8.36
N SER D 188 36.80 -15.43 7.84
CA SER D 188 37.55 -16.62 7.45
C SER D 188 38.32 -16.36 6.16
N GLU D 189 39.34 -17.20 5.94
CA GLU D 189 40.19 -17.06 4.76
C GLU D 189 39.59 -17.73 3.53
N HIS D 190 38.61 -18.61 3.71
CA HIS D 190 37.98 -19.27 2.58
C HIS D 190 36.91 -18.38 1.97
N SER D 191 36.52 -18.73 0.75
CA SER D 191 35.51 -17.96 0.04
C SER D 191 34.13 -18.20 0.63
N GLY D 192 33.27 -17.18 0.53
CA GLY D 192 31.90 -17.34 0.98
C GLY D 192 31.14 -18.40 0.21
N ARG D 193 31.53 -18.63 -1.05
CA ARG D 193 30.94 -19.72 -1.82
C ARG D 193 31.25 -21.07 -1.21
N TYR D 194 32.51 -21.28 -0.79
CA TYR D 194 32.90 -22.56 -0.22
C TYR D 194 32.34 -22.74 1.18
N ARG D 195 32.32 -21.67 1.98
CA ARG D 195 31.82 -21.77 3.35
C ARG D 195 30.33 -22.05 3.38
N ALA D 196 29.56 -21.34 2.55
CA ALA D 196 28.11 -21.56 2.51
C ALA D 196 27.77 -22.92 1.92
N SER D 197 28.55 -23.39 0.95
CA SER D 197 28.30 -24.69 0.35
C SER D 197 28.57 -25.82 1.33
N VAL D 198 29.68 -25.72 2.08
CA VAL D 198 29.97 -26.73 3.09
C VAL D 198 28.88 -26.77 4.14
N GLU D 199 28.46 -25.60 4.61
CA GLU D 199 27.45 -25.54 5.67
C GLU D 199 26.11 -26.09 5.20
N SER D 200 25.68 -25.72 4.00
CA SER D 200 24.39 -26.19 3.50
C SER D 200 24.34 -27.70 3.41
N ILE D 201 25.44 -28.32 2.98
CA ILE D 201 25.50 -29.78 2.93
C ILE D 201 25.49 -30.36 4.34
N LEU D 202 26.21 -29.72 5.26
CA LEU D 202 26.32 -30.24 6.62
C LEU D 202 25.00 -30.09 7.37
N ILE D 203 24.35 -28.93 7.29
CA ILE D 203 23.13 -28.72 8.07
C ILE D 203 21.97 -29.52 7.50
N PHE D 204 21.98 -29.80 6.20
CA PHE D 204 20.89 -30.58 5.62
C PHE D 204 20.96 -32.03 6.06
N ASN D 205 22.14 -32.64 5.94
CA ASN D 205 22.28 -34.04 6.33
C ASN D 205 22.25 -34.22 7.85
N SER D 206 22.69 -33.20 8.59
CA SER D 206 22.56 -33.25 10.05
C SER D 206 21.10 -33.17 10.48
N MET D 207 20.29 -32.42 9.74
CA MET D 207 18.88 -32.27 10.11
C MET D 207 18.11 -33.57 9.90
N ASN D 208 18.57 -34.43 8.98
CA ASN D 208 17.93 -35.72 8.80
C ASN D 208 18.10 -36.60 10.04
N GLN D 209 19.30 -36.62 10.60
CA GLN D 209 19.51 -37.36 11.85
C GLN D 209 18.77 -36.72 13.01
N LEU D 210 18.75 -35.38 13.07
CA LEU D 210 18.07 -34.70 14.16
C LEU D 210 16.57 -34.91 14.10
N ASN D 211 15.98 -34.81 12.89
CA ASN D 211 14.55 -35.09 12.75
C ASN D 211 14.22 -36.53 13.11
N SER D 212 15.12 -37.46 12.80
CA SER D 212 14.90 -38.85 13.18
C SER D 212 14.93 -39.02 14.68
N LEU D 213 15.85 -38.33 15.36
CA LEU D 213 15.90 -38.41 16.82
C LEU D 213 14.70 -37.72 17.47
N LEU D 214 14.21 -36.63 16.86
CA LEU D 214 13.01 -35.99 17.36
C LEU D 214 11.79 -36.89 17.19
N GLN D 215 11.79 -37.76 16.18
CA GLN D 215 10.66 -38.66 15.97
C GLN D 215 10.62 -39.74 17.04
N LYS D 216 11.78 -40.24 17.46
CA LYS D 216 11.82 -41.28 18.48
C LYS D 216 11.35 -40.73 19.83
N GLU D 217 11.80 -39.54 20.20
CA GLU D 217 11.43 -38.93 21.47
C GLU D 217 10.06 -38.27 21.44
N ASN D 218 9.32 -38.41 20.33
CA ASN D 218 7.99 -37.82 20.18
C ASN D 218 8.03 -36.31 20.41
N LEU D 219 9.07 -35.66 19.90
CA LEU D 219 9.25 -34.22 20.05
C LEU D 219 9.28 -33.49 18.72
N GLN D 220 9.04 -34.18 17.61
CA GLN D 220 9.06 -33.52 16.30
C GLN D 220 7.87 -32.57 16.16
N ASP D 221 6.76 -32.85 16.84
CA ASP D 221 5.63 -31.93 16.82
C ASP D 221 5.95 -30.65 17.58
N VAL D 222 6.63 -30.77 18.72
CA VAL D 222 7.05 -29.59 19.47
C VAL D 222 8.04 -28.77 18.66
N PHE D 223 8.89 -29.43 17.88
CA PHE D 223 9.85 -28.72 17.05
C PHE D 223 9.15 -28.02 15.89
N ARG D 224 8.18 -28.68 15.26
CA ARG D 224 7.54 -28.11 14.09
C ARG D 224 6.43 -27.13 14.46
N LYS D 225 5.71 -27.38 15.55
CA LYS D 225 4.53 -26.59 15.88
C LYS D 225 4.77 -25.57 16.99
N VAL D 226 5.78 -25.76 17.82
CA VAL D 226 5.97 -24.89 18.97
C VAL D 226 7.29 -24.12 18.87
N GLU D 227 8.40 -24.86 18.86
CA GLU D 227 9.72 -24.23 19.00
C GLU D 227 10.06 -23.37 17.80
N MET D 228 10.10 -23.97 16.60
CA MET D 228 10.44 -23.21 15.41
C MET D 228 9.47 -22.07 15.12
N PRO D 229 8.15 -22.22 15.29
CA PRO D 229 7.29 -21.03 15.20
C PRO D 229 7.60 -19.98 16.25
N SER D 230 8.01 -20.40 17.46
CA SER D 230 8.42 -19.44 18.47
C SER D 230 9.70 -18.73 18.07
N GLN D 231 10.58 -19.40 17.33
CA GLN D 231 11.79 -18.75 16.83
C GLN D 231 11.46 -17.65 15.82
N TYR D 232 10.36 -17.81 15.08
CA TYR D 232 9.97 -16.79 14.11
C TYR D 232 9.47 -15.53 14.81
N CYS D 233 8.69 -15.69 15.87
CA CYS D 233 8.20 -14.52 16.60
C CYS D 233 9.35 -13.77 17.28
N LEU D 234 10.32 -14.50 17.82
CA LEU D 234 11.50 -13.86 18.38
C LEU D 234 12.33 -13.18 17.30
N ALA D 235 12.36 -13.76 16.10
CA ALA D 235 13.06 -13.12 14.98
C ALA D 235 12.40 -11.81 14.59
N LEU D 236 11.10 -11.68 14.84
CA LEU D 236 10.42 -10.41 14.56
C LEU D 236 10.79 -9.33 15.58
N LEU D 237 11.10 -9.74 16.82
CA LEU D 237 11.50 -8.77 17.84
C LEU D 237 12.81 -8.11 17.47
N GLU D 238 13.83 -8.91 17.15
CA GLU D 238 15.14 -8.36 16.82
C GLU D 238 15.10 -7.46 15.59
N LEU D 239 14.10 -7.63 14.72
CA LEU D 239 13.91 -6.71 13.61
C LEU D 239 13.32 -5.38 14.08
N ASN D 240 12.41 -5.43 15.05
CA ASN D 240 11.80 -4.22 15.60
C ASN D 240 12.79 -3.48 16.50
N GLY D 241 13.14 -4.08 17.62
CA GLY D 241 14.03 -3.46 18.59
C GLY D 241 13.28 -2.80 19.72
N ILE D 242 13.96 -1.86 20.37
CA ILE D 242 13.40 -1.12 21.50
C ILE D 242 13.81 0.35 21.34
N GLY D 243 12.83 1.23 21.24
CA GLY D 243 13.10 2.65 21.08
C GLY D 243 13.39 3.37 22.38
N GLU D 248 17.16 11.49 28.67
CA GLU D 248 16.60 10.84 29.84
C GLU D 248 17.66 10.07 30.62
N CYS D 249 18.29 9.10 29.96
CA CYS D 249 19.33 8.32 30.62
C CYS D 249 20.48 9.20 31.07
N GLU D 250 20.90 10.14 30.22
CA GLU D 250 21.95 11.07 30.61
C GLU D 250 21.48 11.98 31.75
N SER D 251 20.21 12.39 31.73
CA SER D 251 19.68 13.19 32.83
C SER D 251 19.64 12.37 34.12
N GLN D 252 19.22 11.11 34.03
CA GLN D 252 19.26 10.23 35.19
C GLN D 252 20.69 9.91 35.59
N LYS D 253 21.59 9.79 34.61
CA LYS D 253 23.00 9.55 34.89
C LYS D 253 23.63 10.74 35.60
N HIS D 254 23.35 11.95 35.12
CA HIS D 254 23.93 13.14 35.72
C HIS D 254 23.30 13.47 37.07
N ILE D 255 22.06 13.04 37.30
CA ILE D 255 21.37 13.31 38.56
C ILE D 255 21.67 12.20 39.56
N MET D 256 22.76 11.46 39.32
CA MET D 256 23.11 10.36 40.20
C MET D 256 24.56 10.49 40.67
N GLN D 257 25.47 10.77 39.74
CA GLN D 257 26.89 10.91 40.09
C GLN D 257 27.10 12.04 41.08
N ALA D 258 26.26 13.08 41.03
CA ALA D 258 26.36 14.15 42.02
C ALA D 258 25.79 13.72 43.37
N LYS D 259 24.71 12.94 43.35
CA LYS D 259 24.13 12.45 44.59
C LYS D 259 25.06 11.46 45.28
N LEU D 260 25.82 10.68 44.50
CA LEU D 260 26.82 9.80 45.10
C LEU D 260 27.86 10.59 45.87
N ASP D 261 28.35 11.68 45.27
CA ASP D 261 29.32 12.53 45.95
C ASP D 261 28.72 13.17 47.20
N ALA D 262 27.40 13.39 47.20
CA ALA D 262 26.75 13.92 48.41
C ALA D 262 26.78 12.90 49.53
N ILE D 263 26.49 11.63 49.23
CA ILE D 263 26.63 10.58 50.23
C ILE D 263 28.11 10.35 50.56
N GLU D 264 28.98 10.45 49.55
CA GLU D 264 30.41 10.42 49.81
C GLU D 264 30.81 11.51 50.81
N THR D 265 30.16 12.67 50.73
CA THR D 265 30.41 13.72 51.71
C THR D 265 29.85 13.34 53.07
N GLN D 266 28.63 12.82 53.11
CA GLN D 266 28.04 12.38 54.38
C GLN D 266 28.81 11.21 54.97
N ALA D 267 29.37 10.34 54.13
CA ALA D 267 30.14 9.20 54.65
C ALA D 267 31.51 9.63 55.14
N TYR D 268 32.17 10.52 54.40
CA TYR D 268 33.51 10.96 54.81
C TYR D 268 33.45 11.83 56.07
N GLN D 269 32.40 12.64 56.20
CA GLN D 269 32.30 13.51 57.37
C GLN D 269 31.98 12.72 58.63
N LEU D 270 31.26 11.60 58.51
CA LEU D 270 30.97 10.78 59.67
C LEU D 270 32.11 9.82 59.98
N ALA D 271 32.89 9.44 58.99
CA ALA D 271 34.03 8.56 59.19
C ALA D 271 35.31 9.36 59.42
N HIS D 273 37.42 10.48 57.12
CA HIS D 273 38.28 9.68 56.27
C HIS D 273 37.69 9.52 54.87
N SER D 274 38.56 9.54 53.87
CA SER D 274 38.16 9.38 52.47
C SER D 274 38.54 7.98 52.01
N PHE D 275 37.54 7.18 51.65
CA PHE D 275 37.74 5.80 51.23
C PHE D 275 36.96 5.55 49.94
N SER D 276 37.20 4.37 49.36
CA SER D 276 36.52 3.96 48.14
C SER D 276 35.34 3.08 48.49
N PHE D 277 34.15 3.45 47.99
CA PHE D 277 32.94 2.71 48.30
C PHE D 277 32.91 1.33 47.65
N THR D 278 33.76 1.09 46.66
CA THR D 278 33.88 -0.23 46.05
C THR D 278 34.87 -1.12 46.79
N SER D 279 35.68 -0.57 47.67
CA SER D 279 36.63 -1.35 48.45
C SER D 279 35.92 -1.94 49.66
N SER D 280 35.68 -3.26 49.63
CA SER D 280 35.03 -3.91 50.77
C SER D 280 35.89 -3.81 52.03
N ASP D 281 37.21 -3.81 51.88
CA ASP D 281 38.09 -3.69 53.04
C ASP D 281 37.95 -2.31 53.68
N ASP D 282 37.81 -1.26 52.87
CA ASP D 282 37.60 0.08 53.41
C ASP D 282 36.26 0.17 54.14
N ILE D 283 35.21 -0.38 53.54
CA ILE D 283 33.89 -0.37 54.18
C ILE D 283 33.90 -1.23 55.43
N ALA D 284 34.66 -2.33 55.40
CA ALA D 284 34.75 -3.19 56.58
C ALA D 284 35.47 -2.47 57.72
N GLU D 285 36.50 -1.69 57.40
CA GLU D 285 37.24 -0.99 58.44
C GLU D 285 36.34 0.02 59.17
N VAL D 286 35.60 0.83 58.41
CA VAL D 286 34.72 1.81 59.03
C VAL D 286 33.59 1.12 59.80
N LEU D 287 33.03 0.05 59.23
CA LEU D 287 31.91 -0.63 59.85
C LEU D 287 32.32 -1.57 60.98
N PHE D 288 33.61 -1.86 61.13
CA PHE D 288 34.04 -2.79 62.18
C PHE D 288 35.18 -2.20 63.01
N LEU D 289 36.24 -1.74 62.35
CA LEU D 289 37.40 -1.26 63.08
C LEU D 289 37.15 0.12 63.69
N GLU D 290 36.60 1.04 62.89
CA GLU D 290 36.33 2.38 63.39
C GLU D 290 35.16 2.36 64.37
N LEU D 291 33.98 1.96 63.91
CA LEU D 291 32.83 1.74 64.78
C LEU D 291 32.74 0.25 65.07
N LYS D 292 33.05 -0.14 66.30
CA LYS D 292 33.10 -1.54 66.69
C LYS D 292 31.72 -2.19 66.57
N LEU D 293 31.55 -3.03 65.56
CA LEU D 293 30.30 -3.74 65.28
C LEU D 293 30.61 -5.21 65.08
N PRO D 294 29.61 -6.09 65.25
CA PRO D 294 29.85 -7.53 65.12
C PRO D 294 30.37 -7.89 63.73
N PRO D 295 31.49 -8.62 63.65
CA PRO D 295 32.08 -9.05 62.37
C PRO D 295 31.30 -10.17 61.70
N PHE D 303 35.96 -10.28 57.30
CA PHE D 303 35.14 -9.07 57.36
C PHE D 303 34.29 -8.92 56.11
N SER D 304 33.19 -9.67 56.05
CA SER D 304 32.30 -9.61 54.89
C SER D 304 31.40 -8.39 54.98
N THR D 305 31.24 -7.71 53.84
CA THR D 305 30.39 -6.52 53.74
C THR D 305 29.25 -6.72 52.76
N SER D 306 28.87 -7.96 52.50
CA SER D 306 27.77 -8.24 51.56
C SER D 306 26.46 -7.70 52.11
N LYS D 307 25.44 -7.70 51.25
CA LYS D 307 24.14 -7.19 51.66
C LYS D 307 23.50 -8.07 52.73
N ASP D 308 23.85 -9.37 52.75
CA ASP D 308 23.33 -10.24 53.79
C ASP D 308 23.91 -9.87 55.15
N VAL D 309 25.17 -9.45 55.19
CA VAL D 309 25.76 -8.97 56.43
C VAL D 309 25.24 -7.58 56.77
N LEU D 310 25.10 -6.71 55.76
CA LEU D 310 24.62 -5.36 56.00
C LEU D 310 23.14 -5.31 56.36
N ASN D 311 22.38 -6.37 56.08
CA ASN D 311 20.98 -6.38 56.48
C ASN D 311 20.83 -6.38 57.99
N LYS D 312 21.78 -6.96 58.72
CA LYS D 312 21.74 -6.95 60.18
C LYS D 312 22.38 -5.68 60.72
N LEU D 313 23.63 -5.41 60.36
CA LEU D 313 24.34 -4.23 60.81
C LEU D 313 23.96 -3.05 59.92
N LYS D 314 22.79 -2.48 60.20
CA LYS D 314 22.30 -1.31 59.48
C LYS D 314 21.75 -0.26 60.46
N ALA D 315 21.13 -0.69 61.55
CA ALA D 315 20.63 0.23 62.56
C ALA D 315 21.69 0.63 63.57
N LEU D 316 22.93 0.18 63.39
CA LEU D 316 24.02 0.53 64.29
C LEU D 316 24.68 1.85 63.92
N HIS D 317 24.45 2.36 62.71
CA HIS D 317 24.97 3.63 62.24
C HIS D 317 24.25 4.00 60.95
N PRO D 318 24.07 5.29 60.65
CA PRO D 318 23.51 5.68 59.35
C PRO D 318 24.46 5.45 58.18
N LEU D 319 25.70 5.03 58.43
CA LEU D 319 26.70 4.84 57.38
C LEU D 319 26.41 3.59 56.55
N PRO D 320 26.07 2.43 57.17
CA PRO D 320 25.68 1.28 56.34
C PRO D 320 24.55 1.60 55.35
N GLY D 321 23.51 2.29 55.79
CA GLY D 321 22.44 2.66 54.88
C GLY D 321 22.92 3.52 53.74
N LEU D 322 23.89 4.41 54.01
CA LEU D 322 24.48 5.21 52.95
C LEU D 322 25.33 4.37 52.00
N ILE D 323 25.78 3.20 52.43
CA ILE D 323 26.54 2.31 51.56
C ILE D 323 25.62 1.43 50.73
N LEU D 324 24.58 0.86 51.35
CA LEU D 324 23.59 0.10 50.58
C LEU D 324 22.89 0.98 49.56
N GLU D 325 22.78 2.28 49.84
CA GLU D 325 22.21 3.20 48.87
C GLU D 325 23.23 3.57 47.79
N TRP D 326 24.50 3.77 48.19
CA TRP D 326 25.54 4.07 47.21
C TRP D 326 25.79 2.89 46.28
N ARG D 327 25.75 1.67 46.83
CA ARG D 327 26.01 0.48 46.01
C ARG D 327 24.89 0.24 45.01
N ARG D 328 23.64 0.23 45.48
CA ARG D 328 22.53 -0.11 44.60
C ARG D 328 22.33 0.95 43.53
N ILE D 329 22.42 2.23 43.90
CA ILE D 329 22.30 3.29 42.90
C ILE D 329 23.39 3.16 41.85
N THR D 330 24.61 2.82 42.28
CA THR D 330 25.70 2.61 41.32
C THR D 330 25.46 1.35 40.48
N ASN D 331 25.03 0.27 41.12
CA ASN D 331 24.84 -0.99 40.40
C ASN D 331 23.62 -0.94 39.49
N ALA D 332 22.48 -0.46 40.00
CA ALA D 332 21.28 -0.40 39.20
C ALA D 332 21.37 0.61 38.06
N ILE D 333 22.42 1.42 38.02
CA ILE D 333 22.65 2.35 36.93
C ILE D 333 23.76 1.89 36.01
N THR D 334 24.85 1.35 36.57
CA THR D 334 25.90 0.76 35.75
C THR D 334 25.38 -0.44 34.96
N LYS D 335 24.34 -1.10 35.47
CA LYS D 335 23.76 -2.25 34.77
C LYS D 335 23.03 -1.85 33.50
N VAL D 336 22.69 -0.57 33.34
CA VAL D 336 21.86 -0.15 32.20
C VAL D 336 22.46 1.07 31.49
N VAL D 337 22.80 2.11 32.25
CA VAL D 337 23.18 3.39 31.64
C VAL D 337 24.36 3.21 30.70
N PHE D 338 25.48 2.72 31.20
CA PHE D 338 26.66 2.57 30.36
C PHE D 338 26.45 1.60 29.20
N PRO D 339 25.80 0.43 29.35
CA PRO D 339 25.52 -0.41 28.18
C PRO D 339 24.56 0.23 27.19
N LEU D 340 23.41 0.74 27.69
CA LEU D 340 22.38 1.24 26.78
C LEU D 340 22.87 2.44 25.99
N GLN D 341 23.68 3.31 26.61
CA GLN D 341 24.20 4.46 25.89
C GLN D 341 25.21 4.04 24.83
N ARG D 342 25.86 2.90 25.01
CA ARG D 342 26.77 2.37 24.01
C ARG D 342 26.08 1.49 22.98
N GLU D 343 24.96 0.87 23.34
CA GLU D 343 24.20 0.02 22.44
C GLU D 343 23.13 0.76 21.66
N LYS D 344 22.98 2.07 21.87
CA LYS D 344 21.99 2.83 21.14
C LYS D 344 22.36 2.90 19.66
N CYS D 345 21.34 2.95 18.81
CA CYS D 345 21.54 2.97 17.37
C CYS D 345 20.57 3.96 16.75
N LEU D 346 21.04 4.67 15.73
CA LEU D 346 20.22 5.66 15.04
C LEU D 346 19.32 4.99 14.01
N ASN D 347 18.02 5.27 14.10
CA ASN D 347 17.04 4.79 13.12
C ASN D 347 16.43 5.99 12.42
N PRO D 348 16.84 6.29 11.18
CA PRO D 348 16.37 7.52 10.53
C PRO D 348 14.88 7.56 10.28
N PHE D 349 14.24 6.40 10.15
CA PHE D 349 12.81 6.39 9.88
C PHE D 349 12.00 6.83 11.09
N LEU D 350 12.47 6.51 12.31
CA LEU D 350 11.69 6.81 13.50
C LEU D 350 12.47 7.60 14.54
N MET D 352 13.45 6.98 15.18
CA MET D 352 14.00 7.53 16.42
C MET D 352 15.35 6.89 16.73
N GLU D 353 15.77 6.98 17.99
CA GLU D 353 16.95 6.28 18.49
C GLU D 353 16.49 5.02 19.22
N ARG D 354 16.99 3.86 18.79
CA ARG D 354 16.53 2.59 19.31
C ARG D 354 17.71 1.71 19.71
N ILE D 355 17.39 0.62 20.41
CA ILE D 355 18.36 -0.37 20.86
C ILE D 355 17.79 -1.75 20.54
N TYR D 356 18.58 -2.58 19.85
CA TYR D 356 18.11 -3.87 19.37
C TYR D 356 18.66 -4.99 20.22
N PRO D 357 17.83 -5.75 20.92
CA PRO D 357 18.32 -6.88 21.72
C PRO D 357 18.31 -8.19 20.94
N VAL D 358 19.03 -9.17 21.50
CA VAL D 358 19.17 -10.49 20.89
C VAL D 358 18.56 -11.52 21.84
N SER D 359 17.66 -12.34 21.32
CA SER D 359 16.97 -13.33 22.14
C SER D 359 17.86 -14.55 22.36
N GLN D 360 17.51 -15.32 23.39
CA GLN D 360 18.24 -16.53 23.75
C GLN D 360 17.23 -17.57 24.23
N SER D 361 17.09 -18.67 23.48
CA SER D 361 16.12 -19.70 23.78
C SER D 361 16.74 -20.99 24.29
N HIS D 362 18.07 -21.09 24.30
CA HIS D 362 18.74 -22.31 24.77
C HIS D 362 18.79 -22.27 26.29
N THR D 363 17.73 -22.78 26.91
CA THR D 363 17.60 -22.81 28.36
C THR D 363 17.35 -24.23 28.84
N ALA D 364 17.41 -24.42 30.15
CA ALA D 364 17.30 -25.75 30.73
C ALA D 364 15.85 -26.23 30.79
N THR D 365 14.92 -25.33 31.09
CA THR D 365 13.52 -25.69 31.26
C THR D 365 12.63 -25.27 30.09
N GLY D 366 13.15 -24.49 29.16
CA GLY D 366 12.36 -23.98 28.05
C GLY D 366 12.03 -22.52 28.11
N ARG D 367 12.53 -21.80 29.12
CA ARG D 367 12.28 -20.37 29.23
C ARG D 367 12.95 -19.62 28.07
N ILE D 368 12.56 -18.37 27.91
CA ILE D 368 13.10 -17.50 26.87
C ILE D 368 13.65 -16.25 27.55
N THR D 369 14.94 -16.00 27.36
CA THR D 369 15.61 -14.82 27.89
C THR D 369 16.20 -14.02 26.73
N PHE D 370 16.80 -12.88 27.07
CA PHE D 370 17.35 -11.97 26.07
C PHE D 370 18.74 -11.51 26.49
N THR D 371 19.56 -11.16 25.51
CA THR D 371 20.92 -10.72 25.75
C THR D 371 21.24 -9.51 24.89
N GLU D 372 22.29 -8.78 25.28
CA GLU D 372 22.84 -7.64 24.56
C GLU D 372 21.77 -6.64 24.10
N PRO D 373 21.10 -5.96 25.03
CA PRO D 373 21.15 -6.08 26.48
C PRO D 373 19.98 -6.90 27.02
N ASN D 374 20.07 -7.38 28.26
CA ASN D 374 18.99 -8.17 28.84
C ASN D 374 17.95 -7.20 29.42
N ILE D 375 17.07 -6.73 28.53
CA ILE D 375 15.97 -5.86 28.92
C ILE D 375 15.03 -6.55 29.90
N GLN D 376 15.00 -7.89 29.88
CA GLN D 376 14.21 -8.63 30.84
C GLN D 376 14.69 -8.42 32.27
N ASN D 377 15.95 -8.00 32.45
CA ASN D 377 16.49 -7.67 33.77
C ASN D 377 16.44 -6.16 33.93
N VAL D 378 15.25 -5.65 34.22
CA VAL D 378 15.02 -4.23 34.47
C VAL D 378 14.38 -4.11 35.84
N PRO D 379 14.89 -3.23 36.72
CA PRO D 379 14.48 -3.25 38.13
C PRO D 379 12.99 -3.04 38.31
N ARG D 380 12.41 -3.84 39.20
CA ARG D 380 11.00 -3.75 39.56
C ARG D 380 10.72 -2.42 40.27
N ASP D 381 9.44 -2.07 40.36
CA ASP D 381 9.02 -0.83 41.00
C ASP D 381 9.42 -0.82 42.47
N PHE D 382 10.35 0.06 42.83
CA PHE D 382 10.78 0.23 44.20
C PHE D 382 10.56 1.67 44.64
N GLU D 383 10.77 1.92 45.93
CA GLU D 383 10.59 3.23 46.53
C GLU D 383 11.93 3.81 46.96
N ILE D 384 12.14 5.09 46.65
CA ILE D 384 13.38 5.76 47.01
C ILE D 384 13.08 6.98 47.88
N ILE D 398 11.63 3.23 42.06
CA ILE D 398 11.64 4.00 40.82
C ILE D 398 11.57 3.07 39.62
N SER D 399 11.09 3.60 38.49
CA SER D 399 10.95 2.84 37.26
C SER D 399 11.97 3.39 36.26
N MET D 400 13.04 2.63 36.02
CA MET D 400 14.04 3.00 35.02
C MET D 400 13.63 2.44 33.67
N ARG D 401 12.51 2.98 33.16
CA ARG D 401 11.94 2.54 31.90
C ARG D 401 11.43 3.73 31.11
N HIS D 402 12.17 4.83 31.13
CA HIS D 402 11.85 6.01 30.34
C HIS D 402 12.77 6.09 29.12
N ALA D 403 12.42 7.02 28.21
CA ALA D 403 13.08 7.13 26.91
C ALA D 403 12.99 5.81 26.14
N PHE D 404 11.85 5.15 26.26
CA PHE D 404 11.60 3.90 25.54
C PHE D 404 10.35 4.01 24.68
N PRO D 408 7.44 7.47 17.57
CA PRO D 408 6.58 8.64 17.71
C PRO D 408 5.13 8.33 17.38
N GLY D 409 4.19 8.86 18.18
CA GLY D 409 2.79 8.59 18.00
C GLY D 409 2.33 7.22 18.43
N GLY D 410 3.25 6.28 18.68
CA GLY D 410 2.88 4.96 19.12
C GLY D 410 2.53 4.93 20.61
N SER D 411 2.47 3.72 21.15
CA SER D 411 2.14 3.52 22.55
C SER D 411 2.75 2.20 23.02
N ILE D 412 3.52 2.26 24.10
CA ILE D 412 4.07 1.05 24.69
C ILE D 412 2.96 0.31 25.43
N LEU D 413 2.77 -0.97 25.08
CA LEU D 413 1.72 -1.80 25.65
C LEU D 413 2.35 -2.94 26.43
N ALA D 414 1.68 -3.35 27.51
CA ALA D 414 2.13 -4.45 28.33
C ALA D 414 0.95 -5.33 28.69
N ALA D 415 1.00 -6.59 28.25
CA ALA D 415 -0.02 -7.58 28.58
C ALA D 415 0.67 -8.76 29.25
N ASP D 416 0.28 -9.05 30.49
CA ASP D 416 0.95 -10.07 31.28
C ASP D 416 -0.07 -10.91 32.03
N TYR D 417 0.32 -12.15 32.32
CA TYR D 417 -0.47 -13.01 33.18
C TYR D 417 -0.34 -12.55 34.63
N SER D 418 -1.16 -13.14 35.50
CA SER D 418 -1.12 -12.89 36.94
C SER D 418 -0.77 -14.19 37.64
N GLN D 419 0.47 -14.30 38.10
CA GLN D 419 1.00 -15.52 38.73
C GLN D 419 0.82 -16.72 37.81
N LEU D 420 1.44 -16.62 36.63
CA LEU D 420 1.30 -17.66 35.62
C LEU D 420 1.75 -19.02 36.15
N GLU D 421 2.93 -19.06 36.76
CA GLU D 421 3.44 -20.33 37.28
C GLU D 421 2.60 -20.84 38.45
N LEU D 422 1.99 -19.93 39.22
CA LEU D 422 1.14 -20.35 40.32
C LEU D 422 -0.15 -20.98 39.82
N ARG D 423 -0.77 -20.39 38.79
CA ARG D 423 -1.96 -20.97 38.19
C ARG D 423 -1.63 -22.31 37.52
N ILE D 424 -0.47 -22.39 36.88
CA ILE D 424 -0.05 -23.64 36.25
C ILE D 424 0.28 -24.69 37.31
N LEU D 425 0.87 -24.27 38.42
CA LEU D 425 1.14 -25.20 39.52
C LEU D 425 -0.15 -25.80 40.07
N ALA D 426 -1.24 -25.03 40.06
CA ALA D 426 -2.51 -25.55 40.53
C ALA D 426 -3.12 -26.51 39.52
N HIS D 427 -2.97 -26.21 38.22
CA HIS D 427 -3.50 -27.10 37.20
C HIS D 427 -2.80 -28.46 37.23
N LEU D 428 -1.49 -28.45 37.48
CA LEU D 428 -0.73 -29.70 37.58
C LEU D 428 -0.92 -30.40 38.91
N SER D 429 -1.61 -29.79 39.87
CA SER D 429 -1.81 -30.38 41.18
C SER D 429 -3.26 -30.73 41.48
N HIS D 430 -4.22 -30.07 40.82
CA HIS D 430 -5.65 -30.31 41.05
C HIS D 430 -6.03 -30.09 42.51
N ASP D 431 -5.53 -28.99 43.08
CA ASP D 431 -5.82 -28.61 44.46
C ASP D 431 -6.96 -27.61 44.45
N ARG D 432 -8.10 -28.00 45.04
CA ARG D 432 -9.27 -27.13 45.06
C ARG D 432 -9.05 -25.89 45.91
N ARG D 433 -8.22 -25.99 46.95
CA ARG D 433 -7.94 -24.84 47.79
C ARG D 433 -7.16 -23.78 47.04
N LEU D 434 -6.19 -24.20 46.23
CA LEU D 434 -5.42 -23.24 45.42
C LEU D 434 -6.27 -22.67 44.30
N ILE D 435 -7.19 -23.47 43.74
CA ILE D 435 -8.06 -22.96 42.69
C ILE D 435 -9.06 -21.95 43.24
N GLN D 436 -9.47 -22.11 44.50
CA GLN D 436 -10.40 -21.16 45.10
C GLN D 436 -9.71 -19.84 45.44
N VAL D 437 -8.39 -19.86 45.66
CA VAL D 437 -7.67 -18.62 45.94
C VAL D 437 -7.67 -17.73 44.71
N LEU D 438 -7.37 -18.29 43.53
CA LEU D 438 -7.43 -17.52 42.30
C LEU D 438 -8.88 -17.20 41.92
N ASN D 439 -9.83 -18.07 42.29
CA ASN D 439 -11.23 -17.79 42.02
C ASN D 439 -11.76 -16.68 42.92
N THR D 440 -11.19 -16.52 44.12
CA THR D 440 -11.61 -15.47 45.02
C THR D 440 -11.17 -14.08 44.56
N GLY D 441 -10.24 -14.00 43.62
CA GLY D 441 -9.76 -12.73 43.14
C GLY D 441 -8.82 -12.00 44.08
N ALA D 442 -8.55 -12.55 45.26
CA ALA D 442 -7.66 -11.92 46.21
C ALA D 442 -6.21 -12.29 45.93
N ASP D 443 -5.33 -11.31 46.04
CA ASP D 443 -3.90 -11.53 45.78
C ASP D 443 -3.34 -12.48 46.84
N VAL D 444 -2.76 -13.60 46.37
CA VAL D 444 -2.13 -14.54 47.30
C VAL D 444 -0.91 -13.89 47.95
N PHE D 445 -0.28 -12.94 47.27
CA PHE D 445 0.84 -12.21 47.86
C PHE D 445 0.38 -11.38 49.06
N ARG D 446 -0.82 -10.80 48.97
CA ARG D 446 -1.37 -10.04 50.08
C ARG D 446 -1.91 -10.93 51.19
N SER D 447 -2.28 -12.17 50.89
CA SER D 447 -2.81 -13.07 51.91
C SER D 447 -1.69 -13.62 52.80
N ILE D 448 -0.57 -14.02 52.20
CA ILE D 448 0.54 -14.58 52.96
C ILE D 448 1.35 -13.48 53.62
N GLU D 451 -0.61 -12.33 56.56
CA GLU D 451 -0.64 -13.34 57.63
C GLU D 451 0.64 -13.27 58.47
N TRP D 452 1.76 -12.98 57.81
CA TRP D 452 3.03 -12.86 58.51
C TRP D 452 3.01 -11.67 59.46
N LYS D 453 2.74 -10.47 58.95
CA LYS D 453 2.66 -9.28 59.78
C LYS D 453 1.32 -9.14 60.47
N MET D 454 0.33 -9.99 60.14
CA MET D 454 -1.00 -9.93 60.74
C MET D 454 -1.63 -8.56 60.54
N ILE D 455 -1.41 -7.98 59.36
CA ILE D 455 -1.89 -6.66 59.02
C ILE D 455 -3.01 -6.80 57.99
N GLU D 456 -3.67 -5.69 57.69
CA GLU D 456 -4.74 -5.69 56.72
C GLU D 456 -4.21 -6.09 55.34
N PRO D 457 -4.88 -7.01 54.63
CA PRO D 457 -4.39 -7.41 53.30
C PRO D 457 -4.44 -6.31 52.26
N GLU D 458 -5.13 -5.19 52.54
CA GLU D 458 -5.24 -4.08 51.61
C GLU D 458 -4.22 -2.98 51.90
N SER D 459 -3.27 -3.23 52.80
CA SER D 459 -2.24 -2.25 53.15
C SER D 459 -0.83 -2.76 52.87
N VAL D 460 -0.70 -3.89 52.18
CA VAL D 460 0.63 -4.43 51.89
C VAL D 460 1.34 -3.54 50.88
N GLY D 461 2.54 -3.11 51.23
CA GLY D 461 3.30 -2.25 50.35
C GLY D 461 3.89 -3.01 49.17
N ASP D 462 4.48 -2.24 48.25
CA ASP D 462 5.10 -2.84 47.06
C ASP D 462 6.39 -3.56 47.39
N ASP D 463 7.03 -3.23 48.52
CA ASP D 463 8.29 -3.87 48.88
C ASP D 463 8.08 -5.24 49.50
N LEU D 464 6.94 -5.46 50.16
CA LEU D 464 6.66 -6.72 50.84
C LEU D 464 5.64 -7.58 50.10
N ARG D 465 5.14 -7.11 48.95
CA ARG D 465 4.12 -7.87 48.24
C ARG D 465 4.69 -9.13 47.63
N GLN D 466 5.70 -8.98 46.76
CA GLN D 466 6.25 -10.13 46.04
C GLN D 466 7.01 -11.09 46.94
N GLN D 467 7.36 -10.67 48.17
CA GLN D 467 8.13 -11.52 49.07
C GLN D 467 7.31 -12.65 49.65
N ALA D 468 5.99 -12.67 49.44
CA ALA D 468 5.16 -13.72 50.00
C ALA D 468 5.25 -15.00 49.18
N LYS D 469 5.10 -14.90 47.86
CA LYS D 469 5.14 -16.08 47.00
C LYS D 469 6.53 -16.70 46.95
N GLN D 470 7.58 -15.93 47.22
CA GLN D 470 8.93 -16.49 47.25
C GLN D 470 9.03 -17.59 48.30
N ILE D 471 8.29 -17.47 49.40
CA ILE D 471 8.22 -18.54 50.38
C ILE D 471 7.49 -19.75 49.78
N CYS D 472 6.32 -19.51 49.19
CA CYS D 472 5.55 -20.60 48.61
C CYS D 472 6.29 -21.25 47.44
N TYR D 473 6.97 -20.44 46.64
CA TYR D 473 7.77 -21.00 45.54
C TYR D 473 8.90 -21.87 46.07
N GLY D 474 9.54 -21.45 47.16
CA GLY D 474 10.66 -22.20 47.70
C GLY D 474 10.24 -23.51 48.33
N ILE D 475 9.15 -23.50 49.12
CA ILE D 475 8.70 -24.70 49.80
C ILE D 475 8.29 -25.77 48.79
N ILE D 476 7.55 -25.37 47.76
CA ILE D 476 7.18 -26.31 46.71
C ILE D 476 8.42 -26.77 45.95
N TYR D 477 9.38 -25.85 45.76
CA TYR D 477 10.65 -26.24 45.17
C TYR D 477 11.48 -27.09 46.11
N GLY D 478 11.28 -26.97 47.42
CA GLY D 478 12.00 -27.78 48.37
C GLY D 478 12.96 -26.99 49.24
N MET D 479 12.59 -25.76 49.56
CA MET D 479 13.44 -24.91 50.37
C MET D 479 13.58 -25.47 51.78
N GLY D 480 14.81 -25.54 52.27
CA GLY D 480 15.05 -26.06 53.59
C GLY D 480 14.57 -25.11 54.68
N ALA D 481 14.27 -25.70 55.85
CA ALA D 481 13.81 -24.90 56.98
C ALA D 481 14.89 -23.95 57.49
N LYS D 482 16.16 -24.30 57.28
CA LYS D 482 17.25 -23.41 57.67
C LYS D 482 17.19 -22.10 56.88
N SER D 483 17.16 -22.20 55.55
CA SER D 483 17.12 -21.01 54.72
C SER D 483 15.72 -20.41 54.64
N LEU D 484 14.69 -21.16 55.03
CA LEU D 484 13.33 -20.61 55.03
C LEU D 484 13.19 -19.45 56.01
N GLY D 485 13.95 -19.48 57.11
CA GLY D 485 13.91 -18.45 58.12
C GLY D 485 14.85 -17.29 57.91
N GLU D 486 15.52 -17.20 56.76
CA GLU D 486 16.43 -16.08 56.52
C GLU D 486 15.68 -14.77 56.40
N GLN D 487 14.44 -14.79 55.92
CA GLN D 487 13.61 -13.60 55.80
C GLN D 487 12.44 -13.58 56.76
N MET D 488 11.84 -14.74 57.05
CA MET D 488 10.73 -14.84 57.98
C MET D 488 10.93 -16.08 58.84
N GLY D 489 11.00 -15.87 60.15
CA GLY D 489 11.32 -16.94 61.09
C GLY D 489 12.73 -16.78 61.64
N ILE D 490 13.04 -17.63 62.63
CA ILE D 490 14.31 -17.54 63.32
C ILE D 490 14.85 -18.91 63.69
N LYS D 491 14.02 -19.95 63.52
CA LYS D 491 14.40 -21.30 63.90
C LYS D 491 14.07 -22.28 62.78
N GLU D 492 14.86 -23.35 62.70
CA GLU D 492 14.61 -24.40 61.72
C GLU D 492 13.39 -25.23 62.11
N ASN D 493 13.30 -25.61 63.39
CA ASN D 493 12.13 -26.35 63.85
C ASN D 493 10.87 -25.50 63.77
N ASP D 494 11.00 -24.20 64.02
CA ASP D 494 9.86 -23.30 63.87
C ASP D 494 9.48 -23.15 62.40
N ALA D 495 10.48 -23.15 61.51
CA ALA D 495 10.19 -23.10 60.09
C ALA D 495 9.54 -24.40 59.61
N ALA D 496 9.96 -25.54 60.17
CA ALA D 496 9.34 -26.81 59.83
C ALA D 496 7.88 -26.83 60.26
N CYS D 497 7.54 -26.15 61.36
CA CYS D 497 6.14 -26.00 61.74
C CYS D 497 5.39 -25.13 60.74
N TYR D 498 6.00 -24.01 60.33
CA TYR D 498 5.42 -23.20 59.28
C TYR D 498 5.43 -23.93 57.94
N ILE D 499 6.40 -24.80 57.72
CA ILE D 499 6.40 -25.64 56.53
C ILE D 499 5.28 -26.67 56.61
N ASP D 500 5.05 -27.24 57.80
CA ASP D 500 3.96 -28.19 57.97
C ASP D 500 2.61 -27.51 57.78
N SER D 501 2.53 -26.21 58.02
CA SER D 501 1.29 -25.48 57.75
C SER D 501 0.97 -25.50 56.26
N PHE D 502 1.89 -25.00 55.43
CA PHE D 502 1.70 -25.03 53.99
C PHE D 502 1.66 -26.46 53.46
N LYS D 503 2.33 -27.39 54.13
CA LYS D 503 2.27 -28.79 53.72
C LYS D 503 0.91 -29.40 54.01
N SER D 504 0.19 -28.87 54.99
CA SER D 504 -1.13 -29.36 55.34
C SER D 504 -2.26 -28.53 54.75
N ARG D 505 -2.07 -27.22 54.63
CA ARG D 505 -3.11 -26.38 54.02
C ARG D 505 -3.33 -26.76 52.56
N TYR D 506 -2.25 -27.13 51.86
CA TYR D 506 -2.31 -27.51 50.45
C TYR D 506 -1.51 -28.80 50.25
N THR D 507 -2.06 -29.90 50.74
CA THR D 507 -1.41 -31.20 50.61
C THR D 507 -1.37 -31.69 49.16
N GLY D 508 -2.30 -31.22 48.33
CA GLY D 508 -2.31 -31.64 46.93
C GLY D 508 -1.02 -31.32 46.19
N ILE D 509 -0.29 -30.31 46.66
CA ILE D 509 1.02 -30.00 46.09
C ILE D 509 2.01 -31.09 46.45
N ASN D 510 2.00 -31.53 47.71
CA ASN D 510 2.87 -32.59 48.20
C ASN D 510 2.46 -33.98 47.71
N GLN D 511 1.39 -34.07 46.90
CA GLN D 511 0.83 -35.38 46.57
C GLN D 511 1.78 -36.22 45.73
N PHE D 512 2.18 -35.71 44.57
CA PHE D 512 2.96 -36.48 43.61
C PHE D 512 4.46 -36.21 43.68
N MET D 513 4.94 -35.59 44.77
CA MET D 513 6.36 -35.30 44.88
C MET D 513 7.19 -36.56 44.85
N THR D 514 6.78 -37.58 45.61
CA THR D 514 7.52 -38.84 45.65
C THR D 514 7.45 -39.54 44.29
N GLU D 515 6.26 -39.66 43.72
CA GLU D 515 6.12 -40.34 42.43
C GLU D 515 6.84 -39.59 41.33
N THR D 516 6.90 -38.25 41.41
CA THR D 516 7.68 -37.49 40.43
C THR D 516 9.15 -37.86 40.50
N VAL D 517 9.68 -38.01 41.72
CA VAL D 517 11.08 -38.40 41.87
C VAL D 517 11.25 -39.91 41.70
N LYS D 518 10.24 -40.69 42.07
CA LYS D 518 10.35 -42.15 41.96
C LYS D 518 10.54 -42.57 40.51
N ASN D 519 9.69 -42.09 39.62
CA ASN D 519 9.87 -42.38 38.20
C ASN D 519 11.16 -41.79 37.67
N CYS D 520 11.61 -40.65 38.24
CA CYS D 520 12.84 -40.03 37.80
C CYS D 520 14.06 -40.89 38.12
N LYS D 521 13.96 -41.78 39.10
CA LYS D 521 15.05 -42.72 39.36
C LYS D 521 15.25 -43.65 38.18
N ARG D 522 14.16 -44.19 37.64
CA ARG D 522 14.25 -45.02 36.44
C ARG D 522 14.29 -44.17 35.18
N ASP D 523 13.30 -43.28 35.02
CA ASP D 523 13.25 -42.36 33.88
C ASP D 523 14.01 -41.10 34.25
N GLY D 524 15.31 -41.10 33.97
CA GLY D 524 16.18 -39.99 34.34
C GLY D 524 15.71 -38.63 33.86
N PHE D 525 14.87 -38.61 32.82
CA PHE D 525 14.34 -37.37 32.29
C PHE D 525 13.17 -36.89 33.15
N VAL D 526 12.46 -35.87 32.67
CA VAL D 526 11.25 -35.39 33.33
C VAL D 526 10.38 -34.69 32.29
N GLN D 527 9.12 -35.11 32.20
CA GLN D 527 8.23 -34.62 31.16
C GLN D 527 7.70 -33.23 31.47
N THR D 528 7.33 -32.52 30.42
CA THR D 528 6.69 -31.21 30.51
C THR D 528 5.27 -31.31 29.97
N ILE D 529 4.65 -30.15 29.70
CA ILE D 529 3.32 -30.14 29.12
C ILE D 529 3.34 -30.72 27.71
N LEU D 530 4.34 -30.34 26.91
CA LEU D 530 4.44 -30.79 25.53
C LEU D 530 5.18 -32.11 25.39
N GLY D 531 5.83 -32.58 26.44
CA GLY D 531 6.57 -33.83 26.39
C GLY D 531 8.07 -33.69 26.33
N ARG D 532 8.61 -32.48 26.48
CA ARG D 532 10.05 -32.29 26.44
C ARG D 532 10.71 -32.92 27.65
N ARG D 533 11.86 -33.55 27.44
CA ARG D 533 12.57 -34.28 28.47
C ARG D 533 13.80 -33.50 28.91
N ARG D 534 14.01 -33.41 30.22
CA ARG D 534 15.23 -32.84 30.79
C ARG D 534 15.89 -33.92 31.64
N TYR D 535 17.02 -34.43 31.17
CA TYR D 535 17.71 -35.53 31.83
C TYR D 535 18.49 -35.01 33.03
N LEU D 536 18.18 -35.54 34.22
CA LEU D 536 18.86 -35.17 35.45
C LEU D 536 19.51 -36.42 36.03
N PRO D 537 20.76 -36.71 35.64
CA PRO D 537 21.40 -37.96 36.11
C PRO D 537 21.78 -37.93 37.58
N GLY D 538 21.63 -36.81 38.27
CA GLY D 538 21.97 -36.73 39.68
C GLY D 538 20.89 -37.26 40.59
N ILE D 539 19.96 -38.04 40.03
CA ILE D 539 18.87 -38.59 40.83
C ILE D 539 19.31 -39.80 41.66
N LYS D 540 20.45 -40.40 41.32
CA LYS D 540 21.00 -41.54 42.06
C LYS D 540 22.42 -41.27 42.52
N ASP D 541 22.82 -40.00 42.62
CA ASP D 541 24.19 -39.67 43.00
C ASP D 541 24.41 -39.95 44.48
N ASN D 542 25.64 -40.35 44.82
CA ASN D 542 26.00 -40.58 46.21
C ASN D 542 26.02 -39.30 47.03
N ASN D 543 26.21 -38.15 46.38
CA ASN D 543 26.25 -36.88 47.08
C ASN D 543 24.85 -36.53 47.58
N PRO D 544 24.65 -36.30 48.88
CA PRO D 544 23.31 -35.94 49.36
C PRO D 544 22.83 -34.59 48.86
N TYR D 545 23.74 -33.61 48.72
CA TYR D 545 23.33 -32.30 48.22
C TYR D 545 22.98 -32.35 46.75
N ARG D 546 23.77 -33.09 45.95
CA ARG D 546 23.50 -33.17 44.52
C ARG D 546 22.23 -33.95 44.23
N LYS D 547 21.91 -34.95 45.04
CA LYS D 547 20.65 -35.67 44.86
C LYS D 547 19.47 -34.77 45.20
N ALA D 548 19.55 -34.01 46.29
CA ALA D 548 18.48 -33.08 46.62
C ALA D 548 18.32 -32.01 45.55
N HIS D 549 19.44 -31.57 44.96
CA HIS D 549 19.37 -30.58 43.88
C HIS D 549 18.67 -31.16 42.66
N ALA D 550 18.96 -32.41 42.32
CA ALA D 550 18.29 -33.03 41.17
C ALA D 550 16.82 -33.27 41.45
N GLU D 551 16.48 -33.69 42.68
CA GLU D 551 15.08 -33.88 43.03
C GLU D 551 14.31 -32.56 42.99
N ARG D 552 14.95 -31.48 43.46
CA ARG D 552 14.30 -30.18 43.44
C ARG D 552 14.24 -29.60 42.02
N GLN D 553 15.22 -29.93 41.18
CA GLN D 553 15.23 -29.41 39.82
C GLN D 553 14.07 -29.97 39.00
N ALA D 554 13.71 -31.23 39.22
CA ALA D 554 12.61 -31.84 38.47
C ALA D 554 11.29 -31.17 38.77
N ILE D 555 11.12 -30.64 39.98
CA ILE D 555 9.87 -29.98 40.34
C ILE D 555 9.74 -28.65 39.61
N ASN D 556 10.76 -27.79 39.74
CA ASN D 556 10.70 -26.49 39.08
C ASN D 556 10.77 -26.60 37.56
N THR D 557 11.32 -27.69 37.03
CA THR D 557 11.40 -27.85 35.59
C THR D 557 10.01 -27.92 34.96
N ILE D 558 9.08 -28.64 35.59
CA ILE D 558 7.75 -28.80 35.03
C ILE D 558 6.96 -27.50 35.11
N VAL D 559 7.02 -26.83 36.27
CA VAL D 559 6.20 -25.64 36.49
C VAL D 559 6.70 -24.49 35.61
N GLN D 560 7.96 -24.09 35.79
CA GLN D 560 8.49 -22.95 35.04
C GLN D 560 8.68 -23.28 33.56
N GLY D 561 8.81 -24.55 33.21
CA GLY D 561 8.91 -24.91 31.80
C GLY D 561 7.59 -24.80 31.08
N SER D 562 6.50 -25.23 31.73
CA SER D 562 5.18 -25.09 31.14
C SER D 562 4.76 -23.63 31.01
N ALA D 563 5.24 -22.78 31.91
CA ALA D 563 4.94 -21.35 31.81
C ALA D 563 5.49 -20.76 30.52
N ALA D 564 6.73 -21.10 30.16
CA ALA D 564 7.30 -20.62 28.92
C ALA D 564 6.66 -21.29 27.71
N ASP D 565 6.27 -22.57 27.85
CA ASP D 565 5.62 -23.26 26.74
C ASP D 565 4.29 -22.60 26.38
N ILE D 566 3.54 -22.16 27.38
CA ILE D 566 2.27 -21.48 27.11
C ILE D 566 2.51 -20.10 26.53
N VAL D 567 3.51 -19.39 27.05
CA VAL D 567 3.87 -18.08 26.49
C VAL D 567 4.37 -18.23 25.07
N LYS D 568 5.05 -19.33 24.76
CA LYS D 568 5.44 -19.61 23.38
C LYS D 568 4.23 -19.66 22.46
N ILE D 569 3.23 -20.45 22.84
CA ILE D 569 2.02 -20.58 22.02
C ILE D 569 1.28 -19.25 21.95
N ALA D 570 1.32 -18.46 23.03
CA ALA D 570 0.63 -17.17 23.02
C ALA D 570 1.27 -16.20 22.05
N THR D 571 2.60 -16.11 22.06
CA THR D 571 3.29 -15.20 21.15
C THR D 571 3.15 -15.64 19.70
N VAL D 572 3.02 -16.95 19.46
CA VAL D 572 2.84 -17.43 18.09
C VAL D 572 1.46 -17.06 17.57
N ASN D 573 0.43 -17.33 18.37
CA ASN D 573 -0.94 -17.03 17.93
C ASN D 573 -1.15 -15.53 17.81
N ILE D 574 -0.57 -14.74 18.71
CA ILE D 574 -0.72 -13.28 18.64
C ILE D 574 -0.05 -12.74 17.39
N GLN D 575 1.03 -13.37 16.93
CA GLN D 575 1.69 -12.95 15.71
C GLN D 575 0.91 -13.36 14.47
N LYS D 576 0.14 -14.46 14.55
CA LYS D 576 -0.66 -14.87 13.40
C LYS D 576 -1.80 -13.89 13.16
N GLN D 577 -2.50 -13.48 14.23
CA GLN D 577 -3.63 -12.57 14.07
C GLN D 577 -3.18 -11.15 13.75
N LEU D 578 -1.99 -10.75 14.22
CA LEU D 578 -1.48 -9.43 13.91
C LEU D 578 -1.21 -9.27 12.41
N GLU D 579 -0.83 -10.36 11.74
CA GLU D 579 -0.66 -10.34 10.30
C GLU D 579 -1.95 -10.69 9.55
N THR D 580 -2.80 -11.52 10.13
CA THR D 580 -4.07 -11.89 9.50
C THR D 580 -5.23 -11.11 10.10
N THR D 584 -1.72 -6.33 7.87
CA THR D 584 -0.77 -5.42 8.49
C THR D 584 0.53 -6.14 8.87
N PHE D 585 1.52 -6.06 7.99
CA PHE D 585 2.83 -6.63 8.27
C PHE D 585 3.49 -5.91 9.43
N LYS D 586 4.26 -6.65 10.22
CA LYS D 586 4.78 -6.17 11.50
C LYS D 586 6.30 -6.40 11.60
N SER D 587 7.07 -5.41 11.15
CA SER D 587 8.51 -5.36 11.34
C SER D 587 9.07 -4.06 10.79
N HIS D 588 9.85 -3.33 11.61
CA HIS D 588 10.49 -2.12 11.12
C HIS D 588 11.40 -2.43 9.94
N GLY D 589 12.06 -3.59 9.97
CA GLY D 589 12.86 -4.00 8.83
C GLY D 589 12.01 -4.32 7.61
N HIS D 590 10.84 -4.94 7.83
CA HIS D 590 9.91 -5.17 6.72
C HIS D 590 9.47 -3.85 6.11
N ARG D 591 9.17 -2.85 6.95
CA ARG D 591 8.88 -1.53 6.42
C ARG D 591 10.12 -0.87 5.85
N GLU D 592 11.30 -1.18 6.42
CA GLU D 592 12.54 -0.66 5.89
C GLU D 592 12.91 -1.33 4.56
N GLY D 593 12.53 -2.59 4.39
CA GLY D 593 12.85 -3.32 3.17
C GLY D 593 12.07 -2.82 1.96
N CYS D 605 2.26 4.57 3.37
CA CYS D 605 2.54 5.80 4.10
C CYS D 605 2.11 5.75 5.59
N PRO D 606 0.87 5.35 5.89
CA PRO D 606 0.47 5.29 7.30
C PRO D 606 1.11 4.11 8.02
N ILE D 607 1.33 4.30 9.32
CA ILE D 607 1.92 3.27 10.18
C ILE D 607 0.80 2.73 11.07
N ARG D 608 0.54 1.44 10.97
CA ARG D 608 -0.52 0.82 11.75
C ARG D 608 -0.07 -0.51 12.34
N PHE D 612 6.20 -5.83 18.35
CA PHE D 612 6.84 -6.63 19.39
C PHE D 612 8.23 -6.11 19.69
N ILE D 613 8.44 -5.62 20.91
CA ILE D 613 9.69 -4.99 21.31
C ILE D 613 10.42 -5.78 22.37
N LEU D 614 9.71 -6.29 23.37
CA LEU D 614 10.33 -7.00 24.47
C LEU D 614 9.36 -8.05 25.01
N GLN D 615 9.83 -8.85 25.95
CA GLN D 615 9.03 -9.95 26.50
C GLN D 615 9.67 -10.42 27.80
N LEU D 616 8.85 -10.77 28.77
CA LEU D 616 9.27 -11.36 30.03
C LEU D 616 8.69 -12.77 30.13
N HIS D 617 9.06 -13.49 31.20
CA HIS D 617 8.57 -14.84 31.40
C HIS D 617 7.06 -14.90 31.49
N ASP D 618 6.40 -13.79 31.81
CA ASP D 618 4.95 -13.73 31.80
C ASP D 618 4.41 -12.43 31.21
N GLU D 619 5.26 -11.51 30.77
CA GLU D 619 4.85 -10.19 30.31
C GLU D 619 5.28 -9.99 28.86
N LEU D 620 4.39 -9.38 28.07
CA LEU D 620 4.66 -9.04 26.68
C LEU D 620 4.73 -7.53 26.51
N LEU D 621 5.41 -7.10 25.45
CA LEU D 621 5.60 -5.68 25.18
C LEU D 621 5.46 -5.46 23.67
N TYR D 622 4.38 -4.81 23.26
CA TYR D 622 4.10 -4.54 21.86
C TYR D 622 4.01 -3.03 21.64
N GLU D 623 4.88 -2.50 20.79
CA GLU D 623 4.82 -1.10 20.40
C GLU D 623 3.71 -0.93 19.37
N VAL D 624 2.61 -0.31 19.77
CA VAL D 624 1.40 -0.23 18.96
C VAL D 624 1.10 1.23 18.66
N ALA D 625 0.63 1.49 17.44
CA ALA D 625 0.18 2.82 17.07
C ALA D 625 -1.08 3.19 17.84
N GLU D 626 -1.37 4.48 17.88
CA GLU D 626 -2.51 4.97 18.65
C GLU D 626 -3.84 4.49 18.07
N GLU D 627 -3.93 4.36 16.75
CA GLU D 627 -5.18 3.95 16.13
C GLU D 627 -5.49 2.48 16.43
N ASP D 628 -4.46 1.66 16.62
CA ASP D 628 -4.63 0.24 16.90
C ASP D 628 -4.44 -0.10 18.36
N VAL D 629 -4.46 0.90 19.25
CA VAL D 629 -4.23 0.65 20.67
C VAL D 629 -5.34 -0.22 21.25
N VAL D 630 -6.58 0.01 20.81
CA VAL D 630 -7.70 -0.80 21.29
C VAL D 630 -7.65 -2.21 20.68
N GLN D 631 -7.28 -2.29 19.41
CA GLN D 631 -7.28 -3.56 18.68
C GLN D 631 -6.32 -4.57 19.28
N GLN D 634 -6.88 -6.02 23.02
CA GLN D 634 -7.86 -7.09 22.92
C GLN D 634 -7.24 -8.36 22.36
N ILE D 635 -6.50 -8.20 21.26
CA ILE D 635 -5.93 -9.35 20.56
C ILE D 635 -5.05 -10.18 21.51
N VAL D 636 -4.07 -9.52 22.14
CA VAL D 636 -3.14 -10.23 23.01
C VAL D 636 -3.88 -10.90 24.16
N LYS D 637 -4.83 -10.19 24.77
CA LYS D 637 -5.59 -10.76 25.88
C LYS D 637 -6.43 -11.94 25.42
N ASN D 638 -7.05 -11.83 24.23
CA ASN D 638 -7.88 -12.93 23.73
C ASN D 638 -7.03 -14.16 23.43
N GLU D 639 -5.80 -13.96 22.95
CA GLU D 639 -4.96 -15.10 22.59
C GLU D 639 -4.31 -15.73 23.82
N MET D 640 -3.84 -14.92 24.76
CA MET D 640 -3.12 -15.45 25.91
C MET D 640 -4.02 -16.35 26.76
N GLU D 641 -5.29 -15.97 26.93
CA GLU D 641 -6.21 -16.81 27.69
C GLU D 641 -6.68 -18.01 26.87
N SER D 642 -6.74 -17.89 25.55
CA SER D 642 -7.10 -18.99 24.67
C SER D 642 -5.90 -19.83 24.28
N ALA D 643 -4.71 -19.54 24.81
CA ALA D 643 -3.52 -20.26 24.42
C ALA D 643 -3.55 -21.70 24.93
N VAL D 644 -4.06 -21.92 26.13
CA VAL D 644 -4.11 -23.24 26.74
C VAL D 644 -5.42 -23.41 27.49
N LYS D 645 -5.86 -24.67 27.61
CA LYS D 645 -7.08 -25.02 28.33
C LYS D 645 -6.67 -25.66 29.66
N LEU D 646 -6.56 -24.84 30.70
CA LEU D 646 -6.18 -25.29 32.02
C LEU D 646 -7.40 -25.28 32.94
N SER D 647 -7.28 -26.03 34.05
CA SER D 647 -8.35 -26.05 35.05
C SER D 647 -8.59 -24.66 35.61
N VAL D 648 -7.53 -23.88 35.77
CA VAL D 648 -7.62 -22.49 36.20
C VAL D 648 -7.57 -21.60 34.96
N LYS D 649 -8.36 -20.54 34.96
CA LYS D 649 -8.37 -19.59 33.85
C LYS D 649 -7.12 -18.72 33.89
N LEU D 650 -6.50 -18.54 32.72
CA LEU D 650 -5.30 -17.70 32.62
C LEU D 650 -5.72 -16.25 32.59
N LYS D 651 -5.61 -15.57 33.72
CA LYS D 651 -5.94 -14.15 33.81
C LYS D 651 -4.90 -13.32 33.07
N VAL D 652 -5.36 -12.32 32.34
CA VAL D 652 -4.49 -11.43 31.58
C VAL D 652 -4.94 -10.00 31.78
N LYS D 653 -3.99 -9.13 32.14
CA LYS D 653 -4.22 -7.70 32.20
C LYS D 653 -3.53 -7.02 31.02
N VAL D 654 -4.00 -5.83 30.68
CA VAL D 654 -3.44 -5.03 29.60
C VAL D 654 -3.16 -3.63 30.12
N LYS D 655 -1.96 -3.13 29.84
CA LYS D 655 -1.54 -1.81 30.31
C LYS D 655 -1.00 -1.00 29.14
N ILE D 656 -1.42 0.26 29.07
CA ILE D 656 -0.96 1.20 28.05
C ILE D 656 -0.16 2.30 28.72
N GLY D 657 0.74 2.91 27.95
CA GLY D 657 1.54 4.01 28.47
C GLY D 657 2.47 4.61 27.44
N ALA D 658 2.73 5.91 27.56
CA ALA D 658 3.66 6.59 26.67
C ALA D 658 5.10 6.14 26.86
N SER D 659 5.38 5.36 27.91
CA SER D 659 6.71 4.82 28.14
C SER D 659 6.57 3.56 28.98
N TRP D 660 7.60 2.72 28.94
CA TRP D 660 7.59 1.49 29.72
C TRP D 660 7.57 1.77 31.22
N GLY D 661 7.98 2.97 31.64
CA GLY D 661 7.97 3.32 33.05
C GLY D 661 6.66 3.95 33.49
N GLU D 662 6.02 4.68 32.59
CA GLU D 662 4.73 5.31 32.86
C GLU D 662 3.56 4.45 32.38
N LEU D 663 3.72 3.13 32.42
CA LEU D 663 2.65 2.24 32.00
C LEU D 663 1.51 2.26 33.01
N LYS D 664 0.30 2.48 32.52
CA LYS D 664 -0.90 2.48 33.35
C LYS D 664 -1.85 1.39 32.88
N ASP D 665 -2.60 0.84 33.82
CA ASP D 665 -3.49 -0.28 33.51
C ASP D 665 -4.61 0.17 32.58
N PHE D 666 -5.00 -0.72 31.67
CA PHE D 666 -6.14 -0.51 30.79
C PHE D 666 -7.22 -1.57 30.97
N ASP D 667 -6.82 -2.83 31.15
CA ASP D 667 -7.76 -3.93 31.41
C ASP D 667 -8.82 -4.02 30.33
N VAL D 668 -8.38 -3.97 29.07
CA VAL D 668 -9.22 -3.97 27.87
C VAL D 668 -10.58 -3.31 28.08
MG MG G . -15.37 29.27 -18.64
PG DG3 H . -17.36 32.07 -18.05
O1G DG3 H . -16.54 30.80 -17.93
O2G DG3 H . -16.88 33.19 -17.15
O3G DG3 H . -18.84 31.84 -18.04
O3B DG3 H . -17.06 32.62 -19.53
PB DG3 H . -16.76 31.63 -20.77
O1B DG3 H . -16.71 32.48 -22.02
O2B DG3 H . -15.59 30.75 -20.45
O3A DG3 H . -18.12 30.76 -20.82
PA DG3 H . -18.09 29.16 -20.91
O1A DG3 H . -19.53 28.68 -20.84
O2A DG3 H . -17.08 28.60 -19.94
O5' DG3 H . -17.56 28.93 -22.42
C5' DG3 H . -16.41 28.15 -22.67
C4' DG3 H . -16.12 28.18 -24.16
O4' DG3 H . -17.23 27.65 -24.88
C3' DG3 H . -15.92 29.61 -24.61
C2' DG3 H . -16.68 29.72 -25.92
C1' DG3 H . -17.49 28.43 -26.05
N9 DG3 H . -18.93 28.78 -26.13
C8 DG3 H . -19.79 28.83 -25.10
N7 DG3 H . -21.04 29.17 -25.53
C5 DG3 H . -20.98 29.34 -26.86
C6 DG3 H . -21.93 29.70 -27.94
O6 DG3 H . -23.13 29.94 -27.68
N1 DG3 H . -21.46 29.77 -29.19
C2 DG3 H . -20.18 29.51 -29.49
N2 DG3 H . -19.78 29.59 -30.79
N3 DG3 H . -19.25 29.18 -28.56
C4 DG3 H . -19.59 29.08 -27.25
C14 UAF I . -20.02 41.77 -29.23
C11 UAF I . -16.65 40.76 -28.41
C10 UAF I . -15.33 41.07 -27.66
C12 UAF I . -17.65 41.84 -28.06
C13 UAF I . -18.94 42.32 -28.30
C01 UAF I . -22.28 46.66 -30.11
C03 UAF I . -20.69 45.29 -28.70
C05 UAF I . -20.40 44.39 -27.42
C08 UAF I . -17.07 42.73 -27.11
C09 UAF I . -15.63 42.30 -26.76
C18 UAF I . -23.27 45.00 -28.43
C19 UAF I . -23.95 43.95 -29.11
C20 UAF I . -25.09 43.34 -28.55
C21 UAF I . -25.60 43.75 -27.32
C22 UAF I . -24.95 44.79 -26.63
C23 UAF I . -23.80 45.40 -27.18
F15 UAF I . -20.47 42.63 -30.17
F16 UAF I . -19.58 40.71 -29.94
F17 UAF I . -21.16 41.32 -28.66
N02 UAF I . -22.06 45.62 -29.04
N06 UAF I . -19.13 43.48 -27.50
N07 UAF I . -17.98 43.72 -26.79
S04 UAF I . -19.43 45.77 -29.53
MG MG J . 3.45 -11.54 36.81
PG DG3 K . 2.40 -10.53 39.89
O1G DG3 K . 0.94 -10.72 39.55
O2G DG3 K . 2.66 -9.53 40.99
O3G DG3 K . 3.32 -10.37 38.71
O3B DG3 K . 2.84 -11.93 40.57
PB DG3 K . 3.63 -13.04 39.71
O1B DG3 K . 3.60 -14.34 40.48
O2B DG3 K . 3.16 -13.01 38.28
O3A DG3 K . 5.13 -12.45 39.84
PA DG3 K . 6.14 -12.37 38.61
O1A DG3 K . 7.35 -11.60 39.09
O2A DG3 K . 5.43 -11.93 37.35
O5' DG3 K . 6.57 -13.92 38.46
C5' DG3 K . 6.41 -14.61 37.22
C4' DG3 K . 6.95 -16.01 37.42
O4' DG3 K . 8.33 -15.94 37.81
C3' DG3 K . 6.20 -16.67 38.57
C2' DG3 K . 7.26 -17.28 39.46
C1' DG3 K . 8.61 -16.86 38.88
N9 DG3 K . 9.41 -16.19 39.93
C8 DG3 K . 9.60 -14.87 40.08
N7 DG3 K . 10.39 -14.61 41.15
C5 DG3 K . 10.72 -15.80 41.71
C6 DG3 K . 11.53 -16.24 42.86
O6 DG3 K . 12.12 -15.43 43.60
N1 DG3 K . 11.62 -17.56 43.09
C2 DG3 K . 10.99 -18.47 42.32
N2 DG3 K . 11.13 -19.79 42.62
N3 DG3 K . 10.24 -18.13 41.25
C4 DG3 K . 10.07 -16.83 40.90
#